data_1FFI
# 
_entry.id   1FFI 
# 
_audit_conform.dict_name       mmcif_pdbx.dic 
_audit_conform.dict_version    5.387 
_audit_conform.dict_location   http://mmcif.pdb.org/dictionaries/ascii/mmcif_pdbx.dic 
# 
loop_
_database_2.database_id 
_database_2.database_code 
_database_2.pdbx_database_accession 
_database_2.pdbx_DOI 
PDB   1FFI         pdb_00001ffi 10.2210/pdb1ffi/pdb 
RCSB  RCSB011540   ?            ?                   
WWPDB D_1000011540 ?            ?                   
# 
loop_
_pdbx_audit_revision_history.ordinal 
_pdbx_audit_revision_history.data_content_type 
_pdbx_audit_revision_history.major_revision 
_pdbx_audit_revision_history.minor_revision 
_pdbx_audit_revision_history.revision_date 
1 'Structure model' 1 0 2001-06-01 
2 'Structure model' 1 1 2008-04-27 
3 'Structure model' 1 2 2011-07-13 
4 'Structure model' 1 3 2012-05-09 
5 'Structure model' 1 4 2013-02-27 
6 'Structure model' 1 5 2021-11-03 
7 'Structure model' 1 6 2024-02-07 
8 'Structure model' 1 7 2024-03-13 
# 
_pdbx_audit_revision_details.ordinal             1 
_pdbx_audit_revision_details.revision_ordinal    1 
_pdbx_audit_revision_details.data_content_type   'Structure model' 
_pdbx_audit_revision_details.provider            repository 
_pdbx_audit_revision_details.type                'Initial release' 
_pdbx_audit_revision_details.description         ? 
_pdbx_audit_revision_details.details             ? 
# 
loop_
_pdbx_audit_revision_group.ordinal 
_pdbx_audit_revision_group.revision_ordinal 
_pdbx_audit_revision_group.data_content_type 
_pdbx_audit_revision_group.group 
1  2 'Structure model' 'Version format compliance' 
2  3 'Structure model' 'Atomic model'              
3  3 'Structure model' 'Database references'       
4  3 'Structure model' 'Derived calculations'      
5  3 'Structure model' 'Non-polymer description'   
6  3 'Structure model' 'Structure summary'         
7  3 'Structure model' 'Version format compliance' 
8  4 'Structure model' 'Non-polymer description'   
9  5 'Structure model' Other                       
10 6 'Structure model' 'Database references'       
11 6 'Structure model' 'Derived calculations'      
12 7 'Structure model' 'Data collection'           
13 8 'Structure model' 'Source and taxonomy'       
14 8 'Structure model' 'Structure summary'         
# 
loop_
_pdbx_audit_revision_category.ordinal 
_pdbx_audit_revision_category.revision_ordinal 
_pdbx_audit_revision_category.data_content_type 
_pdbx_audit_revision_category.category 
1 6 'Structure model' database_2          
2 6 'Structure model' struct_ref_seq_dif  
3 6 'Structure model' struct_site         
4 7 'Structure model' chem_comp_atom      
5 7 'Structure model' chem_comp_bond      
6 8 'Structure model' entity              
7 8 'Structure model' pdbx_entity_src_syn 
# 
loop_
_pdbx_audit_revision_item.ordinal 
_pdbx_audit_revision_item.revision_ordinal 
_pdbx_audit_revision_item.data_content_type 
_pdbx_audit_revision_item.item 
1 6 'Structure model' '_database_2.pdbx_DOI'                
2 6 'Structure model' '_database_2.pdbx_database_accession' 
3 6 'Structure model' '_struct_ref_seq_dif.details'         
4 6 'Structure model' '_struct_site.pdbx_auth_asym_id'      
5 6 'Structure model' '_struct_site.pdbx_auth_comp_id'      
6 6 'Structure model' '_struct_site.pdbx_auth_seq_id'       
7 8 'Structure model' '_entity.details'                     
# 
_pdbx_database_status.status_code                     REL 
_pdbx_database_status.entry_id                        1FFI 
_pdbx_database_status.recvd_initial_deposition_date   2000-07-25 
_pdbx_database_status.deposit_site                    RCSB 
_pdbx_database_status.process_site                    RCSB 
_pdbx_database_status.SG_entry                        . 
_pdbx_database_status.status_code_sf                  ? 
_pdbx_database_status.status_code_mr                  ? 
_pdbx_database_status.status_code_cs                  ? 
_pdbx_database_status.methods_development_category    ? 
_pdbx_database_status.pdb_format_compatible           Y 
_pdbx_database_status.status_code_nmr_data            ? 
# 
loop_
_pdbx_database_related.db_name 
_pdbx_database_related.db_id 
_pdbx_database_related.details 
_pdbx_database_related.content_type 
PDB 1a94 . unspecified 
PDB 1daz . unspecified 
# 
loop_
_audit_author.name 
_audit_author.pdbx_ordinal 
'Mahalingam, B.' 1 
'Louis, J.M.'    2 
'Harrison, R.W.' 3 
'Weber, I.T.'    4 
# 
_citation.id                        primary 
_citation.title                     
;Structural implications of drug-resistant mutants of HIV-1 protease: high-resolution crystal structures of the mutant protease/substrate analogue complexes.
;
_citation.journal_abbrev            Proteins 
_citation.journal_volume            43 
_citation.page_first                455 
_citation.page_last                 464 
_citation.year                      2001 
_citation.journal_id_ASTM           PSFGEY 
_citation.country                   US 
_citation.journal_id_ISSN           0887-3585 
_citation.journal_id_CSD            0867 
_citation.book_publisher            ? 
_citation.pdbx_database_id_PubMed   11340661 
_citation.pdbx_database_id_DOI      10.1002/prot.1057 
# 
loop_
_citation_author.citation_id 
_citation_author.name 
_citation_author.ordinal 
_citation_author.identifier_ORCID 
primary 'Mahalingam, B.' 1 ? 
primary 'Louis, J.M.'    2 ? 
primary 'Hung, J.'       3 ? 
primary 'Harrison, R.W.' 4 ? 
primary 'Weber, I.T.'    5 ? 
# 
loop_
_entity.id 
_entity.type 
_entity.src_method 
_entity.pdbx_description 
_entity.formula_weight 
_entity.pdbx_number_of_molecules 
_entity.pdbx_ec 
_entity.pdbx_mutation 
_entity.pdbx_fragment 
_entity.details 
1 polymer     man 'PROTEASE RETROPEPSIN' 10739.691 2   3.4.23.16 D30N ? ?                                                          
2 non-polymer syn 
'N-{(2S)-2-[(N-acetyl-L-threonyl-L-isoleucyl)amino]hexyl}-L-norleucyl-L-glutaminyl-N~5~-[amino(iminio)methyl]-L-ornithinamide' 
770.983   1   ?         ?    ? 'SEQUENCE ANALOGOUS TO THE p2-NC PROCESSING SITE IN HIV-1' 
3 water       nat water 18.015    117 ?         ?    ? ?                                                          
# 
_entity_name_sys.entity_id   1 
_entity_name_sys.name        E.C.3.4.23.16 
# 
_entity_poly.entity_id                      1 
_entity_poly.type                           'polypeptide(L)' 
_entity_poly.nstd_linkage                   no 
_entity_poly.nstd_monomer                   no 
_entity_poly.pdbx_seq_one_letter_code       
;PQITLWKRPLVTIKIGGQLKEALLDTGADNTVIEEMSLPGRWKPKMIGGIGGFIKVRQYDQIIIEIAGHKAIGTVLVGPT
PVNIIGRNLLTQIGATLNF
;
_entity_poly.pdbx_seq_one_letter_code_can   
;PQITLWKRPLVTIKIGGQLKEALLDTGADNTVIEEMSLPGRWKPKMIGGIGGFIKVRQYDQIIIEIAGHKAIGTVLVGPT
PVNIIGRNLLTQIGATLNF
;
_entity_poly.pdbx_strand_id                 C,D 
_entity_poly.pdbx_target_identifier         ? 
# 
loop_
_pdbx_entity_nonpoly.entity_id 
_pdbx_entity_nonpoly.name 
_pdbx_entity_nonpoly.comp_id 
2 'N-{(2S)-2-[(N-acetyl-L-threonyl-L-isoleucyl)amino]hexyl}-L-norleucyl-L-glutaminyl-N~5~-[amino(iminio)methyl]-L-ornithinamide' 
2NC 
3 water                                                                                                                          
HOH 
# 
loop_
_entity_poly_seq.entity_id 
_entity_poly_seq.num 
_entity_poly_seq.mon_id 
_entity_poly_seq.hetero 
1 1  PRO n 
1 2  GLN n 
1 3  ILE n 
1 4  THR n 
1 5  LEU n 
1 6  TRP n 
1 7  LYS n 
1 8  ARG n 
1 9  PRO n 
1 10 LEU n 
1 11 VAL n 
1 12 THR n 
1 13 ILE n 
1 14 LYS n 
1 15 ILE n 
1 16 GLY n 
1 17 GLY n 
1 18 GLN n 
1 19 LEU n 
1 20 LYS n 
1 21 GLU n 
1 22 ALA n 
1 23 LEU n 
1 24 LEU n 
1 25 ASP n 
1 26 THR n 
1 27 GLY n 
1 28 ALA n 
1 29 ASP n 
1 30 ASN n 
1 31 THR n 
1 32 VAL n 
1 33 ILE n 
1 34 GLU n 
1 35 GLU n 
1 36 MET n 
1 37 SER n 
1 38 LEU n 
1 39 PRO n 
1 40 GLY n 
1 41 ARG n 
1 42 TRP n 
1 43 LYS n 
1 44 PRO n 
1 45 LYS n 
1 46 MET n 
1 47 ILE n 
1 48 GLY n 
1 49 GLY n 
1 50 ILE n 
1 51 GLY n 
1 52 GLY n 
1 53 PHE n 
1 54 ILE n 
1 55 LYS n 
1 56 VAL n 
1 57 ARG n 
1 58 GLN n 
1 59 TYR n 
1 60 ASP n 
1 61 GLN n 
1 62 ILE n 
1 63 ILE n 
1 64 ILE n 
1 65 GLU n 
1 66 ILE n 
1 67 ALA n 
1 68 GLY n 
1 69 HIS n 
1 70 LYS n 
1 71 ALA n 
1 72 ILE n 
1 73 GLY n 
1 74 THR n 
1 75 VAL n 
1 76 LEU n 
1 77 VAL n 
1 78 GLY n 
1 79 PRO n 
1 80 THR n 
1 81 PRO n 
1 82 VAL n 
1 83 ASN n 
1 84 ILE n 
1 85 ILE n 
1 86 GLY n 
1 87 ARG n 
1 88 ASN n 
1 89 LEU n 
1 90 LEU n 
1 91 THR n 
1 92 GLN n 
1 93 ILE n 
1 94 GLY n 
1 95 ALA n 
1 96 THR n 
1 97 LEU n 
1 98 ASN n 
1 99 PHE n 
# 
_entity_src_gen.entity_id                          1 
_entity_src_gen.pdbx_src_id                        1 
_entity_src_gen.pdbx_alt_source_flag               sample 
_entity_src_gen.pdbx_seq_type                      ? 
_entity_src_gen.pdbx_beg_seq_num                   ? 
_entity_src_gen.pdbx_end_seq_num                   ? 
_entity_src_gen.gene_src_common_name               ? 
_entity_src_gen.gene_src_genus                     Lentivirus 
_entity_src_gen.pdbx_gene_src_gene                 ? 
_entity_src_gen.gene_src_species                   ? 
_entity_src_gen.gene_src_strain                    ? 
_entity_src_gen.gene_src_tissue                    ? 
_entity_src_gen.gene_src_tissue_fraction           ? 
_entity_src_gen.gene_src_details                   ? 
_entity_src_gen.pdbx_gene_src_fragment             ? 
_entity_src_gen.pdbx_gene_src_scientific_name      'Human immunodeficiency virus 1' 
_entity_src_gen.pdbx_gene_src_ncbi_taxonomy_id     11676 
_entity_src_gen.pdbx_gene_src_variant              ? 
_entity_src_gen.pdbx_gene_src_cell_line            ? 
_entity_src_gen.pdbx_gene_src_atcc                 ? 
_entity_src_gen.pdbx_gene_src_organ                ? 
_entity_src_gen.pdbx_gene_src_organelle            ? 
_entity_src_gen.pdbx_gene_src_cell                 ? 
_entity_src_gen.pdbx_gene_src_cellular_location    ? 
_entity_src_gen.host_org_common_name               ? 
_entity_src_gen.pdbx_host_org_scientific_name      'Escherichia coli' 
_entity_src_gen.pdbx_host_org_ncbi_taxonomy_id     562 
_entity_src_gen.host_org_genus                     Escherichia 
_entity_src_gen.pdbx_host_org_gene                 ? 
_entity_src_gen.pdbx_host_org_organ                ? 
_entity_src_gen.host_org_species                   ? 
_entity_src_gen.pdbx_host_org_tissue               ? 
_entity_src_gen.pdbx_host_org_tissue_fraction      ? 
_entity_src_gen.pdbx_host_org_strain               ? 
_entity_src_gen.pdbx_host_org_variant              ? 
_entity_src_gen.pdbx_host_org_cell_line            ? 
_entity_src_gen.pdbx_host_org_atcc                 ? 
_entity_src_gen.pdbx_host_org_culture_collection   ? 
_entity_src_gen.pdbx_host_org_cell                 ? 
_entity_src_gen.pdbx_host_org_organelle            ? 
_entity_src_gen.pdbx_host_org_cellular_location    ? 
_entity_src_gen.pdbx_host_org_vector_type          ? 
_entity_src_gen.pdbx_host_org_vector               ? 
_entity_src_gen.host_org_details                   ? 
_entity_src_gen.expression_system_id               ? 
_entity_src_gen.plasmid_name                       ? 
_entity_src_gen.plasmid_details                    ? 
_entity_src_gen.pdbx_description                   ? 
# 
loop_
_chem_comp.id 
_chem_comp.type 
_chem_comp.mon_nstd_flag 
_chem_comp.name 
_chem_comp.pdbx_synonyms 
_chem_comp.formula 
_chem_comp.formula_weight 
2NC peptide-like        . 
'N-{(2S)-2-[(N-acetyl-L-threonyl-L-isoleucyl)amino]hexyl}-L-norleucyl-L-glutaminyl-N~5~-[amino(iminio)methyl]-L-ornithinamide' 
p2/NC 'C35 H68 N11 O8 1' 770.983 
ALA 'L-peptide linking' y ALANINE ?     'C3 H7 N O2'       89.093  
ARG 'L-peptide linking' y ARGININE ?     'C6 H15 N4 O2 1'   175.209 
ASN 'L-peptide linking' y ASPARAGINE ?     'C4 H8 N2 O3'      132.118 
ASP 'L-peptide linking' y 'ASPARTIC ACID' ?     'C4 H7 N O4'       133.103 
CYS 'L-peptide linking' y CYSTEINE ?     'C3 H7 N O2 S'     121.158 
GLN 'L-peptide linking' y GLUTAMINE ?     'C5 H10 N2 O3'     146.144 
GLU 'L-peptide linking' y 'GLUTAMIC ACID' ?     'C5 H9 N O4'       147.129 
GLY 'peptide linking'   y GLYCINE ?     'C2 H5 N O2'       75.067  
HIS 'L-peptide linking' y HISTIDINE ?     'C6 H10 N3 O2 1'   156.162 
HOH non-polymer         . WATER ?     'H2 O'             18.015  
ILE 'L-peptide linking' y ISOLEUCINE ?     'C6 H13 N O2'      131.173 
LEU 'L-peptide linking' y LEUCINE ?     'C6 H13 N O2'      131.173 
LYS 'L-peptide linking' y LYSINE ?     'C6 H15 N2 O2 1'   147.195 
MET 'L-peptide linking' y METHIONINE ?     'C5 H11 N O2 S'    149.211 
PHE 'L-peptide linking' y PHENYLALANINE ?     'C9 H11 N O2'      165.189 
PRO 'L-peptide linking' y PROLINE ?     'C5 H9 N O2'       115.130 
SER 'L-peptide linking' y SERINE ?     'C3 H7 N O3'       105.093 
THR 'L-peptide linking' y THREONINE ?     'C4 H9 N O3'       119.119 
TRP 'L-peptide linking' y TRYPTOPHAN ?     'C11 H12 N2 O2'    204.225 
TYR 'L-peptide linking' y TYROSINE ?     'C9 H11 N O3'      181.189 
VAL 'L-peptide linking' y VALINE ?     'C5 H11 N O2'      117.146 
# 
loop_
_pdbx_poly_seq_scheme.asym_id 
_pdbx_poly_seq_scheme.entity_id 
_pdbx_poly_seq_scheme.seq_id 
_pdbx_poly_seq_scheme.mon_id 
_pdbx_poly_seq_scheme.ndb_seq_num 
_pdbx_poly_seq_scheme.pdb_seq_num 
_pdbx_poly_seq_scheme.auth_seq_num 
_pdbx_poly_seq_scheme.pdb_mon_id 
_pdbx_poly_seq_scheme.auth_mon_id 
_pdbx_poly_seq_scheme.pdb_strand_id 
_pdbx_poly_seq_scheme.pdb_ins_code 
_pdbx_poly_seq_scheme.hetero 
A 1 1  PRO 1  1   1   PRO PRO C . n 
A 1 2  GLN 2  2   2   GLN GLN C . n 
A 1 3  ILE 3  3   3   ILE ILE C . n 
A 1 4  THR 4  4   4   THR THR C . n 
A 1 5  LEU 5  5   5   LEU LEU C . n 
A 1 6  TRP 6  6   6   TRP TRP C . n 
A 1 7  LYS 7  7   7   LYS LYS C . n 
A 1 8  ARG 8  8   8   ARG ARG C . n 
A 1 9  PRO 9  9   9   PRO PRO C . n 
A 1 10 LEU 10 10  10  LEU LEU C . n 
A 1 11 VAL 11 11  11  VAL VAL C . n 
A 1 12 THR 12 12  12  THR THR C . n 
A 1 13 ILE 13 13  13  ILE ILE C . n 
A 1 14 LYS 14 14  14  LYS LYS C . n 
A 1 15 ILE 15 15  15  ILE ILE C . n 
A 1 16 GLY 16 16  16  GLY GLY C . n 
A 1 17 GLY 17 17  17  GLY GLY C . n 
A 1 18 GLN 18 18  18  GLN GLN C . n 
A 1 19 LEU 19 19  19  LEU LEU C . n 
A 1 20 LYS 20 20  20  LYS LYS C . n 
A 1 21 GLU 21 21  21  GLU GLU C . n 
A 1 22 ALA 22 22  22  ALA ALA C . n 
A 1 23 LEU 23 23  23  LEU LEU C . n 
A 1 24 LEU 24 24  24  LEU LEU C . n 
A 1 25 ASP 25 25  25  ASP ASP C . n 
A 1 26 THR 26 26  26  THR THR C . n 
A 1 27 GLY 27 27  27  GLY GLY C . n 
A 1 28 ALA 28 28  28  ALA ALA C . n 
A 1 29 ASP 29 29  29  ASP ASP C . n 
A 1 30 ASN 30 30  30  ASN ASN C . n 
A 1 31 THR 31 31  31  THR THR C . n 
A 1 32 VAL 32 32  32  VAL VAL C . n 
A 1 33 ILE 33 33  33  ILE ILE C . n 
A 1 34 GLU 34 34  34  GLU GLU C . n 
A 1 35 GLU 35 35  35  GLU GLU C . n 
A 1 36 MET 36 36  36  MET MET C . n 
A 1 37 SER 37 37  37  SER SER C . n 
A 1 38 LEU 38 38  38  LEU LEU C . n 
A 1 39 PRO 39 39  39  PRO PRO C . n 
A 1 40 GLY 40 40  40  GLY GLY C . n 
A 1 41 ARG 41 41  41  ARG ARG C . n 
A 1 42 TRP 42 42  42  TRP TRP C . n 
A 1 43 LYS 43 43  43  LYS LYS C . n 
A 1 44 PRO 44 44  44  PRO PRO C . n 
A 1 45 LYS 45 45  45  LYS LYS C . n 
A 1 46 MET 46 46  46  MET MET C . n 
A 1 47 ILE 47 47  47  ILE ILE C . n 
A 1 48 GLY 48 48  48  GLY GLY C . n 
A 1 49 GLY 49 49  49  GLY GLY C . n 
A 1 50 ILE 50 50  50  ILE ILE C . n 
A 1 51 GLY 51 51  51  GLY GLY C . n 
A 1 52 GLY 52 52  52  GLY GLY C . n 
A 1 53 PHE 53 53  53  PHE PHE C . n 
A 1 54 ILE 54 54  54  ILE ILE C . n 
A 1 55 LYS 55 55  55  LYS LYS C . n 
A 1 56 VAL 56 56  56  VAL VAL C . n 
A 1 57 ARG 57 57  57  ARG ARG C . n 
A 1 58 GLN 58 58  58  GLN GLN C . n 
A 1 59 TYR 59 59  59  TYR TYR C . n 
A 1 60 ASP 60 60  60  ASP ASP C . n 
A 1 61 GLN 61 61  61  GLN GLN C . n 
A 1 62 ILE 62 62  62  ILE ILE C . n 
A 1 63 ILE 63 63  63  ILE ILE C . n 
A 1 64 ILE 64 64  64  ILE ILE C . n 
A 1 65 GLU 65 65  65  GLU GLU C . n 
A 1 66 ILE 66 66  66  ILE ILE C . n 
A 1 67 ALA 67 67  67  ALA ALA C . n 
A 1 68 GLY 68 68  68  GLY GLY C . n 
A 1 69 HIS 69 69  69  HIS HIS C . n 
A 1 70 LYS 70 70  70  LYS LYS C . n 
A 1 71 ALA 71 71  71  ALA ALA C . n 
A 1 72 ILE 72 72  72  ILE ILE C . n 
A 1 73 GLY 73 73  73  GLY GLY C . n 
A 1 74 THR 74 74  74  THR THR C . n 
A 1 75 VAL 75 75  75  VAL VAL C . n 
A 1 76 LEU 76 76  76  LEU LEU C . n 
A 1 77 VAL 77 77  77  VAL VAL C . n 
A 1 78 GLY 78 78  78  GLY GLY C . n 
A 1 79 PRO 79 79  79  PRO PRO C . n 
A 1 80 THR 80 80  80  THR THR C . n 
A 1 81 PRO 81 81  81  PRO PRO C . n 
A 1 82 VAL 82 82  82  VAL VAL C . n 
A 1 83 ASN 83 83  83  ASN ASN C . n 
A 1 84 ILE 84 84  84  ILE ILE C . n 
A 1 85 ILE 85 85  85  ILE ILE C . n 
A 1 86 GLY 86 86  86  GLY GLY C . n 
A 1 87 ARG 87 87  87  ARG ARG C . n 
A 1 88 ASN 88 88  88  ASN ASN C . n 
A 1 89 LEU 89 89  89  LEU LEU C . n 
A 1 90 LEU 90 90  90  LEU LEU C . n 
A 1 91 THR 91 91  91  THR THR C . n 
A 1 92 GLN 92 92  92  GLN GLN C . n 
A 1 93 ILE 93 93  93  ILE ILE C . n 
A 1 94 GLY 94 94  94  GLY GLY C . n 
A 1 95 ALA 95 95  95  ALA ALA C . n 
A 1 96 THR 96 96  96  THR THR C . n 
A 1 97 LEU 97 97  97  LEU LEU C . n 
A 1 98 ASN 98 98  98  ASN ASN C . n 
A 1 99 PHE 99 99  99  PHE PHE C . n 
B 1 1  PRO 1  101 101 PRO PRO D . n 
B 1 2  GLN 2  102 102 GLN GLN D . n 
B 1 3  ILE 3  103 103 ILE ILE D . n 
B 1 4  THR 4  104 104 THR THR D . n 
B 1 5  LEU 5  105 105 LEU LEU D . n 
B 1 6  TRP 6  106 106 TRP TRP D . n 
B 1 7  LYS 7  107 107 LYS LYS D . n 
B 1 8  ARG 8  108 108 ARG ARG D . n 
B 1 9  PRO 9  109 109 PRO PRO D . n 
B 1 10 LEU 10 110 110 LEU LEU D . n 
B 1 11 VAL 11 111 111 VAL VAL D . n 
B 1 12 THR 12 112 112 THR THR D . n 
B 1 13 ILE 13 113 113 ILE ILE D . n 
B 1 14 LYS 14 114 114 LYS LYS D . n 
B 1 15 ILE 15 115 115 ILE ILE D . n 
B 1 16 GLY 16 116 116 GLY GLY D . n 
B 1 17 GLY 17 117 117 GLY GLY D . n 
B 1 18 GLN 18 118 118 GLN GLN D . n 
B 1 19 LEU 19 119 119 LEU LEU D . n 
B 1 20 LYS 20 120 120 LYS LYS D . n 
B 1 21 GLU 21 121 121 GLU GLU D . n 
B 1 22 ALA 22 122 122 ALA ALA D . n 
B 1 23 LEU 23 123 123 LEU LEU D . n 
B 1 24 LEU 24 124 124 LEU LEU D . n 
B 1 25 ASP 25 125 125 ASP ASP D . n 
B 1 26 THR 26 126 126 THR THR D . n 
B 1 27 GLY 27 127 127 GLY GLY D . n 
B 1 28 ALA 28 128 128 ALA ALA D . n 
B 1 29 ASP 29 129 129 ASP ASP D . n 
B 1 30 ASN 30 130 130 ASN ASN D . n 
B 1 31 THR 31 131 131 THR THR D . n 
B 1 32 VAL 32 132 132 VAL VAL D . n 
B 1 33 ILE 33 133 133 ILE ILE D . n 
B 1 34 GLU 34 134 134 GLU GLU D . n 
B 1 35 GLU 35 135 135 GLU GLU D . n 
B 1 36 MET 36 136 136 MET MET D . n 
B 1 37 SER 37 137 137 SER SER D . n 
B 1 38 LEU 38 138 138 LEU LEU D . n 
B 1 39 PRO 39 139 139 PRO PRO D . n 
B 1 40 GLY 40 140 140 GLY GLY D . n 
B 1 41 ARG 41 141 141 ARG ARG D . n 
B 1 42 TRP 42 142 142 TRP TRP D . n 
B 1 43 LYS 43 143 143 LYS LYS D . n 
B 1 44 PRO 44 144 144 PRO PRO D . n 
B 1 45 LYS 45 145 145 LYS LYS D . n 
B 1 46 MET 46 146 146 MET MET D . n 
B 1 47 ILE 47 147 147 ILE ILE D . n 
B 1 48 GLY 48 148 148 GLY GLY D . n 
B 1 49 GLY 49 149 149 GLY GLY D . n 
B 1 50 ILE 50 150 150 ILE ILE D . n 
B 1 51 GLY 51 151 151 GLY GLY D . n 
B 1 52 GLY 52 152 152 GLY GLY D . n 
B 1 53 PHE 53 153 153 PHE PHE D . n 
B 1 54 ILE 54 154 154 ILE ILE D . n 
B 1 55 LYS 55 155 155 LYS LYS D . n 
B 1 56 VAL 56 156 156 VAL VAL D . n 
B 1 57 ARG 57 157 157 ARG ARG D . n 
B 1 58 GLN 58 158 158 GLN GLN D . n 
B 1 59 TYR 59 159 159 TYR TYR D . n 
B 1 60 ASP 60 160 160 ASP ASP D . n 
B 1 61 GLN 61 161 161 GLN GLN D . n 
B 1 62 ILE 62 162 162 ILE ILE D . n 
B 1 63 ILE 63 163 163 ILE ILE D . n 
B 1 64 ILE 64 164 164 ILE ILE D . n 
B 1 65 GLU 65 165 165 GLU GLU D . n 
B 1 66 ILE 66 166 166 ILE ILE D . n 
B 1 67 ALA 67 167 167 ALA ALA D . n 
B 1 68 GLY 68 168 168 GLY GLY D . n 
B 1 69 HIS 69 169 169 HIS HIS D . n 
B 1 70 LYS 70 170 170 LYS LYS D . n 
B 1 71 ALA 71 171 171 ALA ALA D . n 
B 1 72 ILE 72 172 172 ILE ILE D . n 
B 1 73 GLY 73 173 173 GLY GLY D . n 
B 1 74 THR 74 174 174 THR THR D . n 
B 1 75 VAL 75 175 175 VAL VAL D . n 
B 1 76 LEU 76 176 176 LEU LEU D . n 
B 1 77 VAL 77 177 177 VAL VAL D . n 
B 1 78 GLY 78 178 178 GLY GLY D . n 
B 1 79 PRO 79 179 179 PRO PRO D . n 
B 1 80 THR 80 180 180 THR THR D . n 
B 1 81 PRO 81 181 181 PRO PRO D . n 
B 1 82 VAL 82 182 182 VAL VAL D . n 
B 1 83 ASN 83 183 183 ASN ASN D . n 
B 1 84 ILE 84 184 184 ILE ILE D . n 
B 1 85 ILE 85 185 185 ILE ILE D . n 
B 1 86 GLY 86 186 186 GLY GLY D . n 
B 1 87 ARG 87 187 187 ARG ARG D . n 
B 1 88 ASN 88 188 188 ASN ASN D . n 
B 1 89 LEU 89 189 189 LEU LEU D . n 
B 1 90 LEU 90 190 190 LEU LEU D . n 
B 1 91 THR 91 191 191 THR THR D . n 
B 1 92 GLN 92 192 192 GLN GLN D . n 
B 1 93 ILE 93 193 193 ILE ILE D . n 
B 1 94 GLY 94 194 194 GLY GLY D . n 
B 1 95 ALA 95 195 195 ALA ALA D . n 
B 1 96 THR 96 196 196 THR THR D . n 
B 1 97 LEU 97 197 197 LEU LEU D . n 
B 1 98 ASN 98 198 198 ASN ASN D . n 
B 1 99 PHE 99 199 199 PHE PHE D . n 
# 
loop_
_pdbx_nonpoly_scheme.asym_id 
_pdbx_nonpoly_scheme.entity_id 
_pdbx_nonpoly_scheme.mon_id 
_pdbx_nonpoly_scheme.ndb_seq_num 
_pdbx_nonpoly_scheme.pdb_seq_num 
_pdbx_nonpoly_scheme.auth_seq_num 
_pdbx_nonpoly_scheme.pdb_mon_id 
_pdbx_nonpoly_scheme.auth_mon_id 
_pdbx_nonpoly_scheme.pdb_strand_id 
_pdbx_nonpoly_scheme.pdb_ins_code 
C 2 2NC 1  300 300 2NC ACE D . 
D 3 HOH 1  100 1   HOH HOH C . 
D 3 HOH 2  101 5   HOH HOH C . 
D 3 HOH 3  102 7   HOH HOH C . 
D 3 HOH 4  103 8   HOH HOH C . 
D 3 HOH 5  104 11  HOH HOH C . 
D 3 HOH 6  105 13  HOH HOH C . 
D 3 HOH 7  106 16  HOH HOH C . 
D 3 HOH 8  107 18  HOH HOH C . 
D 3 HOH 9  108 20  HOH HOH C . 
D 3 HOH 10 109 21  HOH HOH C . 
D 3 HOH 11 110 27  HOH HOH C . 
D 3 HOH 12 111 30  HOH HOH C . 
D 3 HOH 13 112 31  HOH HOH C . 
D 3 HOH 14 113 32  HOH HOH C . 
D 3 HOH 15 114 33  HOH HOH C . 
D 3 HOH 16 115 34  HOH HOH C . 
D 3 HOH 17 116 38  HOH HOH C . 
D 3 HOH 18 117 43  HOH HOH C . 
D 3 HOH 19 118 44  HOH HOH C . 
D 3 HOH 20 119 45  HOH HOH C . 
D 3 HOH 21 120 48  HOH HOH C . 
D 3 HOH 22 121 51  HOH HOH C . 
D 3 HOH 23 122 55  HOH HOH C . 
D 3 HOH 24 123 56  HOH HOH C . 
D 3 HOH 25 124 57  HOH HOH C . 
D 3 HOH 26 125 59  HOH HOH C . 
D 3 HOH 27 126 60  HOH HOH C . 
D 3 HOH 28 127 63  HOH HOH C . 
D 3 HOH 29 128 69  HOH HOH C . 
D 3 HOH 30 129 70  HOH HOH C . 
D 3 HOH 31 130 71  HOH HOH C . 
D 3 HOH 32 131 72  HOH HOH C . 
D 3 HOH 33 132 73  HOH HOH C . 
D 3 HOH 34 133 85  HOH HOH C . 
D 3 HOH 35 134 87  HOH HOH C . 
D 3 HOH 36 135 89  HOH HOH C . 
D 3 HOH 37 136 92  HOH HOH C . 
D 3 HOH 38 137 93  HOH HOH C . 
D 3 HOH 39 138 97  HOH HOH C . 
D 3 HOH 40 139 100 HOH HOH C . 
D 3 HOH 41 140 101 HOH HOH C . 
D 3 HOH 42 141 105 HOH HOH C . 
D 3 HOH 43 142 112 HOH HOH C . 
D 3 HOH 44 143 117 HOH HOH C . 
D 3 HOH 45 144 144 HOH HOH C . 
D 3 HOH 46 145 152 HOH HOH C . 
D 3 HOH 47 146 158 HOH HOH C . 
D 3 HOH 48 147 164 HOH HOH C . 
D 3 HOH 49 148 170 HOH HOH C . 
D 3 HOH 50 149 179 HOH HOH C . 
D 3 HOH 51 150 181 HOH HOH C . 
D 3 HOH 52 151 187 HOH HOH C . 
D 3 HOH 53 152 225 HOH HOH C . 
D 3 HOH 54 153 232 HOH HOH C . 
D 3 HOH 55 154 235 HOH HOH C . 
D 3 HOH 56 155 273 HOH HOH C . 
E 3 HOH 1  10  10  HOH HOH D . 
E 3 HOH 2  17  17  HOH HOH D . 
E 3 HOH 3  77  77  HOH HOH D . 
E 3 HOH 4  80  80  HOH HOH D . 
E 3 HOH 5  200 2   HOH HOH D . 
E 3 HOH 6  201 3   HOH HOH D . 
E 3 HOH 7  202 4   HOH HOH D . 
E 3 HOH 8  203 6   HOH HOH D . 
E 3 HOH 9  204 9   HOH HOH D . 
E 3 HOH 10 205 12  HOH HOH D . 
E 3 HOH 11 206 14  HOH HOH D . 
E 3 HOH 12 207 15  HOH HOH D . 
E 3 HOH 13 208 19  HOH HOH D . 
E 3 HOH 14 209 22  HOH HOH D . 
E 3 HOH 15 210 24  HOH HOH D . 
E 3 HOH 16 211 25  HOH HOH D . 
E 3 HOH 17 212 28  HOH HOH D . 
E 3 HOH 18 213 37  HOH HOH D . 
E 3 HOH 19 214 41  HOH HOH D . 
E 3 HOH 20 215 42  HOH HOH D . 
E 3 HOH 21 216 49  HOH HOH D . 
E 3 HOH 22 217 52  HOH HOH D . 
E 3 HOH 23 218 53  HOH HOH D . 
E 3 HOH 24 219 54  HOH HOH D . 
E 3 HOH 25 220 58  HOH HOH D . 
E 3 HOH 26 221 62  HOH HOH D . 
E 3 HOH 27 222 64  HOH HOH D . 
E 3 HOH 28 223 65  HOH HOH D . 
E 3 HOH 29 224 66  HOH HOH D . 
E 3 HOH 30 225 68  HOH HOH D . 
E 3 HOH 31 226 74  HOH HOH D . 
E 3 HOH 32 227 76  HOH HOH D . 
E 3 HOH 33 228 78  HOH HOH D . 
E 3 HOH 34 229 79  HOH HOH D . 
E 3 HOH 35 230 81  HOH HOH D . 
E 3 HOH 36 231 86  HOH HOH D . 
E 3 HOH 37 232 88  HOH HOH D . 
E 3 HOH 38 233 90  HOH HOH D . 
E 3 HOH 39 234 91  HOH HOH D . 
E 3 HOH 40 235 96  HOH HOH D . 
E 3 HOH 41 236 99  HOH HOH D . 
E 3 HOH 42 237 103 HOH HOH D . 
E 3 HOH 43 238 108 HOH HOH D . 
E 3 HOH 44 239 109 HOH HOH D . 
E 3 HOH 45 240 110 HOH HOH D . 
E 3 HOH 46 241 114 HOH HOH D . 
E 3 HOH 47 242 121 HOH HOH D . 
E 3 HOH 48 243 134 HOH HOH D . 
E 3 HOH 49 244 145 HOH HOH D . 
E 3 HOH 50 245 154 HOH HOH D . 
E 3 HOH 51 246 168 HOH HOH D . 
E 3 HOH 52 247 174 HOH HOH D . 
E 3 HOH 53 248 176 HOH HOH D . 
E 3 HOH 54 249 177 HOH HOH D . 
E 3 HOH 55 250 182 HOH HOH D . 
E 3 HOH 56 251 198 HOH HOH D . 
E 3 HOH 57 252 199 HOH HOH D . 
E 3 HOH 58 253 213 HOH HOH D . 
E 3 HOH 59 254 294 HOH HOH D . 
E 3 HOH 60 255 116 HOH HOH D . 
E 3 HOH 61 256 139 HOH HOH D . 
# 
loop_
_software.name 
_software.classification 
_software.version 
_software.citation_id 
_software.pdbx_ordinal 
AMoRE     phasing           .     ? 1 
X-PLOR    refinement        3.843 ? 2 
ADSC      'data collection' .     ? 3 
DENZO     'data reduction'  .     ? 4 
SCALEPACK 'data scaling'    .     ? 5 
# 
_cell.entry_id           1FFI 
_cell.length_a           57.763 
_cell.length_b           85.569 
_cell.length_c           46.310 
_cell.angle_alpha        90.00 
_cell.angle_beta         90.00 
_cell.angle_gamma        90.00 
_cell.Z_PDB              8 
_cell.pdbx_unique_axis   ? 
_cell.length_a_esd       ? 
_cell.length_b_esd       ? 
_cell.length_c_esd       ? 
_cell.angle_alpha_esd    ? 
_cell.angle_beta_esd     ? 
_cell.angle_gamma_esd    ? 
# 
_symmetry.entry_id                         1FFI 
_symmetry.space_group_name_H-M             'P 21 21 2' 
_symmetry.pdbx_full_space_group_name_H-M   ? 
_symmetry.cell_setting                     orthorhombic 
_symmetry.Int_Tables_number                18 
_symmetry.space_group_name_Hall            ? 
# 
_exptl.entry_id          1FFI 
_exptl.method            'X-RAY DIFFRACTION' 
_exptl.crystals_number   1 
# 
_exptl_crystal.id                    1 
_exptl_crystal.density_meas          ? 
_exptl_crystal.density_percent_sol   52.15 
_exptl_crystal.density_Matthews      2.57 
_exptl_crystal.description           ? 
_exptl_crystal.F_000                 ? 
_exptl_crystal.preparation           ? 
# 
_exptl_crystal_grow.crystal_id      1 
_exptl_crystal_grow.method          'VAPOR DIFFUSION, HANGING DROP' 
_exptl_crystal_grow.pH              ? 
_exptl_crystal_grow.temp            298 
_exptl_crystal_grow.temp_details    ? 
_exptl_crystal_grow.pdbx_details    
;CITRATE/PHOSPHATE BUFFER 0.05M, DTT 10MM, DMSO 
10%, SATURATED AMMONIUM SULPHAT25-50%, PROTEIN 2-5 MG/ML, pH 5-6.5.
VAPOR DIFFUSION, HANGING DROP at 298K
;
_exptl_crystal_grow.pdbx_pH_range   . 
# 
_diffrn.ambient_temp           90 
_diffrn.ambient_temp_details   ? 
_diffrn.crystal_id             1 
_diffrn.id                     1 
# 
_diffrn_detector.diffrn_id              1 
_diffrn_detector.detector               CCD 
_diffrn_detector.type                   'ADSC QUANTUM 4' 
_diffrn_detector.pdbx_collection_date   1999-10-10 
_diffrn_detector.details                ? 
# 
_diffrn_radiation.diffrn_id                        1 
_diffrn_radiation.wavelength_id                    1 
_diffrn_radiation.monochromator                    ? 
_diffrn_radiation.pdbx_monochromatic_or_laue_m_l   M 
_diffrn_radiation.pdbx_diffrn_protocol             'SINGLE WAVELENGTH' 
_diffrn_radiation.pdbx_scattering_type             x-ray 
# 
_diffrn_radiation_wavelength.id           1 
_diffrn_radiation_wavelength.wavelength   1.037 
_diffrn_radiation_wavelength.wt           1.0 
# 
_diffrn_source.diffrn_id                   1 
_diffrn_source.source                      SYNCHROTRON 
_diffrn_source.type                        'NSLS BEAMLINE X12B' 
_diffrn_source.pdbx_wavelength             1.037 
_diffrn_source.pdbx_synchrotron_site       NSLS 
_diffrn_source.pdbx_synchrotron_beamline   X12B 
_diffrn_source.pdbx_wavelength_list        ? 
# 
_reflns.entry_id                     1FFI 
_reflns.observed_criterion_sigma_I   ? 
_reflns.observed_criterion_sigma_F   ? 
_reflns.d_resolution_low             25.0 
_reflns.d_resolution_high            1.7 
_reflns.number_obs                   ? 
_reflns.number_all                   ? 
_reflns.percent_possible_obs         ? 
_reflns.pdbx_Rmerge_I_obs            0.0590000 
_reflns.pdbx_Rsym_value              ? 
_reflns.pdbx_netI_over_sigmaI        ? 
_reflns.B_iso_Wilson_estimate        ? 
_reflns.pdbx_redundancy              ? 
_reflns.R_free_details               ? 
_reflns.limit_h_max                  ? 
_reflns.limit_h_min                  ? 
_reflns.limit_k_max                  ? 
_reflns.limit_k_min                  ? 
_reflns.limit_l_max                  ? 
_reflns.limit_l_min                  ? 
_reflns.observed_criterion_F_max     ? 
_reflns.observed_criterion_F_min     ? 
_reflns.pdbx_ordinal                 1 
_reflns.pdbx_diffrn_id               1 
_reflns.pdbx_chi_squared             ? 
_reflns.pdbx_scaling_rejects         ? 
# 
_reflns_shell.d_res_high             1.70 
_reflns_shell.d_res_low              1.78 
_reflns_shell.percent_possible_obs   ? 
_reflns_shell.percent_possible_all   100.0 
_reflns_shell.Rmerge_I_obs           0.2890000 
_reflns_shell.meanI_over_sigI_obs    ? 
_reflns_shell.pdbx_Rsym_value        ? 
_reflns_shell.pdbx_redundancy        ? 
_reflns_shell.number_unique_all      ? 
_reflns_shell.pdbx_ordinal           1 
_reflns_shell.pdbx_diffrn_id         1 
_reflns_shell.number_measured_all    ? 
_reflns_shell.number_measured_obs    ? 
_reflns_shell.number_unique_obs      ? 
_reflns_shell.pdbx_chi_squared       ? 
# 
_refine.entry_id                                 1FFI 
_refine.ls_number_reflns_obs                     ? 
_refine.ls_number_reflns_all                     25528 
_refine.pdbx_ls_sigma_I                          ? 
_refine.pdbx_ls_sigma_F                          1.0 
_refine.pdbx_data_cutoff_high_absF               ? 
_refine.pdbx_data_cutoff_low_absF                ? 
_refine.ls_d_res_low                             8.0 
_refine.ls_d_res_high                            1.7 
_refine.ls_percent_reflns_obs                    ? 
_refine.ls_R_factor_obs                          ? 
_refine.ls_R_factor_all                          ? 
_refine.ls_R_factor_R_work                       0.2110000 
_refine.ls_R_factor_R_free                       0.2520000 
_refine.ls_R_factor_R_free_error                 ? 
_refine.ls_R_factor_R_free_error_details         ? 
_refine.ls_percent_reflns_R_free                 5.8 
_refine.ls_number_reflns_R_free                  1485 
_refine.ls_number_parameters                     ? 
_refine.ls_number_restraints                     ? 
_refine.occupancy_min                            ? 
_refine.occupancy_max                            ? 
_refine.B_iso_mean                               ? 
_refine.aniso_B[1][1]                            ? 
_refine.aniso_B[2][2]                            ? 
_refine.aniso_B[3][3]                            ? 
_refine.aniso_B[1][2]                            ? 
_refine.aniso_B[1][3]                            ? 
_refine.aniso_B[2][3]                            ? 
_refine.solvent_model_details                    ? 
_refine.solvent_model_param_ksol                 ? 
_refine.solvent_model_param_bsol                 ? 
_refine.pdbx_ls_cross_valid_method               THROUGHOUT 
_refine.details                                  ? 
_refine.pdbx_starting_model                      ? 
_refine.pdbx_method_to_determine_struct          ? 
_refine.pdbx_isotropic_thermal_model             ? 
_refine.pdbx_stereochemistry_target_values       'ENGH & HUBER' 
_refine.pdbx_stereochem_target_val_spec_case     ? 
_refine.pdbx_R_Free_selection_details            Random 
_refine.pdbx_overall_ESU_R_Free                  ? 
_refine.overall_SU_B                             ? 
_refine.ls_redundancy_reflns_obs                 ? 
_refine.B_iso_min                                ? 
_refine.B_iso_max                                ? 
_refine.overall_SU_ML                            ? 
_refine.pdbx_overall_ESU_R                       ? 
_refine.pdbx_data_cutoff_high_rms_absF           ? 
_refine.correlation_coeff_Fo_to_Fc               ? 
_refine.correlation_coeff_Fo_to_Fc_free          ? 
_refine.overall_SU_R_Cruickshank_DPI             ? 
_refine.overall_SU_R_free                        ? 
_refine.pdbx_refine_id                           'X-RAY DIFFRACTION' 
_refine.pdbx_diffrn_id                           1 
_refine.pdbx_overall_phase_error                 ? 
_refine.pdbx_solvent_vdw_probe_radii             ? 
_refine.pdbx_solvent_ion_probe_radii             ? 
_refine.pdbx_solvent_shrinkage_radii             ? 
_refine.ls_wR_factor_R_free                      ? 
_refine.ls_wR_factor_R_work                      ? 
_refine.overall_FOM_free_R_set                   ? 
_refine.overall_FOM_work_R_set                   ? 
_refine.pdbx_TLS_residual_ADP_flag               ? 
_refine.pdbx_overall_SU_R_free_Cruickshank_DPI   ? 
_refine.pdbx_overall_SU_R_Blow_DPI               ? 
_refine.pdbx_overall_SU_R_free_Blow_DPI          ? 
# 
_refine_hist.pdbx_refine_id                   'X-RAY DIFFRACTION' 
_refine_hist.cycle_id                         LAST 
_refine_hist.pdbx_number_atoms_protein        1512 
_refine_hist.pdbx_number_atoms_nucleic_acid   0 
_refine_hist.pdbx_number_atoms_ligand         54 
_refine_hist.number_atoms_solvent             117 
_refine_hist.number_atoms_total               1683 
_refine_hist.d_res_high                       1.7 
_refine_hist.d_res_low                        8.0 
# 
_struct.entry_id                  1FFI 
_struct.title                     
;STRUCTURAL IMPLICATIONS OF DRUG RESISTANT MUTANTS OF HIV-1 PROTEASE: HIGH RESOLUTION CRYSTAL STRUCTURES OF THE MUTANT PROTEASE/SUBSTRATE ANALOG COMPLEXES
;
_struct.pdbx_model_details        ? 
_struct.pdbx_CASP_flag            ? 
_struct.pdbx_model_type_details   ? 
# 
_struct_keywords.entry_id        1FFI 
_struct_keywords.pdbx_keywords   'HYDROLASE/HYDROLASE INHIBITOR' 
_struct_keywords.text            'HIV-1 PROTEASE, HYDROLASE-HYDROLASE INHIBITOR COMPLEX' 
# 
loop_
_struct_asym.id 
_struct_asym.pdbx_blank_PDB_chainid_flag 
_struct_asym.pdbx_modified 
_struct_asym.entity_id 
_struct_asym.details 
A N N 1 ? 
B N N 1 ? 
C N N 2 ? 
D N N 3 ? 
E N N 3 ? 
# 
_struct_ref.id                         1 
_struct_ref.db_code                    POL_HV1B5 
_struct_ref.db_name                    UNP 
_struct_ref.entity_id                  1 
_struct_ref.pdbx_db_accession          P04587 
_struct_ref.pdbx_align_begin           69 
_struct_ref.pdbx_seq_one_letter_code   
;PQITLWQRPLVTIKIGGQLKEALLDTGADDTVLEEMSLPGRWKPKMIGGIGGFIKVRQYDQILIEICGHKAIGTVLVGPT
PVNIIGRNLLTQIGCTLNF
;
_struct_ref.pdbx_db_isoform            ? 
# 
loop_
_struct_ref_seq.align_id 
_struct_ref_seq.ref_id 
_struct_ref_seq.pdbx_PDB_id_code 
_struct_ref_seq.pdbx_strand_id 
_struct_ref_seq.seq_align_beg 
_struct_ref_seq.pdbx_seq_align_beg_ins_code 
_struct_ref_seq.seq_align_end 
_struct_ref_seq.pdbx_seq_align_end_ins_code 
_struct_ref_seq.pdbx_db_accession 
_struct_ref_seq.db_align_beg 
_struct_ref_seq.pdbx_db_align_beg_ins_code 
_struct_ref_seq.db_align_end 
_struct_ref_seq.pdbx_db_align_end_ins_code 
_struct_ref_seq.pdbx_auth_seq_align_beg 
_struct_ref_seq.pdbx_auth_seq_align_end 
1 1 1FFI C 1 ? 99 ? P04587 69 ? 167 ? 1   99  
2 1 1FFI D 1 ? 99 ? P04587 69 ? 167 ? 101 199 
# 
loop_
_struct_ref_seq_dif.align_id 
_struct_ref_seq_dif.pdbx_pdb_id_code 
_struct_ref_seq_dif.mon_id 
_struct_ref_seq_dif.pdbx_pdb_strand_id 
_struct_ref_seq_dif.seq_num 
_struct_ref_seq_dif.pdbx_pdb_ins_code 
_struct_ref_seq_dif.pdbx_seq_db_name 
_struct_ref_seq_dif.pdbx_seq_db_accession_code 
_struct_ref_seq_dif.db_mon_id 
_struct_ref_seq_dif.pdbx_seq_db_seq_num 
_struct_ref_seq_dif.details 
_struct_ref_seq_dif.pdbx_auth_seq_num 
_struct_ref_seq_dif.pdbx_ordinal 
1 1FFI LYS C 7  ? UNP P04587 GLN 75  'engineered mutation' 7   1  
1 1FFI ASN C 30 ? UNP P04587 ASP 98  'engineered mutation' 30  2  
1 1FFI ILE C 33 ? UNP P04587 LEU 101 'engineered mutation' 33  3  
1 1FFI ILE C 63 ? UNP P04587 LEU 131 'engineered mutation' 63  4  
1 1FFI ALA C 67 ? UNP P04587 CYS 135 'engineered mutation' 67  5  
1 1FFI ALA C 95 ? UNP P04587 CYS 163 'engineered mutation' 95  6  
2 1FFI LYS D 7  ? UNP P04587 GLN 75  'engineered mutation' 107 7  
2 1FFI ASN D 30 ? UNP P04587 ASP 98  'engineered mutation' 130 8  
2 1FFI ILE D 33 ? UNP P04587 LEU 101 'engineered mutation' 133 9  
2 1FFI ILE D 63 ? UNP P04587 LEU 131 'engineered mutation' 163 10 
2 1FFI ALA D 67 ? UNP P04587 CYS 135 'engineered mutation' 167 11 
2 1FFI ALA D 95 ? UNP P04587 CYS 163 'engineered mutation' 195 12 
# 
_pdbx_struct_assembly.id                   1 
_pdbx_struct_assembly.details              author_and_software_defined_assembly 
_pdbx_struct_assembly.method_details       PISA 
_pdbx_struct_assembly.oligomeric_details   dimeric 
_pdbx_struct_assembly.oligomeric_count     2 
# 
loop_
_pdbx_struct_assembly_prop.biol_id 
_pdbx_struct_assembly_prop.type 
_pdbx_struct_assembly_prop.value 
_pdbx_struct_assembly_prop.details 
1 'ABSA (A^2)' 5490 ? 
1 MORE         -30  ? 
1 'SSA (A^2)'  8930 ? 
# 
_pdbx_struct_assembly_gen.assembly_id       1 
_pdbx_struct_assembly_gen.oper_expression   1 
_pdbx_struct_assembly_gen.asym_id_list      A,B,C,D,E 
# 
_pdbx_struct_oper_list.id                   1 
_pdbx_struct_oper_list.type                 'identity operation' 
_pdbx_struct_oper_list.name                 1_555 
_pdbx_struct_oper_list.symmetry_operation   x,y,z 
_pdbx_struct_oper_list.matrix[1][1]         1.0000000000 
_pdbx_struct_oper_list.matrix[1][2]         0.0000000000 
_pdbx_struct_oper_list.matrix[1][3]         0.0000000000 
_pdbx_struct_oper_list.vector[1]            0.0000000000 
_pdbx_struct_oper_list.matrix[2][1]         0.0000000000 
_pdbx_struct_oper_list.matrix[2][2]         1.0000000000 
_pdbx_struct_oper_list.matrix[2][3]         0.0000000000 
_pdbx_struct_oper_list.vector[2]            0.0000000000 
_pdbx_struct_oper_list.matrix[3][1]         0.0000000000 
_pdbx_struct_oper_list.matrix[3][2]         0.0000000000 
_pdbx_struct_oper_list.matrix[3][3]         1.0000000000 
_pdbx_struct_oper_list.vector[3]            0.0000000000 
# 
_struct_biol.id                    1 
_struct_biol.details               'The biological assembly is a dimer consisting of chains C and D' 
_struct_biol.pdbx_parent_biol_id   ? 
# 
loop_
_struct_conf.conf_type_id 
_struct_conf.id 
_struct_conf.pdbx_PDB_helix_id 
_struct_conf.beg_label_comp_id 
_struct_conf.beg_label_asym_id 
_struct_conf.beg_label_seq_id 
_struct_conf.pdbx_beg_PDB_ins_code 
_struct_conf.end_label_comp_id 
_struct_conf.end_label_asym_id 
_struct_conf.end_label_seq_id 
_struct_conf.pdbx_end_PDB_ins_code 
_struct_conf.beg_auth_comp_id 
_struct_conf.beg_auth_asym_id 
_struct_conf.beg_auth_seq_id 
_struct_conf.end_auth_comp_id 
_struct_conf.end_auth_asym_id 
_struct_conf.end_auth_seq_id 
_struct_conf.pdbx_PDB_helix_class 
_struct_conf.details 
_struct_conf.pdbx_PDB_helix_length 
HELX_P HELX_P1 1 GLY A 86 ? THR A 91 ? GLY C 86  THR C 91  1 ? 6 
HELX_P HELX_P2 2 GLY B 86 ? THR B 91 ? GLY D 186 THR D 191 1 ? 6 
# 
_struct_conf_type.id          HELX_P 
_struct_conf_type.criteria    ? 
_struct_conf_type.reference   ? 
# 
_struct_sheet.id               A 
_struct_sheet.type             ? 
_struct_sheet.number_strands   4 
_struct_sheet.details          ? 
# 
loop_
_struct_sheet_order.sheet_id 
_struct_sheet_order.range_id_1 
_struct_sheet_order.range_id_2 
_struct_sheet_order.offset 
_struct_sheet_order.sense 
A 1 2 ? anti-parallel 
A 2 3 ? anti-parallel 
A 3 4 ? anti-parallel 
# 
loop_
_struct_sheet_range.sheet_id 
_struct_sheet_range.id 
_struct_sheet_range.beg_label_comp_id 
_struct_sheet_range.beg_label_asym_id 
_struct_sheet_range.beg_label_seq_id 
_struct_sheet_range.pdbx_beg_PDB_ins_code 
_struct_sheet_range.end_label_comp_id 
_struct_sheet_range.end_label_asym_id 
_struct_sheet_range.end_label_seq_id 
_struct_sheet_range.pdbx_end_PDB_ins_code 
_struct_sheet_range.beg_auth_comp_id 
_struct_sheet_range.beg_auth_asym_id 
_struct_sheet_range.beg_auth_seq_id 
_struct_sheet_range.end_auth_comp_id 
_struct_sheet_range.end_auth_asym_id 
_struct_sheet_range.end_auth_seq_id 
A 1 GLN A 2  ? THR A 4  ? GLN C 2   THR C 4   
A 2 THR B 96 ? ASN B 98 ? THR D 196 ASN D 198 
A 3 THR A 96 ? ASN A 98 ? THR C 96  ASN C 98  
A 4 GLN B 2  ? ILE B 3  ? GLN D 102 ILE D 103 
# 
loop_
_pdbx_struct_sheet_hbond.sheet_id 
_pdbx_struct_sheet_hbond.range_id_1 
_pdbx_struct_sheet_hbond.range_id_2 
_pdbx_struct_sheet_hbond.range_1_label_atom_id 
_pdbx_struct_sheet_hbond.range_1_label_comp_id 
_pdbx_struct_sheet_hbond.range_1_label_asym_id 
_pdbx_struct_sheet_hbond.range_1_label_seq_id 
_pdbx_struct_sheet_hbond.range_1_PDB_ins_code 
_pdbx_struct_sheet_hbond.range_1_auth_atom_id 
_pdbx_struct_sheet_hbond.range_1_auth_comp_id 
_pdbx_struct_sheet_hbond.range_1_auth_asym_id 
_pdbx_struct_sheet_hbond.range_1_auth_seq_id 
_pdbx_struct_sheet_hbond.range_2_label_atom_id 
_pdbx_struct_sheet_hbond.range_2_label_comp_id 
_pdbx_struct_sheet_hbond.range_2_label_asym_id 
_pdbx_struct_sheet_hbond.range_2_label_seq_id 
_pdbx_struct_sheet_hbond.range_2_PDB_ins_code 
_pdbx_struct_sheet_hbond.range_2_auth_atom_id 
_pdbx_struct_sheet_hbond.range_2_auth_comp_id 
_pdbx_struct_sheet_hbond.range_2_auth_asym_id 
_pdbx_struct_sheet_hbond.range_2_auth_seq_id 
A 1 2 N ILE A 3  ? N ILE C 3   O LEU B 97 ? O LEU D 197 
A 2 3 N ASN B 98 ? N ASN D 198 O THR A 96 ? O THR C 96  
A 3 4 O LEU A 97 ? O LEU C 97  N ILE B 3  ? N ILE D 103 
# 
_struct_site.id                   AC1 
_struct_site.pdbx_evidence_code   Software 
_struct_site.pdbx_auth_asym_id    D 
_struct_site.pdbx_auth_comp_id    2NC 
_struct_site.pdbx_auth_seq_id     300 
_struct_site.pdbx_auth_ins_code   ? 
_struct_site.pdbx_num_residues    28 
_struct_site.details              'BINDING SITE FOR RESIDUE 2NC D 300' 
# 
loop_
_struct_site_gen.id 
_struct_site_gen.site_id 
_struct_site_gen.pdbx_num_res 
_struct_site_gen.label_comp_id 
_struct_site_gen.label_asym_id 
_struct_site_gen.label_seq_id 
_struct_site_gen.pdbx_auth_ins_code 
_struct_site_gen.auth_comp_id 
_struct_site_gen.auth_asym_id 
_struct_site_gen.auth_seq_id 
_struct_site_gen.label_atom_id 
_struct_site_gen.label_alt_id 
_struct_site_gen.symmetry 
_struct_site_gen.details 
1  AC1 28 ASP A 25 ? ASP C 25  . ? 1_555 ? 
2  AC1 28 GLY A 27 ? GLY C 27  . ? 1_555 ? 
3  AC1 28 ALA A 28 ? ALA C 28  . ? 1_555 ? 
4  AC1 28 ASP A 29 ? ASP C 29  . ? 1_555 ? 
5  AC1 28 ASN A 30 ? ASN C 30  . ? 1_555 ? 
6  AC1 28 GLY A 48 ? GLY C 48  . ? 1_555 ? 
7  AC1 28 GLY A 49 ? GLY C 49  . ? 1_555 ? 
8  AC1 28 PRO A 81 ? PRO C 81  . ? 1_555 ? 
9  AC1 28 ILE A 84 ? ILE C 84  . ? 1_555 ? 
10 AC1 28 HOH E .  ? HOH D 10  . ? 1_555 ? 
11 AC1 28 HOH E .  ? HOH D 17  . ? 1_555 ? 
12 AC1 28 HOH E .  ? HOH D 77  . ? 1_555 ? 
13 AC1 28 HOH E .  ? HOH D 80  . ? 1_555 ? 
14 AC1 28 ARG B 8  ? ARG D 108 . ? 1_555 ? 
15 AC1 28 ASP B 25 ? ASP D 125 . ? 1_555 ? 
16 AC1 28 GLY B 27 ? GLY D 127 . ? 1_555 ? 
17 AC1 28 ALA B 28 ? ALA D 128 . ? 1_555 ? 
18 AC1 28 ASP B 29 ? ASP D 129 . ? 1_555 ? 
19 AC1 28 ASN B 30 ? ASN D 130 . ? 1_555 ? 
20 AC1 28 ILE B 47 ? ILE D 147 . ? 1_555 ? 
21 AC1 28 GLY B 48 ? GLY D 148 . ? 1_555 ? 
22 AC1 28 GLY B 49 ? GLY D 149 . ? 1_555 ? 
23 AC1 28 PHE B 53 ? PHE D 153 . ? 1_555 ? 
24 AC1 28 PRO B 81 ? PRO D 181 . ? 1_555 ? 
25 AC1 28 VAL B 82 ? VAL D 182 . ? 1_555 ? 
26 AC1 28 HOH E .  ? HOH D 203 . ? 1_555 ? 
27 AC1 28 HOH E .  ? HOH D 255 . ? 1_555 ? 
28 AC1 28 HOH E .  ? HOH D 256 . ? 1_555 ? 
# 
_pdbx_molecule_features.prd_id    PRD_000398 
_pdbx_molecule_features.name      
'N-{(2S)-2-[(N-acetyl-L-threonyl-L-isoleucyl)amino]hexyl}-L-norleucyl-L-glutaminyl-N~5~-[amino(iminio)methyl]-L-ornithinamide' 
_pdbx_molecule_features.type      Peptide-like 
_pdbx_molecule_features.class     Inhibitor 
_pdbx_molecule_features.details   ? 
# 
_pdbx_molecule.instance_id   1 
_pdbx_molecule.prd_id        PRD_000398 
_pdbx_molecule.asym_id       C 
# 
_pdbx_entry_details.entry_id                 1FFI 
_pdbx_entry_details.compound_details         ? 
_pdbx_entry_details.source_details           ? 
_pdbx_entry_details.nonpolymer_details       
;THE INHIBITOR 2NC HAS A REDUCED PEPTIDE BOND ISOSTERE  
[CH2-NH] IN PLACE OF THE SCISSILE AMIDE. THE COORDINATES OF 2NC 
WERE DEPOSITED WITH AN EXTRA ATOM O6 AT ZERO OCCUPANCY. THIS ZERO OCCUPANCY O6 HAS BEEN REMOVED FROM THE RELEASED FILE.
;
_pdbx_entry_details.sequence_details         
;MUTATIONS Q7K, L33I, L63I, C67A, C95A, HAVE BEEN MADE TO 
STABILIZE THE PROTEASE FROM AUTOPROTEOLYSIS, WHILE 
RETAINING ACTIVITY SIMILAR TO WILD-TYPE HIV-1 PROTEASE
;
_pdbx_entry_details.has_ligand_of_interest   ? 
# 
loop_
_chem_comp_atom.comp_id 
_chem_comp_atom.atom_id 
_chem_comp_atom.type_symbol 
_chem_comp_atom.pdbx_aromatic_flag 
_chem_comp_atom.pdbx_stereo_config 
_chem_comp_atom.pdbx_ordinal 
2NC C    C N N 1   
2NC O    O N N 2   
2NC CH3  C N N 3   
2NC N    N N N 4   
2NC CA   C N S 5   
2NC C1   C N N 6   
2NC O1   O N N 7   
2NC CB   C N R 8   
2NC OG1  O N N 9   
2NC CG2  C N N 10  
2NC N1   N N N 11  
2NC CA1  C N S 12  
2NC C2   C N N 13  
2NC O2   O N N 14  
2NC CB1  C N S 15  
2NC CG1  C N N 16  
2NC CG21 C N N 17  
2NC CD1  C N N 18  
2NC N2   N N N 19  
2NC CA2  C N S 20  
2NC C3   C N N 21  
2NC CB2  C N N 22  
2NC CG   C N N 23  
2NC CD   C N N 24  
2NC CE   C N N 25  
2NC N3   N N N 26  
2NC CA3  C N S 27  
2NC C4   C N N 28  
2NC O3   O N N 29  
2NC CB3  C N N 30  
2NC CG3  C N N 31  
2NC CD2  C N N 32  
2NC CE1  C N N 33  
2NC N4   N N N 34  
2NC CA4  C N S 35  
2NC C5   C N N 36  
2NC O4   O N N 37  
2NC CB4  C N N 38  
2NC CG4  C N N 39  
2NC CD3  C N N 40  
2NC OE1  O N N 41  
2NC NE2  N N N 42  
2NC N5   N N N 43  
2NC CA5  C N S 44  
2NC C6   C N N 45  
2NC O5   O N N 46  
2NC CB5  C N N 47  
2NC CG5  C N N 48  
2NC CD4  C N N 49  
2NC NE   N N N 50  
2NC CZ   C N N 51  
2NC NH1  N N N 52  
2NC NH2  N N N 53  
2NC N6   N N N 54  
2NC H1   H N N 55  
2NC H2   H N N 56  
2NC H3   H N N 57  
2NC H    H N N 58  
2NC HA   H N N 59  
2NC HB   H N N 60  
2NC HG1  H N N 61  
2NC HG21 H N N 62  
2NC HG22 H N N 63  
2NC HG23 H N N 64  
2NC H4   H N N 65  
2NC HA1  H N N 66  
2NC HB1  H N N 67  
2NC HG12 H N N 68  
2NC HG13 H N N 69  
2NC HG24 H N N 70  
2NC HG25 H N N 71  
2NC HG26 H N N 72  
2NC HD11 H N N 73  
2NC HD12 H N N 74  
2NC HD13 H N N 75  
2NC H5   H N N 76  
2NC HA2  H N N 77  
2NC HC31 H N N 78  
2NC HC32 H N N 79  
2NC HB2  H N N 80  
2NC HB3  H N N 81  
2NC HG2  H N N 82  
2NC HG3  H N N 83  
2NC HD2  H N N 84  
2NC HD3  H N N 85  
2NC HE1  H N N 86  
2NC HE2  H N N 87  
2NC HE3  H N N 88  
2NC H6   H N N 89  
2NC HA3  H N N 90  
2NC HB21 H N N 91  
2NC HB31 H N N 92  
2NC HG27 H N N 93  
2NC HG31 H N N 94  
2NC HD21 H N N 95  
2NC HD31 H N N 96  
2NC HE11 H N N 97  
2NC HE21 H N N 98  
2NC HE31 H N N 99  
2NC H7   H N N 100 
2NC HA4  H N N 101 
2NC HB22 H N N 102 
2NC HB32 H N N 103 
2NC HG28 H N N 104 
2NC HG32 H N N 105 
2NC HE22 H N N 106 
2NC HE23 H N N 107 
2NC H8   H N N 108 
2NC HA5  H N N 109 
2NC HB23 H N N 110 
2NC HB33 H N N 111 
2NC HG29 H N N 112 
2NC HG33 H N N 113 
2NC HD22 H N N 114 
2NC HD32 H N N 115 
2NC HE   H N N 116 
2NC HH11 H N N 117 
2NC HH12 H N N 118 
2NC HH21 H N N 119 
2NC HH22 H N N 120 
2NC HN1  H N N 121 
2NC HN2  H N N 122 
ALA N    N N N 123 
ALA CA   C N S 124 
ALA C    C N N 125 
ALA O    O N N 126 
ALA CB   C N N 127 
ALA OXT  O N N 128 
ALA H    H N N 129 
ALA H2   H N N 130 
ALA HA   H N N 131 
ALA HB1  H N N 132 
ALA HB2  H N N 133 
ALA HB3  H N N 134 
ALA HXT  H N N 135 
ARG N    N N N 136 
ARG CA   C N S 137 
ARG C    C N N 138 
ARG O    O N N 139 
ARG CB   C N N 140 
ARG CG   C N N 141 
ARG CD   C N N 142 
ARG NE   N N N 143 
ARG CZ   C N N 144 
ARG NH1  N N N 145 
ARG NH2  N N N 146 
ARG OXT  O N N 147 
ARG H    H N N 148 
ARG H2   H N N 149 
ARG HA   H N N 150 
ARG HB2  H N N 151 
ARG HB3  H N N 152 
ARG HG2  H N N 153 
ARG HG3  H N N 154 
ARG HD2  H N N 155 
ARG HD3  H N N 156 
ARG HE   H N N 157 
ARG HH11 H N N 158 
ARG HH12 H N N 159 
ARG HH21 H N N 160 
ARG HH22 H N N 161 
ARG HXT  H N N 162 
ASN N    N N N 163 
ASN CA   C N S 164 
ASN C    C N N 165 
ASN O    O N N 166 
ASN CB   C N N 167 
ASN CG   C N N 168 
ASN OD1  O N N 169 
ASN ND2  N N N 170 
ASN OXT  O N N 171 
ASN H    H N N 172 
ASN H2   H N N 173 
ASN HA   H N N 174 
ASN HB2  H N N 175 
ASN HB3  H N N 176 
ASN HD21 H N N 177 
ASN HD22 H N N 178 
ASN HXT  H N N 179 
ASP N    N N N 180 
ASP CA   C N S 181 
ASP C    C N N 182 
ASP O    O N N 183 
ASP CB   C N N 184 
ASP CG   C N N 185 
ASP OD1  O N N 186 
ASP OD2  O N N 187 
ASP OXT  O N N 188 
ASP H    H N N 189 
ASP H2   H N N 190 
ASP HA   H N N 191 
ASP HB2  H N N 192 
ASP HB3  H N N 193 
ASP HD2  H N N 194 
ASP HXT  H N N 195 
CYS N    N N N 196 
CYS CA   C N R 197 
CYS C    C N N 198 
CYS O    O N N 199 
CYS CB   C N N 200 
CYS SG   S N N 201 
CYS OXT  O N N 202 
CYS H    H N N 203 
CYS H2   H N N 204 
CYS HA   H N N 205 
CYS HB2  H N N 206 
CYS HB3  H N N 207 
CYS HG   H N N 208 
CYS HXT  H N N 209 
GLN N    N N N 210 
GLN CA   C N S 211 
GLN C    C N N 212 
GLN O    O N N 213 
GLN CB   C N N 214 
GLN CG   C N N 215 
GLN CD   C N N 216 
GLN OE1  O N N 217 
GLN NE2  N N N 218 
GLN OXT  O N N 219 
GLN H    H N N 220 
GLN H2   H N N 221 
GLN HA   H N N 222 
GLN HB2  H N N 223 
GLN HB3  H N N 224 
GLN HG2  H N N 225 
GLN HG3  H N N 226 
GLN HE21 H N N 227 
GLN HE22 H N N 228 
GLN HXT  H N N 229 
GLU N    N N N 230 
GLU CA   C N S 231 
GLU C    C N N 232 
GLU O    O N N 233 
GLU CB   C N N 234 
GLU CG   C N N 235 
GLU CD   C N N 236 
GLU OE1  O N N 237 
GLU OE2  O N N 238 
GLU OXT  O N N 239 
GLU H    H N N 240 
GLU H2   H N N 241 
GLU HA   H N N 242 
GLU HB2  H N N 243 
GLU HB3  H N N 244 
GLU HG2  H N N 245 
GLU HG3  H N N 246 
GLU HE2  H N N 247 
GLU HXT  H N N 248 
GLY N    N N N 249 
GLY CA   C N N 250 
GLY C    C N N 251 
GLY O    O N N 252 
GLY OXT  O N N 253 
GLY H    H N N 254 
GLY H2   H N N 255 
GLY HA2  H N N 256 
GLY HA3  H N N 257 
GLY HXT  H N N 258 
HIS N    N N N 259 
HIS CA   C N S 260 
HIS C    C N N 261 
HIS O    O N N 262 
HIS CB   C N N 263 
HIS CG   C Y N 264 
HIS ND1  N Y N 265 
HIS CD2  C Y N 266 
HIS CE1  C Y N 267 
HIS NE2  N Y N 268 
HIS OXT  O N N 269 
HIS H    H N N 270 
HIS H2   H N N 271 
HIS HA   H N N 272 
HIS HB2  H N N 273 
HIS HB3  H N N 274 
HIS HD1  H N N 275 
HIS HD2  H N N 276 
HIS HE1  H N N 277 
HIS HE2  H N N 278 
HIS HXT  H N N 279 
HOH O    O N N 280 
HOH H1   H N N 281 
HOH H2   H N N 282 
ILE N    N N N 283 
ILE CA   C N S 284 
ILE C    C N N 285 
ILE O    O N N 286 
ILE CB   C N S 287 
ILE CG1  C N N 288 
ILE CG2  C N N 289 
ILE CD1  C N N 290 
ILE OXT  O N N 291 
ILE H    H N N 292 
ILE H2   H N N 293 
ILE HA   H N N 294 
ILE HB   H N N 295 
ILE HG12 H N N 296 
ILE HG13 H N N 297 
ILE HG21 H N N 298 
ILE HG22 H N N 299 
ILE HG23 H N N 300 
ILE HD11 H N N 301 
ILE HD12 H N N 302 
ILE HD13 H N N 303 
ILE HXT  H N N 304 
LEU N    N N N 305 
LEU CA   C N S 306 
LEU C    C N N 307 
LEU O    O N N 308 
LEU CB   C N N 309 
LEU CG   C N N 310 
LEU CD1  C N N 311 
LEU CD2  C N N 312 
LEU OXT  O N N 313 
LEU H    H N N 314 
LEU H2   H N N 315 
LEU HA   H N N 316 
LEU HB2  H N N 317 
LEU HB3  H N N 318 
LEU HG   H N N 319 
LEU HD11 H N N 320 
LEU HD12 H N N 321 
LEU HD13 H N N 322 
LEU HD21 H N N 323 
LEU HD22 H N N 324 
LEU HD23 H N N 325 
LEU HXT  H N N 326 
LYS N    N N N 327 
LYS CA   C N S 328 
LYS C    C N N 329 
LYS O    O N N 330 
LYS CB   C N N 331 
LYS CG   C N N 332 
LYS CD   C N N 333 
LYS CE   C N N 334 
LYS NZ   N N N 335 
LYS OXT  O N N 336 
LYS H    H N N 337 
LYS H2   H N N 338 
LYS HA   H N N 339 
LYS HB2  H N N 340 
LYS HB3  H N N 341 
LYS HG2  H N N 342 
LYS HG3  H N N 343 
LYS HD2  H N N 344 
LYS HD3  H N N 345 
LYS HE2  H N N 346 
LYS HE3  H N N 347 
LYS HZ1  H N N 348 
LYS HZ2  H N N 349 
LYS HZ3  H N N 350 
LYS HXT  H N N 351 
MET N    N N N 352 
MET CA   C N S 353 
MET C    C N N 354 
MET O    O N N 355 
MET CB   C N N 356 
MET CG   C N N 357 
MET SD   S N N 358 
MET CE   C N N 359 
MET OXT  O N N 360 
MET H    H N N 361 
MET H2   H N N 362 
MET HA   H N N 363 
MET HB2  H N N 364 
MET HB3  H N N 365 
MET HG2  H N N 366 
MET HG3  H N N 367 
MET HE1  H N N 368 
MET HE2  H N N 369 
MET HE3  H N N 370 
MET HXT  H N N 371 
PHE N    N N N 372 
PHE CA   C N S 373 
PHE C    C N N 374 
PHE O    O N N 375 
PHE CB   C N N 376 
PHE CG   C Y N 377 
PHE CD1  C Y N 378 
PHE CD2  C Y N 379 
PHE CE1  C Y N 380 
PHE CE2  C Y N 381 
PHE CZ   C Y N 382 
PHE OXT  O N N 383 
PHE H    H N N 384 
PHE H2   H N N 385 
PHE HA   H N N 386 
PHE HB2  H N N 387 
PHE HB3  H N N 388 
PHE HD1  H N N 389 
PHE HD2  H N N 390 
PHE HE1  H N N 391 
PHE HE2  H N N 392 
PHE HZ   H N N 393 
PHE HXT  H N N 394 
PRO N    N N N 395 
PRO CA   C N S 396 
PRO C    C N N 397 
PRO O    O N N 398 
PRO CB   C N N 399 
PRO CG   C N N 400 
PRO CD   C N N 401 
PRO OXT  O N N 402 
PRO H    H N N 403 
PRO HA   H N N 404 
PRO HB2  H N N 405 
PRO HB3  H N N 406 
PRO HG2  H N N 407 
PRO HG3  H N N 408 
PRO HD2  H N N 409 
PRO HD3  H N N 410 
PRO HXT  H N N 411 
SER N    N N N 412 
SER CA   C N S 413 
SER C    C N N 414 
SER O    O N N 415 
SER CB   C N N 416 
SER OG   O N N 417 
SER OXT  O N N 418 
SER H    H N N 419 
SER H2   H N N 420 
SER HA   H N N 421 
SER HB2  H N N 422 
SER HB3  H N N 423 
SER HG   H N N 424 
SER HXT  H N N 425 
THR N    N N N 426 
THR CA   C N S 427 
THR C    C N N 428 
THR O    O N N 429 
THR CB   C N R 430 
THR OG1  O N N 431 
THR CG2  C N N 432 
THR OXT  O N N 433 
THR H    H N N 434 
THR H2   H N N 435 
THR HA   H N N 436 
THR HB   H N N 437 
THR HG1  H N N 438 
THR HG21 H N N 439 
THR HG22 H N N 440 
THR HG23 H N N 441 
THR HXT  H N N 442 
TRP N    N N N 443 
TRP CA   C N S 444 
TRP C    C N N 445 
TRP O    O N N 446 
TRP CB   C N N 447 
TRP CG   C Y N 448 
TRP CD1  C Y N 449 
TRP CD2  C Y N 450 
TRP NE1  N Y N 451 
TRP CE2  C Y N 452 
TRP CE3  C Y N 453 
TRP CZ2  C Y N 454 
TRP CZ3  C Y N 455 
TRP CH2  C Y N 456 
TRP OXT  O N N 457 
TRP H    H N N 458 
TRP H2   H N N 459 
TRP HA   H N N 460 
TRP HB2  H N N 461 
TRP HB3  H N N 462 
TRP HD1  H N N 463 
TRP HE1  H N N 464 
TRP HE3  H N N 465 
TRP HZ2  H N N 466 
TRP HZ3  H N N 467 
TRP HH2  H N N 468 
TRP HXT  H N N 469 
TYR N    N N N 470 
TYR CA   C N S 471 
TYR C    C N N 472 
TYR O    O N N 473 
TYR CB   C N N 474 
TYR CG   C Y N 475 
TYR CD1  C Y N 476 
TYR CD2  C Y N 477 
TYR CE1  C Y N 478 
TYR CE2  C Y N 479 
TYR CZ   C Y N 480 
TYR OH   O N N 481 
TYR OXT  O N N 482 
TYR H    H N N 483 
TYR H2   H N N 484 
TYR HA   H N N 485 
TYR HB2  H N N 486 
TYR HB3  H N N 487 
TYR HD1  H N N 488 
TYR HD2  H N N 489 
TYR HE1  H N N 490 
TYR HE2  H N N 491 
TYR HH   H N N 492 
TYR HXT  H N N 493 
VAL N    N N N 494 
VAL CA   C N S 495 
VAL C    C N N 496 
VAL O    O N N 497 
VAL CB   C N N 498 
VAL CG1  C N N 499 
VAL CG2  C N N 500 
VAL OXT  O N N 501 
VAL H    H N N 502 
VAL H2   H N N 503 
VAL HA   H N N 504 
VAL HB   H N N 505 
VAL HG11 H N N 506 
VAL HG12 H N N 507 
VAL HG13 H N N 508 
VAL HG21 H N N 509 
VAL HG22 H N N 510 
VAL HG23 H N N 511 
VAL HXT  H N N 512 
# 
loop_
_chem_comp_bond.comp_id 
_chem_comp_bond.atom_id_1 
_chem_comp_bond.atom_id_2 
_chem_comp_bond.value_order 
_chem_comp_bond.pdbx_aromatic_flag 
_chem_comp_bond.pdbx_stereo_config 
_chem_comp_bond.pdbx_ordinal 
2NC C    O    doub N N 1   
2NC C    CH3  sing N N 2   
2NC CH3  H1   sing N N 3   
2NC CH3  H2   sing N N 4   
2NC CH3  H3   sing N N 5   
2NC N    CA   sing N N 6   
2NC N    H    sing N N 7   
2NC CA   C1   sing N N 8   
2NC CA   CB   sing N N 9   
2NC CA   HA   sing N N 10  
2NC C1   O1   doub N N 11  
2NC CB   OG1  sing N N 12  
2NC CB   CG2  sing N N 13  
2NC CB   HB   sing N N 14  
2NC OG1  HG1  sing N N 15  
2NC CG2  HG21 sing N N 16  
2NC CG2  HG22 sing N N 17  
2NC CG2  HG23 sing N N 18  
2NC N1   CA1  sing N N 19  
2NC N1   H4   sing N N 20  
2NC CA1  C2   sing N N 21  
2NC CA1  CB1  sing N N 22  
2NC CA1  HA1  sing N N 23  
2NC C2   O2   doub N N 24  
2NC CB1  CG1  sing N N 25  
2NC CB1  CG21 sing N N 26  
2NC CB1  HB1  sing N N 27  
2NC CG1  CD1  sing N N 28  
2NC CG1  HG12 sing N N 29  
2NC CG1  HG13 sing N N 30  
2NC CG21 HG24 sing N N 31  
2NC CG21 HG25 sing N N 32  
2NC CG21 HG26 sing N N 33  
2NC CD1  HD11 sing N N 34  
2NC CD1  HD12 sing N N 35  
2NC CD1  HD13 sing N N 36  
2NC N2   CA2  sing N N 37  
2NC N2   H5   sing N N 38  
2NC CA2  C3   sing N N 39  
2NC CA2  CB2  sing N N 40  
2NC CA2  HA2  sing N N 41  
2NC CB2  CG   sing N N 42  
2NC CB2  HB2  sing N N 43  
2NC CB2  HB3  sing N N 44  
2NC CG   CD   sing N N 45  
2NC CG   HG2  sing N N 46  
2NC CG   HG3  sing N N 47  
2NC CD   CE   sing N N 48  
2NC CD   HD2  sing N N 49  
2NC CD   HD3  sing N N 50  
2NC CE   HE1  sing N N 51  
2NC CE   HE2  sing N N 52  
2NC CE   HE3  sing N N 53  
2NC N3   CA3  sing N N 54  
2NC N3   H6   sing N N 55  
2NC CA3  C4   sing N N 56  
2NC CA3  CB3  sing N N 57  
2NC CA3  HA3  sing N N 58  
2NC C4   O3   doub N N 59  
2NC CB3  CG3  sing N N 60  
2NC CB3  HB21 sing N N 61  
2NC CB3  HB31 sing N N 62  
2NC CG3  CD2  sing N N 63  
2NC CG3  HG27 sing N N 64  
2NC CG3  HG31 sing N N 65  
2NC CD2  CE1  sing N N 66  
2NC CD2  HD21 sing N N 67  
2NC CD2  HD31 sing N N 68  
2NC CE1  HE11 sing N N 69  
2NC CE1  HE21 sing N N 70  
2NC CE1  HE31 sing N N 71  
2NC N4   CA4  sing N N 72  
2NC N4   H7   sing N N 73  
2NC CA4  C5   sing N N 74  
2NC CA4  CB4  sing N N 75  
2NC CA4  HA4  sing N N 76  
2NC C5   O4   doub N N 77  
2NC CB4  CG4  sing N N 78  
2NC CB4  HB22 sing N N 79  
2NC CB4  HB32 sing N N 80  
2NC CG4  CD3  sing N N 81  
2NC CG4  HG28 sing N N 82  
2NC CG4  HG32 sing N N 83  
2NC CD3  OE1  doub N N 84  
2NC CD3  NE2  sing N N 85  
2NC NE2  HE22 sing N N 86  
2NC NE2  HE23 sing N N 87  
2NC N5   CA5  sing N N 88  
2NC N5   H8   sing N N 89  
2NC CA5  C6   sing N N 90  
2NC CA5  CB5  sing N N 91  
2NC CA5  HA5  sing N N 92  
2NC C6   O5   doub N N 93  
2NC CB5  CG5  sing N N 94  
2NC CB5  HB23 sing N N 95  
2NC CB5  HB33 sing N N 96  
2NC CG5  CD4  sing N N 97  
2NC CG5  HG29 sing N N 98  
2NC CG5  HG33 sing N N 99  
2NC CD4  NE   sing N N 100 
2NC CD4  HD22 sing N N 101 
2NC CD4  HD32 sing N N 102 
2NC NE   CZ   sing N N 103 
2NC NE   HE   sing N N 104 
2NC CZ   NH1  sing N N 105 
2NC CZ   NH2  doub N N 106 
2NC NH1  HH11 sing N N 107 
2NC NH1  HH12 sing N N 108 
2NC NH2  HH21 sing N N 109 
2NC NH2  HH22 sing N N 110 
2NC N6   HN1  sing N N 111 
2NC N6   HN2  sing N N 112 
2NC C    N    sing N N 113 
2NC C1   N1   sing N N 114 
2NC C2   N2   sing N N 115 
2NC C3   N3   sing N N 116 
2NC C4   N4   sing N N 117 
2NC C5   N5   sing N N 118 
2NC C3   HC31 sing N N 119 
2NC C3   HC32 sing N N 120 
2NC C6   N6   sing N N 121 
ALA N    CA   sing N N 122 
ALA N    H    sing N N 123 
ALA N    H2   sing N N 124 
ALA CA   C    sing N N 125 
ALA CA   CB   sing N N 126 
ALA CA   HA   sing N N 127 
ALA C    O    doub N N 128 
ALA C    OXT  sing N N 129 
ALA CB   HB1  sing N N 130 
ALA CB   HB2  sing N N 131 
ALA CB   HB3  sing N N 132 
ALA OXT  HXT  sing N N 133 
ARG N    CA   sing N N 134 
ARG N    H    sing N N 135 
ARG N    H2   sing N N 136 
ARG CA   C    sing N N 137 
ARG CA   CB   sing N N 138 
ARG CA   HA   sing N N 139 
ARG C    O    doub N N 140 
ARG C    OXT  sing N N 141 
ARG CB   CG   sing N N 142 
ARG CB   HB2  sing N N 143 
ARG CB   HB3  sing N N 144 
ARG CG   CD   sing N N 145 
ARG CG   HG2  sing N N 146 
ARG CG   HG3  sing N N 147 
ARG CD   NE   sing N N 148 
ARG CD   HD2  sing N N 149 
ARG CD   HD3  sing N N 150 
ARG NE   CZ   sing N N 151 
ARG NE   HE   sing N N 152 
ARG CZ   NH1  sing N N 153 
ARG CZ   NH2  doub N N 154 
ARG NH1  HH11 sing N N 155 
ARG NH1  HH12 sing N N 156 
ARG NH2  HH21 sing N N 157 
ARG NH2  HH22 sing N N 158 
ARG OXT  HXT  sing N N 159 
ASN N    CA   sing N N 160 
ASN N    H    sing N N 161 
ASN N    H2   sing N N 162 
ASN CA   C    sing N N 163 
ASN CA   CB   sing N N 164 
ASN CA   HA   sing N N 165 
ASN C    O    doub N N 166 
ASN C    OXT  sing N N 167 
ASN CB   CG   sing N N 168 
ASN CB   HB2  sing N N 169 
ASN CB   HB3  sing N N 170 
ASN CG   OD1  doub N N 171 
ASN CG   ND2  sing N N 172 
ASN ND2  HD21 sing N N 173 
ASN ND2  HD22 sing N N 174 
ASN OXT  HXT  sing N N 175 
ASP N    CA   sing N N 176 
ASP N    H    sing N N 177 
ASP N    H2   sing N N 178 
ASP CA   C    sing N N 179 
ASP CA   CB   sing N N 180 
ASP CA   HA   sing N N 181 
ASP C    O    doub N N 182 
ASP C    OXT  sing N N 183 
ASP CB   CG   sing N N 184 
ASP CB   HB2  sing N N 185 
ASP CB   HB3  sing N N 186 
ASP CG   OD1  doub N N 187 
ASP CG   OD2  sing N N 188 
ASP OD2  HD2  sing N N 189 
ASP OXT  HXT  sing N N 190 
CYS N    CA   sing N N 191 
CYS N    H    sing N N 192 
CYS N    H2   sing N N 193 
CYS CA   C    sing N N 194 
CYS CA   CB   sing N N 195 
CYS CA   HA   sing N N 196 
CYS C    O    doub N N 197 
CYS C    OXT  sing N N 198 
CYS CB   SG   sing N N 199 
CYS CB   HB2  sing N N 200 
CYS CB   HB3  sing N N 201 
CYS SG   HG   sing N N 202 
CYS OXT  HXT  sing N N 203 
GLN N    CA   sing N N 204 
GLN N    H    sing N N 205 
GLN N    H2   sing N N 206 
GLN CA   C    sing N N 207 
GLN CA   CB   sing N N 208 
GLN CA   HA   sing N N 209 
GLN C    O    doub N N 210 
GLN C    OXT  sing N N 211 
GLN CB   CG   sing N N 212 
GLN CB   HB2  sing N N 213 
GLN CB   HB3  sing N N 214 
GLN CG   CD   sing N N 215 
GLN CG   HG2  sing N N 216 
GLN CG   HG3  sing N N 217 
GLN CD   OE1  doub N N 218 
GLN CD   NE2  sing N N 219 
GLN NE2  HE21 sing N N 220 
GLN NE2  HE22 sing N N 221 
GLN OXT  HXT  sing N N 222 
GLU N    CA   sing N N 223 
GLU N    H    sing N N 224 
GLU N    H2   sing N N 225 
GLU CA   C    sing N N 226 
GLU CA   CB   sing N N 227 
GLU CA   HA   sing N N 228 
GLU C    O    doub N N 229 
GLU C    OXT  sing N N 230 
GLU CB   CG   sing N N 231 
GLU CB   HB2  sing N N 232 
GLU CB   HB3  sing N N 233 
GLU CG   CD   sing N N 234 
GLU CG   HG2  sing N N 235 
GLU CG   HG3  sing N N 236 
GLU CD   OE1  doub N N 237 
GLU CD   OE2  sing N N 238 
GLU OE2  HE2  sing N N 239 
GLU OXT  HXT  sing N N 240 
GLY N    CA   sing N N 241 
GLY N    H    sing N N 242 
GLY N    H2   sing N N 243 
GLY CA   C    sing N N 244 
GLY CA   HA2  sing N N 245 
GLY CA   HA3  sing N N 246 
GLY C    O    doub N N 247 
GLY C    OXT  sing N N 248 
GLY OXT  HXT  sing N N 249 
HIS N    CA   sing N N 250 
HIS N    H    sing N N 251 
HIS N    H2   sing N N 252 
HIS CA   C    sing N N 253 
HIS CA   CB   sing N N 254 
HIS CA   HA   sing N N 255 
HIS C    O    doub N N 256 
HIS C    OXT  sing N N 257 
HIS CB   CG   sing N N 258 
HIS CB   HB2  sing N N 259 
HIS CB   HB3  sing N N 260 
HIS CG   ND1  sing Y N 261 
HIS CG   CD2  doub Y N 262 
HIS ND1  CE1  doub Y N 263 
HIS ND1  HD1  sing N N 264 
HIS CD2  NE2  sing Y N 265 
HIS CD2  HD2  sing N N 266 
HIS CE1  NE2  sing Y N 267 
HIS CE1  HE1  sing N N 268 
HIS NE2  HE2  sing N N 269 
HIS OXT  HXT  sing N N 270 
HOH O    H1   sing N N 271 
HOH O    H2   sing N N 272 
ILE N    CA   sing N N 273 
ILE N    H    sing N N 274 
ILE N    H2   sing N N 275 
ILE CA   C    sing N N 276 
ILE CA   CB   sing N N 277 
ILE CA   HA   sing N N 278 
ILE C    O    doub N N 279 
ILE C    OXT  sing N N 280 
ILE CB   CG1  sing N N 281 
ILE CB   CG2  sing N N 282 
ILE CB   HB   sing N N 283 
ILE CG1  CD1  sing N N 284 
ILE CG1  HG12 sing N N 285 
ILE CG1  HG13 sing N N 286 
ILE CG2  HG21 sing N N 287 
ILE CG2  HG22 sing N N 288 
ILE CG2  HG23 sing N N 289 
ILE CD1  HD11 sing N N 290 
ILE CD1  HD12 sing N N 291 
ILE CD1  HD13 sing N N 292 
ILE OXT  HXT  sing N N 293 
LEU N    CA   sing N N 294 
LEU N    H    sing N N 295 
LEU N    H2   sing N N 296 
LEU CA   C    sing N N 297 
LEU CA   CB   sing N N 298 
LEU CA   HA   sing N N 299 
LEU C    O    doub N N 300 
LEU C    OXT  sing N N 301 
LEU CB   CG   sing N N 302 
LEU CB   HB2  sing N N 303 
LEU CB   HB3  sing N N 304 
LEU CG   CD1  sing N N 305 
LEU CG   CD2  sing N N 306 
LEU CG   HG   sing N N 307 
LEU CD1  HD11 sing N N 308 
LEU CD1  HD12 sing N N 309 
LEU CD1  HD13 sing N N 310 
LEU CD2  HD21 sing N N 311 
LEU CD2  HD22 sing N N 312 
LEU CD2  HD23 sing N N 313 
LEU OXT  HXT  sing N N 314 
LYS N    CA   sing N N 315 
LYS N    H    sing N N 316 
LYS N    H2   sing N N 317 
LYS CA   C    sing N N 318 
LYS CA   CB   sing N N 319 
LYS CA   HA   sing N N 320 
LYS C    O    doub N N 321 
LYS C    OXT  sing N N 322 
LYS CB   CG   sing N N 323 
LYS CB   HB2  sing N N 324 
LYS CB   HB3  sing N N 325 
LYS CG   CD   sing N N 326 
LYS CG   HG2  sing N N 327 
LYS CG   HG3  sing N N 328 
LYS CD   CE   sing N N 329 
LYS CD   HD2  sing N N 330 
LYS CD   HD3  sing N N 331 
LYS CE   NZ   sing N N 332 
LYS CE   HE2  sing N N 333 
LYS CE   HE3  sing N N 334 
LYS NZ   HZ1  sing N N 335 
LYS NZ   HZ2  sing N N 336 
LYS NZ   HZ3  sing N N 337 
LYS OXT  HXT  sing N N 338 
MET N    CA   sing N N 339 
MET N    H    sing N N 340 
MET N    H2   sing N N 341 
MET CA   C    sing N N 342 
MET CA   CB   sing N N 343 
MET CA   HA   sing N N 344 
MET C    O    doub N N 345 
MET C    OXT  sing N N 346 
MET CB   CG   sing N N 347 
MET CB   HB2  sing N N 348 
MET CB   HB3  sing N N 349 
MET CG   SD   sing N N 350 
MET CG   HG2  sing N N 351 
MET CG   HG3  sing N N 352 
MET SD   CE   sing N N 353 
MET CE   HE1  sing N N 354 
MET CE   HE2  sing N N 355 
MET CE   HE3  sing N N 356 
MET OXT  HXT  sing N N 357 
PHE N    CA   sing N N 358 
PHE N    H    sing N N 359 
PHE N    H2   sing N N 360 
PHE CA   C    sing N N 361 
PHE CA   CB   sing N N 362 
PHE CA   HA   sing N N 363 
PHE C    O    doub N N 364 
PHE C    OXT  sing N N 365 
PHE CB   CG   sing N N 366 
PHE CB   HB2  sing N N 367 
PHE CB   HB3  sing N N 368 
PHE CG   CD1  doub Y N 369 
PHE CG   CD2  sing Y N 370 
PHE CD1  CE1  sing Y N 371 
PHE CD1  HD1  sing N N 372 
PHE CD2  CE2  doub Y N 373 
PHE CD2  HD2  sing N N 374 
PHE CE1  CZ   doub Y N 375 
PHE CE1  HE1  sing N N 376 
PHE CE2  CZ   sing Y N 377 
PHE CE2  HE2  sing N N 378 
PHE CZ   HZ   sing N N 379 
PHE OXT  HXT  sing N N 380 
PRO N    CA   sing N N 381 
PRO N    CD   sing N N 382 
PRO N    H    sing N N 383 
PRO CA   C    sing N N 384 
PRO CA   CB   sing N N 385 
PRO CA   HA   sing N N 386 
PRO C    O    doub N N 387 
PRO C    OXT  sing N N 388 
PRO CB   CG   sing N N 389 
PRO CB   HB2  sing N N 390 
PRO CB   HB3  sing N N 391 
PRO CG   CD   sing N N 392 
PRO CG   HG2  sing N N 393 
PRO CG   HG3  sing N N 394 
PRO CD   HD2  sing N N 395 
PRO CD   HD3  sing N N 396 
PRO OXT  HXT  sing N N 397 
SER N    CA   sing N N 398 
SER N    H    sing N N 399 
SER N    H2   sing N N 400 
SER CA   C    sing N N 401 
SER CA   CB   sing N N 402 
SER CA   HA   sing N N 403 
SER C    O    doub N N 404 
SER C    OXT  sing N N 405 
SER CB   OG   sing N N 406 
SER CB   HB2  sing N N 407 
SER CB   HB3  sing N N 408 
SER OG   HG   sing N N 409 
SER OXT  HXT  sing N N 410 
THR N    CA   sing N N 411 
THR N    H    sing N N 412 
THR N    H2   sing N N 413 
THR CA   C    sing N N 414 
THR CA   CB   sing N N 415 
THR CA   HA   sing N N 416 
THR C    O    doub N N 417 
THR C    OXT  sing N N 418 
THR CB   OG1  sing N N 419 
THR CB   CG2  sing N N 420 
THR CB   HB   sing N N 421 
THR OG1  HG1  sing N N 422 
THR CG2  HG21 sing N N 423 
THR CG2  HG22 sing N N 424 
THR CG2  HG23 sing N N 425 
THR OXT  HXT  sing N N 426 
TRP N    CA   sing N N 427 
TRP N    H    sing N N 428 
TRP N    H2   sing N N 429 
TRP CA   C    sing N N 430 
TRP CA   CB   sing N N 431 
TRP CA   HA   sing N N 432 
TRP C    O    doub N N 433 
TRP C    OXT  sing N N 434 
TRP CB   CG   sing N N 435 
TRP CB   HB2  sing N N 436 
TRP CB   HB3  sing N N 437 
TRP CG   CD1  doub Y N 438 
TRP CG   CD2  sing Y N 439 
TRP CD1  NE1  sing Y N 440 
TRP CD1  HD1  sing N N 441 
TRP CD2  CE2  doub Y N 442 
TRP CD2  CE3  sing Y N 443 
TRP NE1  CE2  sing Y N 444 
TRP NE1  HE1  sing N N 445 
TRP CE2  CZ2  sing Y N 446 
TRP CE3  CZ3  doub Y N 447 
TRP CE3  HE3  sing N N 448 
TRP CZ2  CH2  doub Y N 449 
TRP CZ2  HZ2  sing N N 450 
TRP CZ3  CH2  sing Y N 451 
TRP CZ3  HZ3  sing N N 452 
TRP CH2  HH2  sing N N 453 
TRP OXT  HXT  sing N N 454 
TYR N    CA   sing N N 455 
TYR N    H    sing N N 456 
TYR N    H2   sing N N 457 
TYR CA   C    sing N N 458 
TYR CA   CB   sing N N 459 
TYR CA   HA   sing N N 460 
TYR C    O    doub N N 461 
TYR C    OXT  sing N N 462 
TYR CB   CG   sing N N 463 
TYR CB   HB2  sing N N 464 
TYR CB   HB3  sing N N 465 
TYR CG   CD1  doub Y N 466 
TYR CG   CD2  sing Y N 467 
TYR CD1  CE1  sing Y N 468 
TYR CD1  HD1  sing N N 469 
TYR CD2  CE2  doub Y N 470 
TYR CD2  HD2  sing N N 471 
TYR CE1  CZ   doub Y N 472 
TYR CE1  HE1  sing N N 473 
TYR CE2  CZ   sing Y N 474 
TYR CE2  HE2  sing N N 475 
TYR CZ   OH   sing N N 476 
TYR OH   HH   sing N N 477 
TYR OXT  HXT  sing N N 478 
VAL N    CA   sing N N 479 
VAL N    H    sing N N 480 
VAL N    H2   sing N N 481 
VAL CA   C    sing N N 482 
VAL CA   CB   sing N N 483 
VAL CA   HA   sing N N 484 
VAL C    O    doub N N 485 
VAL C    OXT  sing N N 486 
VAL CB   CG1  sing N N 487 
VAL CB   CG2  sing N N 488 
VAL CB   HB   sing N N 489 
VAL CG1  HG11 sing N N 490 
VAL CG1  HG12 sing N N 491 
VAL CG1  HG13 sing N N 492 
VAL CG2  HG21 sing N N 493 
VAL CG2  HG22 sing N N 494 
VAL CG2  HG23 sing N N 495 
VAL OXT  HXT  sing N N 496 
# 
_atom_sites.entry_id                    1FFI 
_atom_sites.fract_transf_matrix[1][1]   0.01199329 
_atom_sites.fract_transf_matrix[1][2]   0.00080641 
_atom_sites.fract_transf_matrix[1][3]   -0.01245857 
_atom_sites.fract_transf_matrix[2][1]   0.00839950 
_atom_sites.fract_transf_matrix[2][2]   -0.00146971 
_atom_sites.fract_transf_matrix[2][3]   0.00799068 
_atom_sites.fract_transf_matrix[3][1]   -0.00126663 
_atom_sites.fract_transf_matrix[3][2]   -0.02139891 
_atom_sites.fract_transf_matrix[3][3]   -0.00260442 
_atom_sites.fract_transf_vector[1]      0.236368 
_atom_sites.fract_transf_vector[2]      0.307078 
_atom_sites.fract_transf_vector[3]      0.418416 
# 
loop_
_atom_type.symbol 
C 
N 
O 
S 
# 
loop_
_atom_site.group_PDB 
_atom_site.id 
_atom_site.type_symbol 
_atom_site.label_atom_id 
_atom_site.label_alt_id 
_atom_site.label_comp_id 
_atom_site.label_asym_id 
_atom_site.label_entity_id 
_atom_site.label_seq_id 
_atom_site.pdbx_PDB_ins_code 
_atom_site.Cartn_x 
_atom_site.Cartn_y 
_atom_site.Cartn_z 
_atom_site.occupancy 
_atom_site.B_iso_or_equiv 
_atom_site.pdbx_formal_charge 
_atom_site.auth_seq_id 
_atom_site.auth_comp_id 
_atom_site.auth_asym_id 
_atom_site.auth_atom_id 
_atom_site.pdbx_PDB_model_num 
ATOM   1    N N    . PRO A 1 1  ? 1.088   -0.460  18.875  1.00 17.62 ? 1   PRO C N    1 
ATOM   2    C CA   . PRO A 1 1  ? -0.324  -0.885  18.791  1.00 17.36 ? 1   PRO C CA   1 
ATOM   3    C C    . PRO A 1 1  ? -0.539  -1.934  17.709  1.00 16.55 ? 1   PRO C C    1 
ATOM   4    O O    . PRO A 1 1  ? 0.344   -2.187  16.887  1.00 15.74 ? 1   PRO C O    1 
ATOM   5    C CB   . PRO A 1 1  ? -1.125  0.366   18.455  1.00 17.53 ? 1   PRO C CB   1 
ATOM   6    C CG   . PRO A 1 1  ? -0.096  1.173   17.675  1.00 17.98 ? 1   PRO C CG   1 
ATOM   7    C CD   . PRO A 1 1  ? 1.205   0.948   18.458  1.00 18.15 ? 1   PRO C CD   1 
ATOM   8    N N    . GLN A 1 2  ? -1.692  -2.593  17.771  1.00 15.22 ? 2   GLN C N    1 
ATOM   9    C CA   . GLN A 1 2  ? -2.058  -3.575  16.769  1.00 15.03 ? 2   GLN C CA   1 
ATOM   10   C C    . GLN A 1 2  ? -3.179  -2.925  15.998  1.00 14.64 ? 2   GLN C C    1 
ATOM   11   O O    . GLN A 1 2  ? -4.239  -2.621  16.545  1.00 15.25 ? 2   GLN C O    1 
ATOM   12   C CB   . GLN A 1 2  ? -2.552  -4.878  17.377  1.00 15.76 ? 2   GLN C CB   1 
ATOM   13   C CG   . GLN A 1 2  ? -3.022  -5.846  16.304  1.00 17.07 ? 2   GLN C CG   1 
ATOM   14   C CD   . GLN A 1 2  ? -3.321  -7.214  16.844  1.00 18.14 ? 2   GLN C CD   1 
ATOM   15   O OE1  . GLN A 1 2  ? -4.443  -7.494  17.268  1.00 21.65 ? 2   GLN C OE1  1 
ATOM   16   N NE2  . GLN A 1 2  ? -2.321  -8.085  16.830  1.00 17.03 ? 2   GLN C NE2  1 
ATOM   17   N N    . ILE A 1 3  ? -2.914  -2.678  14.728  1.00 14.12 ? 3   ILE C N    1 
ATOM   18   C CA   . ILE A 1 3  ? -3.869  -2.029  13.855  1.00 12.80 ? 3   ILE C CA   1 
ATOM   19   C C    . ILE A 1 3  ? -4.581  -3.048  12.977  1.00 12.21 ? 3   ILE C C    1 
ATOM   20   O O    . ILE A 1 3  ? -3.938  -3.769  12.211  1.00 10.92 ? 3   ILE C O    1 
ATOM   21   C CB   . ILE A 1 3  ? -3.137  -0.966  12.990  1.00 12.82 ? 3   ILE C CB   1 
ATOM   22   C CG1  . ILE A 1 3  ? -2.457  0.055   13.913  1.00 13.27 ? 3   ILE C CG1  1 
ATOM   23   C CG2  . ILE A 1 3  ? -4.104  -0.284  12.015  1.00 12.84 ? 3   ILE C CG2  1 
ATOM   24   C CD1  . ILE A 1 3  ? -1.667  1.109   13.202  1.00 12.65 ? 3   ILE C CD1  1 
ATOM   25   N N    . THR A 1 4  ? -5.899  -3.156  13.151  1.00 11.26 ? 4   THR C N    1 
ATOM   26   C CA   . THR A 1 4  ? -6.698  -4.065  12.332  1.00 11.59 ? 4   THR C CA   1 
ATOM   27   C C    . THR A 1 4  ? -6.954  -3.369  10.998  1.00 10.73 ? 4   THR C C    1 
ATOM   28   O O    . THR A 1 4  ? -6.854  -2.142  10.899  1.00 11.10 ? 4   THR C O    1 
ATOM   29   C CB   . THR A 1 4  ? -8.024  -4.476  13.011  1.00 12.53 ? 4   THR C CB   1 
ATOM   30   O OG1  . THR A 1 4  ? -8.795  -3.311  13.318  1.00 12.54 ? 4   THR C OG1  1 
ATOM   31   C CG2  . THR A 1 4  ? -7.737  -5.265  14.291  1.00 12.55 ? 4   THR C CG2  1 
ATOM   32   N N    . LEU A 1 5  ? -7.304  -4.148  9.983   1.00 10.11 ? 5   LEU C N    1 
ATOM   33   C CA   . LEU A 1 5  ? -7.488  -3.611  8.638   1.00 8.76  ? 5   LEU C CA   1 
ATOM   34   C C    . LEU A 1 5  ? -8.915  -3.527  8.109   1.00 8.51  ? 5   LEU C C    1 
ATOM   35   O O    . LEU A 1 5  ? -9.133  -3.499  6.895   1.00 8.27  ? 5   LEU C O    1 
ATOM   36   C CB   . LEU A 1 5  ? -6.573  -4.382  7.672   1.00 8.09  ? 5   LEU C CB   1 
ATOM   37   C CG   . LEU A 1 5  ? -5.097  -4.366  8.117   1.00 8.24  ? 5   LEU C CG   1 
ATOM   38   C CD1  . LEU A 1 5  ? -4.272  -5.394  7.360   1.00 6.30  ? 5   LEU C CD1  1 
ATOM   39   C CD2  . LEU A 1 5  ? -4.519  -2.961  7.947   1.00 7.68  ? 5   LEU C CD2  1 
ATOM   40   N N    . TRP A 1 6  ? -9.880  -3.457  9.024   1.00 8.56  ? 6   TRP C N    1 
ATOM   41   C CA   . TRP A 1 6  ? -11.289 -3.337  8.653   1.00 9.57  ? 6   TRP C CA   1 
ATOM   42   C C    . TRP A 1 6  ? -11.501 -1.972  8.010   1.00 10.75 ? 6   TRP C C    1 
ATOM   43   O O    . TRP A 1 6  ? -12.422 -1.779  7.218   1.00 11.56 ? 6   TRP C O    1 
ATOM   44   C CB   . TRP A 1 6  ? -12.184 -3.478  9.885   1.00 8.78  ? 6   TRP C CB   1 
ATOM   45   C CG   . TRP A 1 6  ? -12.054 -4.810  10.564  1.00 9.64  ? 6   TRP C CG   1 
ATOM   46   C CD1  . TRP A 1 6  ? -11.525 -5.055  11.801  1.00 9.75  ? 6   TRP C CD1  1 
ATOM   47   C CD2  . TRP A 1 6  ? -12.485 -6.083  10.055  1.00 10.17 ? 6   TRP C CD2  1 
ATOM   48   N NE1  . TRP A 1 6  ? -11.601 -6.396  12.093  1.00 10.05 ? 6   TRP C NE1  1 
ATOM   49   C CE2  . TRP A 1 6  ? -12.187 -7.051  11.040  1.00 10.27 ? 6   TRP C CE2  1 
ATOM   50   C CE3  . TRP A 1 6  ? -13.101 -6.499  8.862   1.00 10.36 ? 6   TRP C CE3  1 
ATOM   51   C CZ2  . TRP A 1 6  ? -12.485 -8.417  10.873  1.00 10.55 ? 6   TRP C CZ2  1 
ATOM   52   C CZ3  . TRP A 1 6  ? -13.399 -7.860  8.696   1.00 10.96 ? 6   TRP C CZ3  1 
ATOM   53   C CH2  . TRP A 1 6  ? -13.090 -8.798  9.698   1.00 9.18  ? 6   TRP C CH2  1 
ATOM   54   N N    . LYS A 1 7  ? -10.649 -1.020  8.376   1.00 11.38 ? 7   LYS C N    1 
ATOM   55   C CA   . LYS A 1 7  ? -10.703 0.320   7.815   1.00 11.99 ? 7   LYS C CA   1 
ATOM   56   C C    . LYS A 1 7  ? -9.284  0.708   7.420   1.00 10.74 ? 7   LYS C C    1 
ATOM   57   O O    . LYS A 1 7  ? -8.318  0.009   7.752   1.00 10.43 ? 7   LYS C O    1 
ATOM   58   C CB   . LYS A 1 7  ? -11.273 1.327   8.833   1.00 16.55 ? 7   LYS C CB   1 
ATOM   59   C CG   . LYS A 1 7  ? -10.357 1.645   10.020  1.00 20.93 ? 7   LYS C CG   1 
ATOM   60   C CD   . LYS A 1 7  ? -10.870 2.830   10.868  1.00 23.82 ? 7   LYS C CD   1 
ATOM   61   C CE   . LYS A 1 7  ? -10.906 4.161   10.086  1.00 25.28 ? 7   LYS C CE   1 
ATOM   62   N NZ   . LYS A 1 7  ? -9.584  4.605   9.519   1.00 23.98 ? 7   LYS C NZ   1 
ATOM   63   N N    . ARG A 1 8  ? -9.160  1.814   6.695   1.00 9.57  ? 8   ARG C N    1 
ATOM   64   C CA   . ARG A 1 8  ? -7.859  2.296   6.270   1.00 8.88  ? 8   ARG C CA   1 
ATOM   65   C C    . ARG A 1 8  ? -7.005  2.612   7.497   1.00 8.76  ? 8   ARG C C    1 
ATOM   66   O O    . ARG A 1 8  ? -7.489  3.220   8.453   1.00 9.28  ? 8   ARG C O    1 
ATOM   67   C CB   . ARG A 1 8  ? -8.026  3.546   5.409   1.00 9.08  ? 8   ARG C CB   1 
ATOM   68   C CG   . ARG A 1 8  ? -8.709  3.274   4.085   1.00 9.39  ? 8   ARG C CG   1 
ATOM   69   C CD   . ARG A 1 8  ? -8.879  4.534   3.264   1.00 11.25 ? 8   ARG C CD   1 
ATOM   70   N NE   . ARG A 1 8  ? -9.571  4.252   2.010   1.00 12.91 ? 8   ARG C NE   1 
ATOM   71   C CZ   . ARG A 1 8  ? -10.332 5.122   1.354   1.00 15.38 ? 8   ARG C CZ   1 
ATOM   72   N NH1  . ARG A 1 8  ? -10.514 6.353   1.826   1.00 16.17 ? 8   ARG C NH1  1 
ATOM   73   N NH2  . ARG A 1 8  ? -10.900 4.768   0.212   1.00 15.25 ? 8   ARG C NH2  1 
ATOM   74   N N    . PRO A 1 9  ? -5.753  2.115   7.525   1.00 9.09  ? 9   PRO C N    1 
ATOM   75   C CA   . PRO A 1 9  ? -4.830  2.345   8.641   1.00 8.55  ? 9   PRO C CA   1 
ATOM   76   C C    . PRO A 1 9  ? -4.266  3.771   8.607   1.00 9.41  ? 9   PRO C C    1 
ATOM   77   O O    . PRO A 1 9  ? -3.125  4.001   8.204   1.00 9.34  ? 9   PRO C O    1 
ATOM   78   C CB   . PRO A 1 9  ? -3.749  1.290   8.410   1.00 8.65  ? 9   PRO C CB   1 
ATOM   79   C CG   . PRO A 1 9  ? -3.713  1.172   6.922   1.00 7.54  ? 9   PRO C CG   1 
ATOM   80   C CD   . PRO A 1 9  ? -5.177  1.157   6.560   1.00 7.82  ? 9   PRO C CD   1 
ATOM   81   N N    . LEU A 1 10 ? -5.101  4.722   9.010   1.00 10.22 ? 10  LEU C N    1 
ATOM   82   C CA   . LEU A 1 10 ? -4.731  6.130   9.032   1.00 11.17 ? 10  LEU C CA   1 
ATOM   83   C C    . LEU A 1 10 ? -4.271  6.542   10.419  1.00 10.62 ? 10  LEU C C    1 
ATOM   84   O O    . LEU A 1 10 ? -4.899  6.181   11.420  1.00 11.44 ? 10  LEU C O    1 
ATOM   85   C CB   . LEU A 1 10 ? -5.926  6.991   8.623   1.00 11.72 ? 10  LEU C CB   1 
ATOM   86   C CG   . LEU A 1 10 ? -6.441  6.785   7.201   1.00 13.15 ? 10  LEU C CG   1 
ATOM   87   C CD1  . LEU A 1 10 ? -7.777  7.497   7.034   1.00 14.32 ? 10  LEU C CD1  1 
ATOM   88   C CD2  . LEU A 1 10 ? -5.414  7.287   6.200   1.00 13.37 ? 10  LEU C CD2  1 
ATOM   89   N N    . VAL A 1 11 ? -3.164  7.278   10.473  1.00 9.76  ? 11  VAL C N    1 
ATOM   90   C CA   . VAL A 1 11 ? -2.619  7.768   11.735  1.00 8.95  ? 11  VAL C CA   1 
ATOM   91   C C    . VAL A 1 11 ? -2.255  9.246   11.611  1.00 9.38  ? 11  VAL C C    1 
ATOM   92   O O    . VAL A 1 11 ? -2.208  9.800   10.511  1.00 9.03  ? 11  VAL C O    1 
ATOM   93   C CB   . VAL A 1 11 ? -1.340  7.000   12.178  1.00 8.87  ? 11  VAL C CB   1 
ATOM   94   C CG1  . VAL A 1 11 ? -1.651  5.527   12.415  1.00 8.84  ? 11  VAL C CG1  1 
ATOM   95   C CG2  . VAL A 1 11 ? -0.223  7.173   11.154  1.00 8.76  ? 11  VAL C CG2  1 
ATOM   96   N N    . THR A 1 12 ? -2.055  9.890   12.754  1.00 10.04 ? 12  THR C N    1 
ATOM   97   C CA   . THR A 1 12 ? -1.654  11.287  12.770  1.00 9.35  ? 12  THR C CA   1 
ATOM   98   C C    . THR A 1 12 ? -0.133  11.300  12.781  1.00 9.25  ? 12  THR C C    1 
ATOM   99   O O    . THR A 1 12 ? 0.505   10.506  13.472  1.00 8.27  ? 12  THR C O    1 
ATOM   100  C CB   . THR A 1 12 ? -2.159  12.023  14.023  1.00 10.29 ? 12  THR C CB   1 
ATOM   101  O OG1  . THR A 1 12 ? -3.588  11.969  14.056  1.00 11.51 ? 12  THR C OG1  1 
ATOM   102  C CG2  . THR A 1 12 ? -1.718  13.488  14.001  1.00 9.82  ? 12  THR C CG2  1 
ATOM   103  N N    . ILE A 1 13 ? 0.446   12.176  11.973  1.00 8.88  ? 13  ILE C N    1 
ATOM   104  C CA   . ILE A 1 13 ? 1.892   12.299  11.909  1.00 9.43  ? 13  ILE C CA   1 
ATOM   105  C C    . ILE A 1 13 ? 2.258   13.762  12.113  1.00 9.50  ? 13  ILE C C    1 
ATOM   106  O O    . ILE A 1 13 ? 1.412   14.647  11.978  1.00 10.85 ? 13  ILE C O    1 
ATOM   107  C CB   . ILE A 1 13 ? 2.447   11.851  10.528  1.00 8.68  ? 13  ILE C CB   1 
ATOM   108  C CG1  . ILE A 1 13 ? 1.973   12.808  9.428   1.00 8.28  ? 13  ILE C CG1  1 
ATOM   109  C CG2  . ILE A 1 13 ? 2.000   10.425  10.217  1.00 7.89  ? 13  ILE C CG2  1 
ATOM   110  C CD1  . ILE A 1 13 ? 2.697   12.651  8.104   1.00 7.90  ? 13  ILE C CD1  1 
ATOM   111  N N    . LYS A 1 14 ? 3.503   14.005  12.493  1.00 9.20  ? 14  LYS C N    1 
ATOM   112  C CA   . LYS A 1 14 ? 3.983   15.365  12.650  1.00 9.73  ? 14  LYS C CA   1 
ATOM   113  C C    . LYS A 1 14 ? 5.235   15.468  11.787  1.00 9.31  ? 14  LYS C C    1 
ATOM   114  O O    . LYS A 1 14 ? 6.185   14.696  11.943  1.00 9.11  ? 14  LYS C O    1 
ATOM   115  C CB   . LYS A 1 14 ? 4.284   15.691  14.108  1.00 11.10 ? 14  LYS C CB   1 
ATOM   116  C CG   . LYS A 1 14 ? 4.511   17.177  14.358  1.00 15.49 ? 14  LYS C CG   1 
ATOM   117  C CD   . LYS A 1 14 ? 4.689   17.462  15.842  1.00 19.21 ? 14  LYS C CD   1 
ATOM   118  C CE   . LYS A 1 14 ? 4.903   18.942  16.115  1.00 22.81 ? 14  LYS C CE   1 
ATOM   119  N NZ   . LYS A 1 14 ? 3.697   19.760  15.798  1.00 26.98 ? 14  LYS C NZ   1 
ATOM   120  N N    . ILE A 1 15 ? 5.190   16.374  10.820  1.00 9.06  ? 15  ILE C N    1 
ATOM   121  C CA   . ILE A 1 15 ? 6.303   16.582  9.908   1.00 9.52  ? 15  ILE C CA   1 
ATOM   122  C C    . ILE A 1 15 ? 6.448   18.071  9.624   1.00 10.35 ? 15  ILE C C    1 
ATOM   123  O O    . ILE A 1 15 ? 5.463   18.755  9.321   1.00 9.77  ? 15  ILE C O    1 
ATOM   124  C CB   . ILE A 1 15 ? 6.101   15.796  8.577   1.00 8.84  ? 15  ILE C CB   1 
ATOM   125  C CG1  . ILE A 1 15 ? 7.279   16.051  7.635   1.00 9.15  ? 15  ILE C CG1  1 
ATOM   126  C CG2  . ILE A 1 15 ? 4.754   16.156  7.933   1.00 8.73  ? 15  ILE C CG2  1 
ATOM   127  C CD1  . ILE A 1 15 ? 7.307   15.156  6.417   1.00 9.97  ? 15  ILE C CD1  1 
ATOM   128  N N    . GLY A 1 16 ? 7.675   18.571  9.756   1.00 11.22 ? 16  GLY C N    1 
ATOM   129  C CA   . GLY A 1 16 ? 7.934   19.985  9.520   1.00 11.96 ? 16  GLY C CA   1 
ATOM   130  C C    . GLY A 1 16 ? 7.082   20.883  10.400  1.00 12.17 ? 16  GLY C C    1 
ATOM   131  O O    . GLY A 1 16 ? 6.643   21.949  9.964   1.00 13.77 ? 16  GLY C O    1 
ATOM   132  N N    . GLY A 1 17 ? 6.826   20.427  11.624  1.00 11.73 ? 17  GLY C N    1 
ATOM   133  C CA   . GLY A 1 17 ? 6.020   21.176  12.568  1.00 12.29 ? 17  GLY C CA   1 
ATOM   134  C C    . GLY A 1 17 ? 4.525   21.103  12.305  1.00 13.06 ? 17  GLY C C    1 
ATOM   135  O O    . GLY A 1 17 ? 3.737   21.687  13.048  1.00 14.17 ? 17  GLY C O    1 
ATOM   136  N N    . GLN A 1 18 ? 4.132   20.354  11.278  1.00 11.48 ? 18  GLN C N    1 
ATOM   137  C CA   . GLN A 1 18 ? 2.732   20.226  10.898  1.00 11.01 ? 18  GLN C CA   1 
ATOM   138  C C    . GLN A 1 18 ? 2.113   18.870  11.204  1.00 10.88 ? 18  GLN C C    1 
ATOM   139  O O    . GLN A 1 18 ? 2.728   17.830  10.982  1.00 11.94 ? 18  GLN C O    1 
ATOM   140  C CB   . GLN A 1 18 ? 2.581   20.500  9.398   1.00 9.95  ? 18  GLN C CB   1 
ATOM   141  C CG   . GLN A 1 18 ? 3.078   21.864  8.977   1.00 9.94  ? 18  GLN C CG   1 
ATOM   142  C CD   . GLN A 1 18 ? 3.088   22.062  7.476   1.00 9.86  ? 18  GLN C CD   1 
ATOM   143  O OE1  . GLN A 1 18 ? 4.052   22.582  6.923   1.00 12.14 ? 18  GLN C OE1  1 
ATOM   144  N NE2  . GLN A 1 18 ? 2.006   21.677  6.813   1.00 9.00  ? 18  GLN C NE2  1 
ATOM   145  N N    . LEU A 1 19 ? 0.879   18.896  11.696  1.00 10.76 ? 19  LEU C N    1 
ATOM   146  C CA   . LEU A 1 19 ? 0.137   17.673  11.982  1.00 11.34 ? 19  LEU C CA   1 
ATOM   147  C C    . LEU A 1 19 ? -0.660  17.308  10.728  1.00 11.61 ? 19  LEU C C    1 
ATOM   148  O O    . LEU A 1 19 ? -1.387  18.139  10.177  1.00 11.42 ? 19  LEU C O    1 
ATOM   149  C CB   . LEU A 1 19 ? -0.819  17.875  13.161  1.00 12.22 ? 19  LEU C CB   1 
ATOM   150  C CG   . LEU A 1 19 ? -0.173  18.165  14.517  1.00 12.09 ? 19  LEU C CG   1 
ATOM   151  C CD1  . LEU A 1 19 ? -1.246  18.507  15.523  1.00 14.40 ? 19  LEU C CD1  1 
ATOM   152  C CD2  . LEU A 1 19 ? 0.644   16.972  14.983  1.00 12.98 ? 19  LEU C CD2  1 
ATOM   153  N N    . LYS A 1 20 ? -0.491  16.073  10.263  1.00 10.88 ? 20  LYS C N    1 
ATOM   154  C CA   . LYS A 1 20 ? -1.190  15.583  9.077   1.00 9.44  ? 20  LYS C CA   1 
ATOM   155  C C    . LYS A 1 20 ? -1.694  14.165  9.314   1.00 9.00  ? 20  LYS C C    1 
ATOM   156  O O    . LYS A 1 20 ? -1.244  13.481  10.228  1.00 8.94  ? 20  LYS C O    1 
ATOM   157  C CB   . LYS A 1 20 ? -0.247  15.561  7.870   1.00 8.43  ? 20  LYS C CB   1 
ATOM   158  C CG   . LYS A 1 20 ? 0.194   16.920  7.362   1.00 7.32  ? 20  LYS C CG   1 
ATOM   159  C CD   . LYS A 1 20 ? 1.116   16.770  6.169   1.00 7.47  ? 20  LYS C CD   1 
ATOM   160  C CE   . LYS A 1 20 ? 1.456   18.117  5.565   1.00 8.10  ? 20  LYS C CE   1 
ATOM   161  N NZ   . LYS A 1 20 ? 0.246   18.827  5.069   1.00 7.50  ? 20  LYS C NZ   1 
ATOM   162  N N    . GLU A 1 21 ? -2.670  13.752  8.518   1.00 10.46 ? 21  GLU C N    1 
ATOM   163  C CA   . GLU A 1 21 ? -3.200  12.394  8.608   1.00 10.99 ? 21  GLU C CA   1 
ATOM   164  C C    . GLU A 1 21 ? -2.488  11.624  7.500   1.00 9.79  ? 21  GLU C C    1 
ATOM   165  O O    . GLU A 1 21 ? -2.322  12.142  6.398   1.00 8.83  ? 21  GLU C O    1 
ATOM   166  C CB   . GLU A 1 21 ? -4.706  12.379  8.371   1.00 12.97 ? 21  GLU C CB   1 
ATOM   167  C CG   . GLU A 1 21 ? -5.320  10.992  8.406   1.00 17.60 ? 21  GLU C CG   1 
ATOM   168  C CD   . GLU A 1 21 ? -6.810  11.003  8.102   1.00 20.94 ? 21  GLU C CD   1 
ATOM   169  O OE1  . GLU A 1 21 ? -7.177  11.110  6.910   1.00 22.46 ? 21  GLU C OE1  1 
ATOM   170  O OE2  . GLU A 1 21 ? -7.614  10.899  9.052   1.00 22.94 ? 21  GLU C OE2  1 
ATOM   171  N N    . ALA A 1 22 ? -2.042  10.409  7.801   1.00 8.86  ? 22  ALA C N    1 
ATOM   172  C CA   . ALA A 1 22 ? -1.338  9.609   6.816   1.00 7.13  ? 22  ALA C CA   1 
ATOM   173  C C    . ALA A 1 22 ? -1.747  8.153   6.864   1.00 7.06  ? 22  ALA C C    1 
ATOM   174  O O    . ALA A 1 22 ? -2.184  7.650   7.892   1.00 6.35  ? 22  ALA C O    1 
ATOM   175  C CB   . ALA A 1 22 ? 0.166   9.746   6.999   1.00 8.00  ? 22  ALA C CB   1 
ATOM   176  N N    . LEU A 1 23 ? -1.602  7.501   5.716   1.00 6.97  ? 23  LEU C N    1 
ATOM   177  C CA   . LEU A 1 23 ? -1.941  6.096   5.527   1.00 6.66  ? 23  LEU C CA   1 
ATOM   178  C C    . LEU A 1 23 ? -0.696  5.214   5.635   1.00 6.52  ? 23  LEU C C    1 
ATOM   179  O O    . LEU A 1 23 ? 0.296   5.456   4.946   1.00 6.22  ? 23  LEU C O    1 
ATOM   180  C CB   . LEU A 1 23 ? -2.564  5.923   4.136   1.00 6.84  ? 23  LEU C CB   1 
ATOM   181  C CG   . LEU A 1 23 ? -2.861  4.525   3.589   1.00 6.64  ? 23  LEU C CG   1 
ATOM   182  C CD1  . LEU A 1 23 ? -4.017  3.925   4.344   1.00 8.29  ? 23  LEU C CD1  1 
ATOM   183  C CD2  . LEU A 1 23 ? -3.200  4.625   2.118   1.00 7.65  ? 23  LEU C CD2  1 
ATOM   184  N N    . LEU A 1 24 ? -0.746  4.208   6.510   1.00 6.84  ? 24  LEU C N    1 
ATOM   185  C CA   . LEU A 1 24 ? 0.369   3.275   6.675   1.00 6.42  ? 24  LEU C CA   1 
ATOM   186  C C    . LEU A 1 24 ? 0.242   2.302   5.514   1.00 7.14  ? 24  LEU C C    1 
ATOM   187  O O    . LEU A 1 24 ? -0.650  1.451   5.495   1.00 8.53  ? 24  LEU C O    1 
ATOM   188  C CB   . LEU A 1 24 ? 0.269   2.551   8.012   1.00 6.70  ? 24  LEU C CB   1 
ATOM   189  C CG   . LEU A 1 24 ? 0.224   3.466   9.239   1.00 7.22  ? 24  LEU C CG   1 
ATOM   190  C CD1  . LEU A 1 24 ? 0.212   2.616   10.496  1.00 9.08  ? 24  LEU C CD1  1 
ATOM   191  C CD2  . LEU A 1 24 ? 1.408   4.430   9.249   1.00 6.68  ? 24  LEU C CD2  1 
ATOM   192  N N    . ASP A 1 25 ? 1.127   2.459   4.534   1.00 7.09  ? 25  ASP C N    1 
ATOM   193  C CA   . ASP A 1 25 ? 1.097   1.669   3.308   1.00 6.60  ? 25  ASP C CA   1 
ATOM   194  C C    . ASP A 1 25 ? 2.260   0.700   3.121   1.00 5.79  ? 25  ASP C C    1 
ATOM   195  O O    . ASP A 1 25 ? 3.330   1.091   2.657   1.00 5.31  ? 25  ASP C O    1 
ATOM   196  C CB   . ASP A 1 25 ? 1.029   2.647   2.122   1.00 7.66  ? 25  ASP C CB   1 
ATOM   197  C CG   . ASP A 1 25 ? 0.733   1.969   0.790   1.00 9.06  ? 25  ASP C CG   1 
ATOM   198  O OD1  . ASP A 1 25 ? 0.555   0.743   0.754   1.00 8.52  ? 25  ASP C OD1  1 
ATOM   199  O OD2  . ASP A 1 25 ? 0.663   2.676   -0.236  1.00 10.22 ? 25  ASP C OD2  1 
ATOM   200  N N    . THR A 1 26 ? 2.025   -0.578  3.417   1.00 5.66  ? 26  THR C N    1 
ATOM   201  C CA   . THR A 1 26 ? 3.054   -1.603  3.238   1.00 4.88  ? 26  THR C CA   1 
ATOM   202  C C    . THR A 1 26 ? 3.380   -1.842  1.755   1.00 5.47  ? 26  THR C C    1 
ATOM   203  O O    . THR A 1 26 ? 4.396   -2.466  1.438   1.00 7.00  ? 26  THR C O    1 
ATOM   204  C CB   . THR A 1 26 ? 2.655   -2.950  3.893   1.00 4.98  ? 26  THR C CB   1 
ATOM   205  O OG1  . THR A 1 26 ? 1.390   -3.384  3.384   1.00 5.13  ? 26  THR C OG1  1 
ATOM   206  C CG2  . THR A 1 26 ? 2.562   -2.813  5.398   1.00 4.01  ? 26  THR C CG2  1 
ATOM   207  N N    . GLY A 1 27 ? 2.525   -1.344  0.863   1.00 4.22  ? 27  GLY C N    1 
ATOM   208  C CA   . GLY A 1 27 ? 2.739   -1.489  -0.571  1.00 4.36  ? 27  GLY C CA   1 
ATOM   209  C C    . GLY A 1 27 ? 3.499   -0.320  -1.190  1.00 5.21  ? 27  GLY C C    1 
ATOM   210  O O    . GLY A 1 27 ? 3.660   -0.244  -2.407  1.00 4.81  ? 27  GLY C O    1 
ATOM   211  N N    . ALA A 1 28 ? 3.962   0.600   -0.343  1.00 6.26  ? 28  ALA C N    1 
ATOM   212  C CA   . ALA A 1 28 ? 4.717   1.769   -0.791  1.00 5.26  ? 28  ALA C CA   1 
ATOM   213  C C    . ALA A 1 28 ? 6.174   1.671   -0.374  1.00 4.86  ? 28  ALA C C    1 
ATOM   214  O O    . ALA A 1 28 ? 6.477   1.508   0.810   1.00 5.29  ? 28  ALA C O    1 
ATOM   215  C CB   . ALA A 1 28 ? 4.110   3.039   -0.215  1.00 5.15  ? 28  ALA C CB   1 
ATOM   216  N N    . ASP A 1 29 ? 7.072   1.760   -1.351  1.00 5.59  ? 29  ASP C N    1 
ATOM   217  C CA   . ASP A 1 29 ? 8.507   1.718   -1.087  1.00 5.50  ? 29  ASP C CA   1 
ATOM   218  C C    . ASP A 1 29 ? 8.961   2.976   -0.348  1.00 6.02  ? 29  ASP C C    1 
ATOM   219  O O    . ASP A 1 29 ? 9.854   2.925   0.499   1.00 6.52  ? 29  ASP C O    1 
ATOM   220  C CB   . ASP A 1 29 ? 9.288   1.678   -2.397  1.00 6.06  ? 29  ASP C CB   1 
ATOM   221  C CG   . ASP A 1 29 ? 9.117   0.387   -3.155  1.00 6.49  ? 29  ASP C CG   1 
ATOM   222  O OD1  . ASP A 1 29 ? 8.569   -0.598  -2.618  1.00 5.57  ? 29  ASP C OD1  1 
ATOM   223  O OD2  . ASP A 1 29 ? 9.570   0.368   -4.310  1.00 8.81  ? 29  ASP C OD2  1 
ATOM   224  N N    . ASN A 1 30 ? 8.352   4.105   -0.707  1.00 6.26  ? 30  ASN C N    1 
ATOM   225  C CA   . ASN A 1 30 ? 8.703   5.402   -0.147  1.00 6.10  ? 30  ASN C CA   1 
ATOM   226  C C    . ASN A 1 30 ? 7.574   6.091   0.598   1.00 5.55  ? 30  ASN C C    1 
ATOM   227  O O    . ASN A 1 30 ? 6.415   5.687   0.531   1.00 6.37  ? 30  ASN C O    1 
ATOM   228  C CB   . ASN A 1 30 ? 9.155   6.335   -1.274  1.00 7.76  ? 30  ASN C CB   1 
ATOM   229  C CG   . ASN A 1 30 ? 10.032  5.644   -2.294  1.00 10.09 ? 30  ASN C CG   1 
ATOM   230  O OD1  . ASN A 1 30 ? 9.696   5.594   -3.470  1.00 14.21 ? 30  ASN C OD1  1 
ATOM   231  N ND2  . ASN A 1 30 ? 11.152  5.099   -1.848  1.00 11.25 ? 30  ASN C ND2  1 
ATOM   232  N N    . THR A 1 31 ? 7.941   7.156   1.297   1.00 5.40  ? 31  THR C N    1 
ATOM   233  C CA   . THR A 1 31 ? 7.000   7.967   2.041   1.00 5.65  ? 31  THR C CA   1 
ATOM   234  C C    . THR A 1 31 ? 6.709   9.173   1.151   1.00 6.07  ? 31  THR C C    1 
ATOM   235  O O    . THR A 1 31 ? 7.629   9.838   0.664   1.00 5.46  ? 31  THR C O    1 
ATOM   236  C CB   . THR A 1 31 ? 7.592   8.384   3.393   1.00 5.75  ? 31  THR C CB   1 
ATOM   237  O OG1  . THR A 1 31 ? 7.772   7.211   4.199   1.00 6.39  ? 31  THR C OG1  1 
ATOM   238  C CG2  . THR A 1 31 ? 6.667   9.349   4.118   1.00 4.61  ? 31  THR C CG2  1 
ATOM   239  N N    . VAL A 1 32 ? 5.428   9.421   0.908   1.00 5.04  ? 32  VAL C N    1 
ATOM   240  C CA   . VAL A 1 32 ? 5.014   10.507  0.031   1.00 6.03  ? 32  VAL C CA   1 
ATOM   241  C C    . VAL A 1 32 ? 4.014   11.410  0.740   1.00 6.42  ? 32  VAL C C    1 
ATOM   242  O O    . VAL A 1 32 ? 2.970   10.956  1.221   1.00 5.69  ? 32  VAL C O    1 
ATOM   243  C CB   . VAL A 1 32 ? 4.379   9.947   -1.266  1.00 6.60  ? 32  VAL C CB   1 
ATOM   244  C CG1  . VAL A 1 32 ? 4.287   11.042  -2.330  1.00 7.49  ? 32  VAL C CG1  1 
ATOM   245  C CG2  . VAL A 1 32 ? 5.186   8.741   -1.782  1.00 7.70  ? 32  VAL C CG2  1 
ATOM   246  N N    . ILE A 1 33 ? 4.332   12.701  0.774   1.00 6.31  ? 33  ILE C N    1 
ATOM   247  C CA   . ILE A 1 33 ? 3.490   13.681  1.449   1.00 6.22  ? 33  ILE C CA   1 
ATOM   248  C C    . ILE A 1 33 ? 3.028   14.777  0.485   1.00 6.47  ? 33  ILE C C    1 
ATOM   249  O O    . ILE A 1 33 ? 3.744   15.131  -0.459  1.00 6.38  ? 33  ILE C O    1 
ATOM   250  C CB   . ILE A 1 33 ? 4.265   14.315  2.643   1.00 5.34  ? 33  ILE C CB   1 
ATOM   251  C CG1  . ILE A 1 33 ? 4.813   13.215  3.573   1.00 4.30  ? 33  ILE C CG1  1 
ATOM   252  C CG2  . ILE A 1 33 ? 3.383   15.311  3.407   1.00 5.05  ? 33  ILE C CG2  1 
ATOM   253  C CD1  . ILE A 1 33 ? 3.752   12.382  4.286   1.00 4.29  ? 33  ILE C CD1  1 
ATOM   254  N N    . GLU A 1 34 ? 1.814   15.281  0.716   1.00 6.76  ? 34  GLU C N    1 
ATOM   255  C CA   . GLU A 1 34 ? 1.219   16.347  -0.091  1.00 7.55  ? 34  GLU C CA   1 
ATOM   256  C C    . GLU A 1 34 ? 2.108   17.586  -0.025  1.00 7.82  ? 34  GLU C C    1 
ATOM   257  O O    . GLU A 1 34 ? 2.909   17.730  0.905   1.00 7.82  ? 34  GLU C O    1 
ATOM   258  C CB   . GLU A 1 34 ? -0.180  16.678  0.436   1.00 8.77  ? 34  GLU C CB   1 
ATOM   259  C CG   . GLU A 1 34 ? -0.190  17.260  1.849   1.00 9.27  ? 34  GLU C CG   1 
ATOM   260  C CD   . GLU A 1 34 ? -1.527  17.095  2.554   1.00 10.77 ? 34  GLU C CD   1 
ATOM   261  O OE1  . GLU A 1 34 ? -2.554  16.872  1.877   1.00 13.11 ? 34  GLU C OE1  1 
ATOM   262  O OE2  . GLU A 1 34 ? -1.547  17.175  3.797   1.00 10.96 ? 34  GLU C OE2  1 
ATOM   263  N N    . GLU A 1 35 ? 1.943   18.490  -0.983  1.00 7.53  ? 35  GLU C N    1 
ATOM   264  C CA   . GLU A 1 35 ? 2.769   19.687  -1.028  1.00 7.99  ? 35  GLU C CA   1 
ATOM   265  C C    . GLU A 1 35 ? 2.928   20.401  0.294   1.00 6.81  ? 35  GLU C C    1 
ATOM   266  O O    . GLU A 1 35 ? 1.960   20.714  0.977   1.00 6.85  ? 35  GLU C O    1 
ATOM   267  C CB   . GLU A 1 35 ? 2.279   20.675  -2.088  1.00 8.81  ? 35  GLU C CB   1 
ATOM   268  C CG   . GLU A 1 35 ? 2.610   20.273  -3.512  1.00 10.64 ? 35  GLU C CG   1 
ATOM   269  C CD   . GLU A 1 35 ? 4.108   20.214  -3.796  1.00 12.89 ? 35  GLU C CD   1 
ATOM   270  O OE1  . GLU A 1 35 ? 4.909   20.764  -3.006  1.00 10.95 ? 35  GLU C OE1  1 
ATOM   271  O OE2  . GLU A 1 35 ? 4.481   19.609  -4.827  1.00 14.25 ? 35  GLU C OE2  1 
ATOM   272  N N    . MET A 1 36 ? 4.185   20.591  0.660   1.00 7.90  ? 36  MET C N    1 
ATOM   273  C CA   . MET A 1 36 ? 4.553   21.279  1.880   1.00 7.94  ? 36  MET C CA   1 
ATOM   274  C C    . MET A 1 36 ? 6.016   21.671  1.736   1.00 8.65  ? 36  MET C C    1 
ATOM   275  O O    . MET A 1 36 ? 6.715   21.204  0.835   1.00 7.33  ? 36  MET C O    1 
ATOM   276  C CB   . MET A 1 36 ? 4.372   20.375  3.106   1.00 7.23  ? 36  MET C CB   1 
ATOM   277  C CG   . MET A 1 36 ? 5.374   19.234  3.206   1.00 8.00  ? 36  MET C CG   1 
ATOM   278  S SD   . MET A 1 36 ? 5.230   18.346  4.760   1.00 7.84  ? 36  MET C SD   1 
ATOM   279  C CE   . MET A 1 36 ? 5.772   19.581  5.915   1.00 7.34  ? 36  MET C CE   1 
ATOM   280  N N    . SER A 1 37 ? 6.455   22.551  2.625   1.00 9.85  ? 37  SER C N    1 
ATOM   281  C CA   . SER A 1 37 ? 7.829   23.022  2.647   1.00 11.79 ? 37  SER C CA   1 
ATOM   282  C C    . SER A 1 37 ? 8.682   22.155  3.580   1.00 10.39 ? 37  SER C C    1 
ATOM   283  O O    . SER A 1 37 ? 8.262   21.812  4.686   1.00 9.51  ? 37  SER C O    1 
ATOM   284  C CB   . SER A 1 37 ? 7.859   24.480  3.122   1.00 13.44 ? 37  SER C CB   1 
ATOM   285  O OG   . SER A 1 37 ? 9.178   24.897  3.422   1.00 19.82 ? 37  SER C OG   1 
ATOM   286  N N    . LEU A 1 38 ? 9.853   21.756  3.097   1.00 10.26 ? 38  LEU C N    1 
ATOM   287  C CA   . LEU A 1 38 ? 10.786  20.967  3.896   1.00 10.95 ? 38  LEU C CA   1 
ATOM   288  C C    . LEU A 1 38 ? 12.159  21.592  3.747   1.00 11.49 ? 38  LEU C C    1 
ATOM   289  O O    . LEU A 1 38 ? 12.471  22.180  2.712   1.00 10.13 ? 38  LEU C O    1 
ATOM   290  C CB   . LEU A 1 38 ? 10.831  19.497  3.457   1.00 9.27  ? 38  LEU C CB   1 
ATOM   291  C CG   . LEU A 1 38 ? 9.669   18.606  3.896   1.00 8.63  ? 38  LEU C CG   1 
ATOM   292  C CD1  . LEU A 1 38 ? 9.882   17.193  3.369   1.00 8.81  ? 38  LEU C CD1  1 
ATOM   293  C CD2  . LEU A 1 38 ? 9.556   18.590  5.411   1.00 8.32  ? 38  LEU C CD2  1 
ATOM   294  N N    . PRO A 1 39 ? 12.980  21.515  4.805   1.00 13.67 ? 39  PRO C N    1 
ATOM   295  C CA   . PRO A 1 39 ? 14.333  22.080  4.780   1.00 14.29 ? 39  PRO C CA   1 
ATOM   296  C C    . PRO A 1 39 ? 15.303  21.211  3.987   1.00 14.04 ? 39  PRO C C    1 
ATOM   297  O O    . PRO A 1 39 ? 15.068  20.014  3.786   1.00 13.97 ? 39  PRO C O    1 
ATOM   298  C CB   . PRO A 1 39 ? 14.708  22.102  6.260   1.00 14.84 ? 39  PRO C CB   1 
ATOM   299  C CG   . PRO A 1 39 ? 14.017  20.863  6.791   1.00 14.38 ? 39  PRO C CG   1 
ATOM   300  C CD   . PRO A 1 39 ? 12.658  20.969  6.140   1.00 14.14 ? 39  PRO C CD   1 
ATOM   301  N N    . GLY A 1 40 ? 16.385  21.832  3.528   1.00 14.57 ? 40  GLY C N    1 
ATOM   302  C CA   . GLY A 1 40 ? 17.406  21.111  2.792   1.00 15.08 ? 40  GLY C CA   1 
ATOM   303  C C    . GLY A 1 40 ? 17.246  21.078  1.291   1.00 15.06 ? 40  GLY C C    1 
ATOM   304  O O    . GLY A 1 40 ? 16.247  21.532  0.734   1.00 15.67 ? 40  GLY C O    1 
ATOM   305  N N    . ARG A 1 41 ? 18.267  20.542  0.635   1.00 15.93 ? 41  ARG C N    1 
ATOM   306  C CA   . ARG A 1 41 ? 18.281  20.424  -0.812  1.00 17.27 ? 41  ARG C CA   1 
ATOM   307  C C    . ARG A 1 41 ? 17.376  19.264  -1.225  1.00 15.35 ? 41  ARG C C    1 
ATOM   308  O O    . ARG A 1 41 ? 17.065  18.390  -0.418  1.00 15.32 ? 41  ARG C O    1 
ATOM   309  C CB   . ARG A 1 41 ? 19.714  20.176  -1.294  1.00 21.08 ? 41  ARG C CB   1 
ATOM   310  C CG   . ARG A 1 41 ? 19.884  20.232  -2.804  1.00 28.31 ? 41  ARG C CG   1 
ATOM   311  C CD   . ARG A 1 41 ? 19.830  21.666  -3.333  1.00 32.10 ? 41  ARG C CD   1 
ATOM   312  N NE   . ARG A 1 41 ? 19.363  21.700  -4.717  1.00 34.84 ? 41  ARG C NE   1 
ATOM   313  C CZ   . ARG A 1 41 ? 18.080  21.762  -5.063  1.00 35.47 ? 41  ARG C CZ   1 
ATOM   314  N NH1  . ARG A 1 41 ? 17.145  21.805  -4.120  1.00 34.91 ? 41  ARG C NH1  1 
ATOM   315  N NH2  . ARG A 1 41 ? 17.730  21.756  -6.344  1.00 35.92 ? 41  ARG C NH2  1 
ATOM   316  N N    . TRP A 1 42 ? 16.936  19.268  -2.475  1.00 13.53 ? 42  TRP C N    1 
ATOM   317  C CA   . TRP A 1 42 ? 16.078  18.202  -2.961  1.00 12.50 ? 42  TRP C CA   1 
ATOM   318  C C    . TRP A 1 42 ? 16.390  17.890  -4.411  1.00 13.06 ? 42  TRP C C    1 
ATOM   319  O O    . TRP A 1 42 ? 17.045  18.674  -5.100  1.00 12.91 ? 42  TRP C O    1 
ATOM   320  C CB   . TRP A 1 42 ? 14.604  18.591  -2.816  1.00 11.35 ? 42  TRP C CB   1 
ATOM   321  C CG   . TRP A 1 42 ? 14.236  19.813  -3.576  1.00 11.47 ? 42  TRP C CG   1 
ATOM   322  C CD1  . TRP A 1 42 ? 14.277  21.097  -3.125  1.00 12.42 ? 42  TRP C CD1  1 
ATOM   323  C CD2  . TRP A 1 42 ? 13.814  19.876  -4.940  1.00 11.79 ? 42  TRP C CD2  1 
ATOM   324  N NE1  . TRP A 1 42 ? 13.915  21.963  -4.129  1.00 13.27 ? 42  TRP C NE1  1 
ATOM   325  C CE2  . TRP A 1 42 ? 13.624  21.239  -5.255  1.00 13.44 ? 42  TRP C CE2  1 
ATOM   326  C CE3  . TRP A 1 42 ? 13.580  18.913  -5.929  1.00 12.30 ? 42  TRP C CE3  1 
ATOM   327  C CZ2  . TRP A 1 42 ? 13.212  21.665  -6.525  1.00 13.91 ? 42  TRP C CZ2  1 
ATOM   328  C CZ3  . TRP A 1 42 ? 13.170  19.333  -7.190  1.00 13.57 ? 42  TRP C CZ3  1 
ATOM   329  C CH2  . TRP A 1 42 ? 12.992  20.700  -7.476  1.00 14.26 ? 42  TRP C CH2  1 
ATOM   330  N N    . LYS A 1 43 ? 15.946  16.723  -4.860  1.00 12.49 ? 43  LYS C N    1 
ATOM   331  C CA   . LYS A 1 43 ? 16.142  16.321  -6.244  1.00 12.76 ? 43  LYS C CA   1 
ATOM   332  C C    . LYS A 1 43 ? 14.828  15.735  -6.742  1.00 11.45 ? 43  LYS C C    1 
ATOM   333  O O    . LYS A 1 43 ? 14.049  15.177  -5.961  1.00 10.49 ? 43  LYS C O    1 
ATOM   334  C CB   . LYS A 1 43 ? 17.290  15.313  -6.380  1.00 15.14 ? 43  LYS C CB   1 
ATOM   335  C CG   . LYS A 1 43 ? 17.104  13.995  -5.638  1.00 19.20 ? 43  LYS C CG   1 
ATOM   336  C CD   . LYS A 1 43 ? 18.261  13.047  -5.923  1.00 22.91 ? 43  LYS C CD   1 
ATOM   337  C CE   . LYS A 1 43 ? 18.342  12.725  -7.408  1.00 25.97 ? 43  LYS C CE   1 
ATOM   338  N NZ   . LYS A 1 43 ? 19.523  11.880  -7.755  1.00 29.21 ? 43  LYS C NZ   1 
ATOM   339  N N    . PRO A 1 44 ? 14.524  15.935  -8.034  1.00 10.86 ? 44  PRO C N    1 
ATOM   340  C CA   . PRO A 1 44 ? 13.279  15.404  -8.588  1.00 10.54 ? 44  PRO C CA   1 
ATOM   341  C C    . PRO A 1 44 ? 13.273  13.877  -8.730  1.00 10.28 ? 44  PRO C C    1 
ATOM   342  O O    . PRO A 1 44 ? 14.320  13.238  -8.892  1.00 10.23 ? 44  PRO C O    1 
ATOM   343  C CB   . PRO A 1 44 ? 13.179  16.114  -9.937  1.00 10.39 ? 44  PRO C CB   1 
ATOM   344  C CG   . PRO A 1 44 ? 14.605  16.320  -10.317 1.00 10.99 ? 44  PRO C CG   1 
ATOM   345  C CD   . PRO A 1 44 ? 15.238  16.760  -9.023  1.00 10.84 ? 44  PRO C CD   1 
ATOM   346  N N    . LYS A 1 45 ? 12.078  13.305  -8.642  1.00 9.52  ? 45  LYS C N    1 
ATOM   347  C CA   . LYS A 1 45 ? 11.899  11.869  -8.753  1.00 9.50  ? 45  LYS C CA   1 
ATOM   348  C C    . LYS A 1 45 ? 10.526  11.579  -9.339  1.00 8.62  ? 45  LYS C C    1 
ATOM   349  O O    . LYS A 1 45 ? 9.612   12.385  -9.210  1.00 8.20  ? 45  LYS C O    1 
ATOM   350  C CB   . LYS A 1 45 ? 12.021  11.218  -7.371  1.00 10.19 ? 45  LYS C CB   1 
ATOM   351  C CG   . LYS A 1 45 ? 12.063  9.710   -7.426  1.00 12.21 ? 45  LYS C CG   1 
ATOM   352  C CD   . LYS A 1 45 ? 12.234  9.077   -6.065  1.00 15.01 ? 45  LYS C CD   1 
ATOM   353  C CE   . LYS A 1 45 ? 12.388  7.570   -6.218  1.00 16.50 ? 45  LYS C CE   1 
ATOM   354  N NZ   . LYS A 1 45 ? 12.530  6.876   -4.919  1.00 19.33 ? 45  LYS C NZ   1 
ATOM   355  N N    . MET A 1 46 ? 10.417  10.472  -10.068 1.00 8.07  ? 46  MET C N    1 
ATOM   356  C CA   . MET A 1 46 ? 9.135   10.053  -10.625 1.00 8.45  ? 46  MET C CA   1 
ATOM   357  C C    . MET A 1 46 ? 8.758   8.768   -9.898  1.00 7.91  ? 46  MET C C    1 
ATOM   358  O O    . MET A 1 46 ? 9.578   7.848   -9.772  1.00 7.95  ? 46  MET C O    1 
ATOM   359  C CB   . MET A 1 46 ? 9.236   9.795   -12.134 1.00 10.59 ? 46  MET C CB   1 
ATOM   360  C CG   . MET A 1 46 ? 9.260   11.052  -12.987 1.00 13.21 ? 46  MET C CG   1 
ATOM   361  S SD   . MET A 1 46 ? 7.635   11.769  -13.122 1.00 15.84 ? 46  MET C SD   1 
ATOM   362  C CE   . MET A 1 46 ? 7.029   10.930  -14.566 1.00 17.49 ? 46  MET C CE   1 
ATOM   363  N N    . ILE A 1 47 ? 7.546   8.731   -9.357  1.00 6.41  ? 47  ILE C N    1 
ATOM   364  C CA   . ILE A 1 47 ? 7.071   7.554   -8.644  1.00 7.44  ? 47  ILE C CA   1 
ATOM   365  C C    . ILE A 1 47 ? 5.777   7.073   -9.287  1.00 7.74  ? 47  ILE C C    1 
ATOM   366  O O    . ILE A 1 47 ? 4.954   7.878   -9.727  1.00 7.55  ? 47  ILE C O    1 
ATOM   367  C CB   . ILE A 1 47 ? 6.864   7.832   -7.133  1.00 7.52  ? 47  ILE C CB   1 
ATOM   368  C CG1  . ILE A 1 47 ? 5.920   9.019   -6.928  1.00 7.85  ? 47  ILE C CG1  1 
ATOM   369  C CG2  . ILE A 1 47 ? 8.220   8.068   -6.452  1.00 7.84  ? 47  ILE C CG2  1 
ATOM   370  C CD1  . ILE A 1 47 ? 5.582   9.298   -5.467  1.00 7.77  ? 47  ILE C CD1  1 
ATOM   371  N N    . GLY A 1 48 ? 5.610   5.755   -9.356  1.00 8.29  ? 48  GLY C N    1 
ATOM   372  C CA   . GLY A 1 48 ? 4.425   5.208   -9.986  1.00 9.23  ? 48  GLY C CA   1 
ATOM   373  C C    . GLY A 1 48 ? 3.660   4.164   -9.203  1.00 9.76  ? 48  GLY C C    1 
ATOM   374  O O    . GLY A 1 48 ? 4.130   3.639   -8.193  1.00 9.71  ? 48  GLY C O    1 
ATOM   375  N N    . GLY A 1 49 ? 2.465   3.872   -9.700  1.00 9.37  ? 49  GLY C N    1 
ATOM   376  C CA   . GLY A 1 49 ? 1.584   2.894   -9.089  1.00 8.88  ? 49  GLY C CA   1 
ATOM   377  C C    . GLY A 1 49 ? 0.304   2.897   -9.892  1.00 7.57  ? 49  GLY C C    1 
ATOM   378  O O    . GLY A 1 49 ? 0.340   3.195   -11.081 1.00 7.67  ? 49  GLY C O    1 
ATOM   379  N N    . ILE A 1 50 ? -0.821  2.581   -9.254  1.00 8.76  ? 50  ILE C N    1 
ATOM   380  C CA   . ILE A 1 50 ? -2.119  2.574   -9.936  1.00 9.17  ? 50  ILE C CA   1 
ATOM   381  C C    . ILE A 1 50 ? -2.375  3.956   -10.528 1.00 9.44  ? 50  ILE C C    1 
ATOM   382  O O    . ILE A 1 50 ? -2.275  4.971   -9.828  1.00 9.20  ? 50  ILE C O    1 
ATOM   383  C CB   . ILE A 1 50 ? -3.285  2.254   -8.957  1.00 10.19 ? 50  ILE C CB   1 
ATOM   384  C CG1  . ILE A 1 50 ? -3.131  0.855   -8.359  1.00 12.81 ? 50  ILE C CG1  1 
ATOM   385  C CG2  . ILE A 1 50 ? -4.638  2.406   -9.655  1.00 10.40 ? 50  ILE C CG2  1 
ATOM   386  C CD1  . ILE A 1 50 ? -3.167  -0.245  -9.358  1.00 11.79 ? 50  ILE C CD1  1 
ATOM   387  N N    . GLY A 1 51 ? -2.692  3.994   -11.817 1.00 9.32  ? 51  GLY C N    1 
ATOM   388  C CA   . GLY A 1 51 ? -2.968  5.262   -12.462 1.00 9.63  ? 51  GLY C CA   1 
ATOM   389  C C    . GLY A 1 51 ? -1.762  5.903   -13.115 1.00 9.97  ? 51  GLY C C    1 
ATOM   390  O O    . GLY A 1 51 ? -1.912  6.874   -13.849 1.00 11.63 ? 51  GLY C O    1 
ATOM   391  N N    . GLY A 1 52 ? -0.568  5.389   -12.837 1.00 8.95  ? 52  GLY C N    1 
ATOM   392  C CA   . GLY A 1 52 ? 0.624   5.951   -13.450 1.00 8.65  ? 52  GLY C CA   1 
ATOM   393  C C    . GLY A 1 52 ? 1.635   6.596   -12.516 1.00 9.19  ? 52  GLY C C    1 
ATOM   394  O O    . GLY A 1 52 ? 1.750   6.219   -11.348 1.00 9.45  ? 52  GLY C O    1 
ATOM   395  N N    . PHE A 1 53 ? 2.342   7.599   -13.035 1.00 8.29  ? 53  PHE C N    1 
ATOM   396  C CA   . PHE A 1 53 ? 3.383   8.306   -12.292 1.00 7.69  ? 53  PHE C CA   1 
ATOM   397  C C    . PHE A 1 53 ? 3.077   9.756   -11.973 1.00 8.63  ? 53  PHE C C    1 
ATOM   398  O O    . PHE A 1 53 ? 2.258   10.401  -12.642 1.00 8.19  ? 53  PHE C O    1 
ATOM   399  C CB   . PHE A 1 53 ? 4.679   8.320   -13.105 1.00 6.84  ? 53  PHE C CB   1 
ATOM   400  C CG   . PHE A 1 53 ? 5.272   6.974   -13.327 1.00 6.73  ? 53  PHE C CG   1 
ATOM   401  C CD1  . PHE A 1 53 ? 4.701   6.087   -14.231 1.00 6.62  ? 53  PHE C CD1  1 
ATOM   402  C CD2  . PHE A 1 53 ? 6.409   6.588   -12.628 1.00 7.62  ? 53  PHE C CD2  1 
ATOM   403  C CE1  . PHE A 1 53 ? 5.252   4.837   -14.435 1.00 6.03  ? 53  PHE C CE1  1 
ATOM   404  C CE2  . PHE A 1 53 ? 6.966   5.342   -12.824 1.00 7.78  ? 53  PHE C CE2  1 
ATOM   405  C CZ   . PHE A 1 53 ? 6.384   4.462   -13.731 1.00 6.62  ? 53  PHE C CZ   1 
ATOM   406  N N    . ILE A 1 54 ? 3.757   10.258  -10.943 1.00 8.11  ? 54  ILE C N    1 
ATOM   407  C CA   . ILE A 1 54 ? 3.679   11.666  -10.543 1.00 7.92  ? 54  ILE C CA   1 
ATOM   408  C C    . ILE A 1 54 ? 5.106   12.112  -10.214 1.00 8.09  ? 54  ILE C C    1 
ATOM   409  O O    . ILE A 1 54 ? 5.955   11.303  -9.812  1.00 8.22  ? 54  ILE C O    1 
ATOM   410  C CB   . ILE A 1 54 ? 2.754   11.947  -9.324  1.00 7.82  ? 54  ILE C CB   1 
ATOM   411  C CG1  . ILE A 1 54 ? 3.230   11.194  -8.079  1.00 8.99  ? 54  ILE C CG1  1 
ATOM   412  C CG2  . ILE A 1 54 ? 1.310   11.633  -9.672  1.00 8.13  ? 54  ILE C CG2  1 
ATOM   413  C CD1  . ILE A 1 54 ? 2.526   11.633  -6.807  1.00 8.76  ? 54  ILE C CD1  1 
ATOM   414  N N    . LYS A 1 55 ? 5.391   13.381  -10.471 1.00 7.81  ? 55  LYS C N    1 
ATOM   415  C CA   . LYS A 1 55 ? 6.706   13.939  -10.201 1.00 7.48  ? 55  LYS C CA   1 
ATOM   416  C C    . LYS A 1 55 ? 6.695   14.494  -8.783  1.00 6.60  ? 55  LYS C C    1 
ATOM   417  O O    . LYS A 1 55 ? 5.742   15.158  -8.371  1.00 6.43  ? 55  LYS C O    1 
ATOM   418  C CB   . LYS A 1 55 ? 7.016   15.041  -11.208 1.00 8.51  ? 55  LYS C CB   1 
ATOM   419  C CG   . LYS A 1 55 ? 8.428   15.573  -11.176 1.00 11.82 ? 55  LYS C CG   1 
ATOM   420  C CD   . LYS A 1 55 ? 8.681   16.372  -12.444 1.00 16.40 ? 55  LYS C CD   1 
ATOM   421  C CE   . LYS A 1 55 ? 10.048  17.038  -12.449 1.00 21.97 ? 55  LYS C CE   1 
ATOM   422  N NZ   . LYS A 1 55 ? 10.101  18.232  -11.553 1.00 24.25 ? 55  LYS C NZ   1 
ATOM   423  N N    . VAL A 1 56 ? 7.742   14.177  -8.030  1.00 6.52  ? 56  VAL C N    1 
ATOM   424  C CA   . VAL A 1 56 ? 7.868   14.621  -6.644  1.00 6.67  ? 56  VAL C CA   1 
ATOM   425  C C    . VAL A 1 56 ? 9.272   15.157  -6.357  1.00 7.14  ? 56  VAL C C    1 
ATOM   426  O O    . VAL A 1 56 ? 10.192  14.977  -7.158  1.00 7.66  ? 56  VAL C O    1 
ATOM   427  C CB   . VAL A 1 56 ? 7.577   13.456  -5.652  1.00 6.59  ? 56  VAL C CB   1 
ATOM   428  C CG1  . VAL A 1 56 ? 6.141   12.967  -5.809  1.00 6.61  ? 56  VAL C CG1  1 
ATOM   429  C CG2  . VAL A 1 56 ? 8.564   12.311  -5.871  1.00 5.66  ? 56  VAL C CG2  1 
ATOM   430  N N    . ARG A 1 57 ? 9.414   15.850  -5.230  1.00 7.79  ? 57  ARG C N    1 
ATOM   431  C CA   . ARG A 1 57 ? 10.700  16.395  -4.797  1.00 7.47  ? 57  ARG C CA   1 
ATOM   432  C C    . ARG A 1 57 ? 11.205  15.494  -3.686  1.00 6.76  ? 57  ARG C C    1 
ATOM   433  O O    . ARG A 1 57 ? 10.477  15.219  -2.727  1.00 7.76  ? 57  ARG C O    1 
ATOM   434  C CB   . ARG A 1 57 ? 10.540  17.816  -4.258  1.00 7.00  ? 57  ARG C CB   1 
ATOM   435  C CG   . ARG A 1 57 ? 9.923   18.789  -5.236  1.00 9.14  ? 57  ARG C CG   1 
ATOM   436  C CD   . ARG A 1 57 ? 10.118  20.240  -4.792  1.00 10.96 ? 57  ARG C CD   1 
ATOM   437  N NE   . ARG A 1 57 ? 9.692   20.500  -3.414  1.00 12.70 ? 57  ARG C NE   1 
ATOM   438  C CZ   . ARG A 1 57 ? 8.430   20.662  -3.022  1.00 14.08 ? 57  ARG C CZ   1 
ATOM   439  N NH1  . ARG A 1 57 ? 7.442   20.588  -3.899  1.00 16.53 ? 57  ARG C NH1  1 
ATOM   440  N NH2  . ARG A 1 57 ? 8.159   20.904  -1.746  1.00 16.08 ? 57  ARG C NH2  1 
ATOM   441  N N    . GLN A 1 58 ? 12.437  15.017  -3.823  1.00 6.62  ? 58  GLN C N    1 
ATOM   442  C CA   . GLN A 1 58 ? 13.026  14.139  -2.816  1.00 6.90  ? 58  GLN C CA   1 
ATOM   443  C C    . GLN A 1 58 ? 13.896  14.865  -1.783  1.00 6.49  ? 58  GLN C C    1 
ATOM   444  O O    . GLN A 1 58 ? 14.899  15.488  -2.130  1.00 6.04  ? 58  GLN C O    1 
ATOM   445  C CB   . GLN A 1 58 ? 13.850  13.041  -3.487  1.00 7.13  ? 58  GLN C CB   1 
ATOM   446  C CG   . GLN A 1 58 ? 14.511  12.105  -2.492  1.00 9.54  ? 58  GLN C CG   1 
ATOM   447  C CD   . GLN A 1 58 ? 15.506  11.164  -3.131  1.00 11.85 ? 58  GLN C CD   1 
ATOM   448  O OE1  . GLN A 1 58 ? 15.323  10.718  -4.263  1.00 15.24 ? 58  GLN C OE1  1 
ATOM   449  N NE2  . GLN A 1 58 ? 16.572  10.853  -2.401  1.00 12.72 ? 58  GLN C NE2  1 
ATOM   450  N N    . TYR A 1 59 ? 13.504  14.753  -0.515  1.00 7.78  ? 59  TYR C N    1 
ATOM   451  C CA   . TYR A 1 59 ? 14.229  15.345  0.613   1.00 8.08  ? 59  TYR C CA   1 
ATOM   452  C C    . TYR A 1 59 ? 14.766  14.210  1.464   1.00 8.24  ? 59  TYR C C    1 
ATOM   453  O O    . TYR A 1 59 ? 14.064  13.235  1.715   1.00 8.20  ? 59  TYR C O    1 
ATOM   454  C CB   . TYR A 1 59 ? 13.301  16.207  1.477   1.00 8.22  ? 59  TYR C CB   1 
ATOM   455  C CG   . TYR A 1 59 ? 12.799  17.456  0.798   1.00 9.44  ? 59  TYR C CG   1 
ATOM   456  C CD1  . TYR A 1 59 ? 11.627  17.433  0.045   1.00 9.04  ? 59  TYR C CD1  1 
ATOM   457  C CD2  . TYR A 1 59 ? 13.501  18.660  0.894   1.00 9.73  ? 59  TYR C CD2  1 
ATOM   458  C CE1  . TYR A 1 59 ? 11.159  18.570  -0.596  1.00 11.26 ? 59  TYR C CE1  1 
ATOM   459  C CE2  . TYR A 1 59 ? 13.042  19.810  0.252   1.00 11.45 ? 59  TYR C CE2  1 
ATOM   460  C CZ   . TYR A 1 59 ? 11.868  19.754  -0.491  1.00 11.90 ? 59  TYR C CZ   1 
ATOM   461  O OH   . TYR A 1 59 ? 11.384  20.880  -1.113  1.00 12.67 ? 59  TYR C OH   1 
ATOM   462  N N    . ASP A 1 60 ? 16.011  14.332  1.913   1.00 9.66  ? 60  ASP C N    1 
ATOM   463  C CA   . ASP A 1 60 ? 16.603  13.289  2.745   1.00 10.51 ? 60  ASP C CA   1 
ATOM   464  C C    . ASP A 1 60 ? 16.720  13.737  4.198   1.00 10.51 ? 60  ASP C C    1 
ATOM   465  O O    . ASP A 1 60 ? 16.578  14.921  4.507   1.00 9.23  ? 60  ASP C O    1 
ATOM   466  C CB   . ASP A 1 60 ? 17.988  12.891  2.214   1.00 12.51 ? 60  ASP C CB   1 
ATOM   467  C CG   . ASP A 1 60 ? 17.941  12.307  0.804   1.00 14.28 ? 60  ASP C CG   1 
ATOM   468  O OD1  . ASP A 1 60 ? 16.898  11.741  0.416   1.00 14.67 ? 60  ASP C OD1  1 
ATOM   469  O OD2  . ASP A 1 60 ? 18.958  12.406  0.085   1.00 16.00 ? 60  ASP C OD2  1 
ATOM   470  N N    . GLN A 1 61 ? 16.943  12.772  5.086   1.00 10.71 ? 61  GLN C N    1 
ATOM   471  C CA   . GLN A 1 61 ? 17.105  13.028  6.515   1.00 12.08 ? 61  GLN C CA   1 
ATOM   472  C C    . GLN A 1 61 ? 15.999  13.877  7.147   1.00 11.66 ? 61  GLN C C    1 
ATOM   473  O O    . GLN A 1 61 ? 16.267  14.826  7.897   1.00 11.06 ? 61  GLN C O    1 
ATOM   474  C CB   . GLN A 1 61 ? 18.486  13.635  6.780   1.00 14.55 ? 61  GLN C CB   1 
ATOM   475  C CG   . GLN A 1 61 ? 19.638  12.686  6.434   1.00 21.23 ? 61  GLN C CG   1 
ATOM   476  C CD   . GLN A 1 61 ? 19.537  11.338  7.151   1.00 24.33 ? 61  GLN C CD   1 
ATOM   477  O OE1  . GLN A 1 61 ? 19.119  10.335  6.564   1.00 28.61 ? 61  GLN C OE1  1 
ATOM   478  N NE2  . GLN A 1 61 ? 19.915  11.316  8.426   1.00 26.73 ? 61  GLN C NE2  1 
ATOM   479  N N    . ILE A 1 62 ? 14.756  13.524  6.836   1.00 10.14 ? 62  ILE C N    1 
ATOM   480  C CA   . ILE A 1 62 ? 13.590  14.221  7.362   1.00 9.67  ? 62  ILE C CA   1 
ATOM   481  C C    . ILE A 1 62 ? 13.024  13.434  8.544   1.00 11.02 ? 62  ILE C C    1 
ATOM   482  O O    . ILE A 1 62 ? 12.820  12.222  8.457   1.00 10.93 ? 62  ILE C O    1 
ATOM   483  C CB   . ILE A 1 62 ? 12.486  14.373  6.278   1.00 8.02  ? 62  ILE C CB   1 
ATOM   484  C CG1  . ILE A 1 62 ? 13.019  15.155  5.074   1.00 7.38  ? 62  ILE C CG1  1 
ATOM   485  C CG2  . ILE A 1 62 ? 11.247  15.058  6.865   1.00 7.93  ? 62  ILE C CG2  1 
ATOM   486  C CD1  . ILE A 1 62 ? 13.306  16.621  5.353   1.00 8.72  ? 62  ILE C CD1  1 
ATOM   487  N N    . ILE A 1 63 ? 12.780  14.126  9.654   1.00 11.76 ? 63  ILE C N    1 
ATOM   488  C CA   . ILE A 1 63 ? 12.235  13.484  10.843  1.00 13.50 ? 63  ILE C CA   1 
ATOM   489  C C    . ILE A 1 63 ? 10.727  13.603  10.865  1.00 14.43 ? 63  ILE C C    1 
ATOM   490  O O    . ILE A 1 63 ? 10.166  14.665  10.596  1.00 15.11 ? 63  ILE C O    1 
ATOM   491  C CB   . ILE A 1 63 ? 12.761  14.126  12.140  1.00 14.07 ? 63  ILE C CB   1 
ATOM   492  C CG1  . ILE A 1 63 ? 14.289  14.085  12.174  1.00 15.27 ? 63  ILE C CG1  1 
ATOM   493  C CG2  . ILE A 1 63 ? 12.160  13.413  13.350  1.00 14.03 ? 63  ILE C CG2  1 
ATOM   494  C CD1  . ILE A 1 63 ? 14.902  14.985  13.235  1.00 17.26 ? 63  ILE C CD1  1 
ATOM   495  N N    . ILE A 1 64 ? 10.062  12.501  11.161  1.00 14.66 ? 64  ILE C N    1 
ATOM   496  C CA   . ILE A 1 64 ? 8.621   12.530  11.249  1.00 16.51 ? 64  ILE C CA   1 
ATOM   497  C C    . ILE A 1 64 ? 8.145   11.621  12.365  1.00 15.46 ? 64  ILE C C    1 
ATOM   498  O O    . ILE A 1 64 ? 8.688   10.541  12.578  1.00 16.44 ? 64  ILE C O    1 
ATOM   499  C CB   . ILE A 1 64 ? 7.918   12.245  9.875   1.00 18.08 ? 64  ILE C CB   1 
ATOM   500  C CG1  . ILE A 1 64 ? 6.548   11.604  10.083  1.00 19.96 ? 64  ILE C CG1  1 
ATOM   501  C CG2  . ILE A 1 64 ? 8.810   11.458  8.951   1.00 21.36 ? 64  ILE C CG2  1 
ATOM   502  C CD1  . ILE A 1 64 ? 5.831   11.337  8.806   1.00 23.74 ? 64  ILE C CD1  1 
ATOM   503  N N    . GLU A 1 65 ? 7.221   12.137  13.162  1.00 14.85 ? 65  GLU C N    1 
ATOM   504  C CA   . GLU A 1 65 ? 6.664   11.363  14.253  1.00 15.81 ? 65  GLU C CA   1 
ATOM   505  C C    . GLU A 1 65 ? 5.385   10.718  13.735  1.00 14.99 ? 65  GLU C C    1 
ATOM   506  O O    . GLU A 1 65 ? 4.465   11.401  13.284  1.00 14.32 ? 65  GLU C O    1 
ATOM   507  C CB   . GLU A 1 65 ? 6.387   12.256  15.457  1.00 18.01 ? 65  GLU C CB   1 
ATOM   508  C CG   . GLU A 1 65 ? 5.959   11.487  16.677  1.00 23.69 ? 65  GLU C CG   1 
ATOM   509  C CD   . GLU A 1 65 ? 5.948   12.341  17.921  1.00 27.25 ? 65  GLU C CD   1 
ATOM   510  O OE1  . GLU A 1 65 ? 5.269   13.389  17.915  1.00 29.66 ? 65  GLU C OE1  1 
ATOM   511  O OE2  . GLU A 1 65 ? 6.622   11.961  18.905  1.00 31.02 ? 65  GLU C OE2  1 
ATOM   512  N N    . ILE A 1 66 ? 5.373   9.390   13.752  1.00 13.41 ? 66  ILE C N    1 
ATOM   513  C CA   . ILE A 1 66 ? 4.250   8.600   13.267  1.00 13.38 ? 66  ILE C CA   1 
ATOM   514  C C    . ILE A 1 66 ? 3.556   7.953   14.447  1.00 14.59 ? 66  ILE C C    1 
ATOM   515  O O    . ILE A 1 66 ? 4.116   7.058   15.089  1.00 15.14 ? 66  ILE C O    1 
ATOM   516  C CB   . ILE A 1 66 ? 4.751   7.489   12.315  1.00 13.20 ? 66  ILE C CB   1 
ATOM   517  C CG1  . ILE A 1 66 ? 5.594   8.121   11.191  1.00 13.27 ? 66  ILE C CG1  1 
ATOM   518  C CG2  . ILE A 1 66 ? 3.570   6.666   11.780  1.00 10.68 ? 66  ILE C CG2  1 
ATOM   519  C CD1  . ILE A 1 66 ? 6.565   7.169   10.517  1.00 13.21 ? 66  ILE C CD1  1 
ATOM   520  N N    . ALA A 1 67 ? 2.358   8.437   14.756  1.00 15.30 ? 67  ALA C N    1 
ATOM   521  C CA   . ALA A 1 67 ? 1.575   7.908   15.869  1.00 16.09 ? 67  ALA C CA   1 
ATOM   522  C C    . ALA A 1 67 ? 2.393   7.859   17.164  1.00 16.57 ? 67  ALA C C    1 
ATOM   523  O O    . ALA A 1 67 ? 2.311   6.890   17.924  1.00 17.21 ? 67  ALA C O    1 
ATOM   524  C CB   . ALA A 1 67 ? 1.040   6.510   15.521  1.00 16.49 ? 67  ALA C CB   1 
ATOM   525  N N    . GLY A 1 68 ? 3.211   8.889   17.382  1.00 16.65 ? 68  GLY C N    1 
ATOM   526  C CA   . GLY A 1 68 ? 4.028   8.956   18.586  1.00 15.23 ? 68  GLY C CA   1 
ATOM   527  C C    . GLY A 1 68 ? 5.429   8.388   18.455  1.00 15.54 ? 68  GLY C C    1 
ATOM   528  O O    . GLY A 1 68 ? 6.251   8.538   19.365  1.00 16.77 ? 68  GLY C O    1 
ATOM   529  N N    . HIS A 1 69 ? 5.704   7.722   17.336  1.00 14.88 ? 69  HIS C N    1 
ATOM   530  C CA   . HIS A 1 69 ? 7.016   7.126   17.097  1.00 14.85 ? 69  HIS C CA   1 
ATOM   531  C C    . HIS A 1 69 ? 7.791   7.957   16.096  1.00 14.55 ? 69  HIS C C    1 
ATOM   532  O O    . HIS A 1 69 ? 7.364   8.124   14.956  1.00 15.17 ? 69  HIS C O    1 
ATOM   533  C CB   . HIS A 1 69 ? 6.885   5.704   16.540  1.00 14.43 ? 69  HIS C CB   1 
ATOM   534  C CG   . HIS A 1 69 ? 6.316   4.718   17.509  1.00 15.51 ? 69  HIS C CG   1 
ATOM   535  N ND1  . HIS A 1 69 ? 5.005   4.760   17.933  1.00 17.38 ? 69  HIS C ND1  1 
ATOM   536  C CD2  . HIS A 1 69 ? 6.876   3.651   18.125  1.00 15.74 ? 69  HIS C CD2  1 
ATOM   537  C CE1  . HIS A 1 69 ? 4.781   3.761   18.769  1.00 16.71 ? 69  HIS C CE1  1 
ATOM   538  N NE2  . HIS A 1 69 ? 5.900   3.074   18.903  1.00 17.95 ? 69  HIS C NE2  1 
ATOM   539  N N    . LYS A 1 70 ? 8.947   8.453   16.515  1.00 15.45 ? 70  LYS C N    1 
ATOM   540  C CA   . LYS A 1 70 ? 9.777   9.250   15.627  1.00 15.69 ? 70  LYS C CA   1 
ATOM   541  C C    . LYS A 1 70 ? 10.629  8.364   14.730  1.00 15.03 ? 70  LYS C C    1 
ATOM   542  O O    . LYS A 1 70 ? 11.122  7.317   15.155  1.00 15.57 ? 70  LYS C O    1 
ATOM   543  C CB   . LYS A 1 70 ? 10.671  10.200  16.423  1.00 17.64 ? 70  LYS C CB   1 
ATOM   544  C CG   . LYS A 1 70 ? 9.898   11.216  17.238  1.00 19.90 ? 70  LYS C CG   1 
ATOM   545  C CD   . LYS A 1 70 ? 10.813  12.277  17.818  1.00 22.77 ? 70  LYS C CD   1 
ATOM   546  C CE   . LYS A 1 70 ? 10.000  13.341  18.546  1.00 25.64 ? 70  LYS C CE   1 
ATOM   547  N NZ   . LYS A 1 70 ? 10.822  14.527  18.942  1.00 28.53 ? 70  LYS C NZ   1 
ATOM   548  N N    . ALA A 1 71 ? 10.776  8.786   13.480  1.00 13.06 ? 71  ALA C N    1 
ATOM   549  C CA   . ALA A 1 71 ? 11.573  8.067   12.500  1.00 13.09 ? 71  ALA C CA   1 
ATOM   550  C C    . ALA A 1 71 ? 12.240  9.110   11.613  1.00 12.37 ? 71  ALA C C    1 
ATOM   551  O O    . ALA A 1 71 ? 11.747  10.236  11.506  1.00 12.87 ? 71  ALA C O    1 
ATOM   552  C CB   . ALA A 1 71 ? 10.685  7.141   11.663  1.00 12.22 ? 71  ALA C CB   1 
ATOM   553  N N    . ILE A 1 72 ? 13.383  8.758   11.031  1.00 10.36 ? 72  ILE C N    1 
ATOM   554  C CA   . ILE A 1 72 ? 14.090  9.676   10.146  1.00 9.28  ? 72  ILE C CA   1 
ATOM   555  C C    . ILE A 1 72 ? 14.400  8.988   8.818   1.00 8.94  ? 72  ILE C C    1 
ATOM   556  O O    . ILE A 1 72 ? 14.725  7.798   8.779   1.00 9.01  ? 72  ILE C O    1 
ATOM   557  C CB   . ILE A 1 72 ? 15.387  10.235  10.795  1.00 9.48  ? 72  ILE C CB   1 
ATOM   558  C CG1  . ILE A 1 72 ? 15.928  11.399  9.963   1.00 8.60  ? 72  ILE C CG1  1 
ATOM   559  C CG2  . ILE A 1 72 ? 16.441  9.149   10.920  1.00 10.32 ? 72  ILE C CG2  1 
ATOM   560  C CD1  . ILE A 1 72 ? 17.110  12.114  10.582  1.00 9.75  ? 72  ILE C CD1  1 
ATOM   561  N N    . GLY A 1 73 ? 14.227  9.723   7.727   1.00 7.53  ? 73  GLY C N    1 
ATOM   562  C CA   . GLY A 1 73 ? 14.493  9.156   6.423   1.00 7.45  ? 73  GLY C CA   1 
ATOM   563  C C    . GLY A 1 73 ? 14.111  10.085  5.296   1.00 7.64  ? 73  GLY C C    1 
ATOM   564  O O    . GLY A 1 73 ? 13.865  11.273  5.501   1.00 7.85  ? 73  GLY C O    1 
ATOM   565  N N    . THR A 1 74 ? 14.091  9.526   4.093   1.00 7.22  ? 74  THR C N    1 
ATOM   566  C CA   . THR A 1 74 ? 13.741  10.257  2.888   1.00 6.91  ? 74  THR C CA   1 
ATOM   567  C C    . THR A 1 74 ? 12.234  10.442  2.802   1.00 6.84  ? 74  THR C C    1 
ATOM   568  O O    . THR A 1 74 ? 11.461  9.526   3.088   1.00 7.34  ? 74  THR C O    1 
ATOM   569  C CB   . THR A 1 74 ? 14.206  9.499   1.635   1.00 6.82  ? 74  THR C CB   1 
ATOM   570  O OG1  . THR A 1 74 ? 15.633  9.409   1.639   1.00 8.84  ? 74  THR C OG1  1 
ATOM   571  C CG2  . THR A 1 74 ? 13.749  10.208  0.371   1.00 6.60  ? 74  THR C CG2  1 
ATOM   572  N N    . VAL A 1 75 ? 11.828  11.652  2.440   1.00 6.19  ? 75  VAL C N    1 
ATOM   573  C CA   . VAL A 1 75 ? 10.424  11.975  2.288   1.00 6.26  ? 75  VAL C CA   1 
ATOM   574  C C    . VAL A 1 75 ? 10.247  12.654  0.937   1.00 6.83  ? 75  VAL C C    1 
ATOM   575  O O    . VAL A 1 75 ? 10.990  13.570  0.594   1.00 5.96  ? 75  VAL C O    1 
ATOM   576  C CB   . VAL A 1 75 ? 9.924   12.893  3.425   1.00 6.01  ? 75  VAL C CB   1 
ATOM   577  C CG1  . VAL A 1 75 ? 8.499   13.350  3.147   1.00 5.63  ? 75  VAL C CG1  1 
ATOM   578  C CG2  . VAL A 1 75 ? 9.969   12.142  4.754   1.00 6.23  ? 75  VAL C CG2  1 
ATOM   579  N N    . LEU A 1 76 ? 9.314   12.127  0.147   1.00 6.47  ? 76  LEU C N    1 
ATOM   580  C CA   . LEU A 1 76 ? 9.004   12.664  -1.169  1.00 5.93  ? 76  LEU C CA   1 
ATOM   581  C C    . LEU A 1 76 ? 7.806   13.590  -1.008  1.00 6.03  ? 76  LEU C C    1 
ATOM   582  O O    . LEU A 1 76 ? 6.848   13.258  -0.311  1.00 7.39  ? 76  LEU C O    1 
ATOM   583  C CB   . LEU A 1 76 ? 8.645   11.533  -2.131  1.00 4.82  ? 76  LEU C CB   1 
ATOM   584  C CG   . LEU A 1 76 ? 9.603   10.349  -2.169  1.00 4.07  ? 76  LEU C CG   1 
ATOM   585  C CD1  . LEU A 1 76 ? 9.128   9.369   -3.222  1.00 3.54  ? 76  LEU C CD1  1 
ATOM   586  C CD2  . LEU A 1 76 ? 11.018  10.825  -2.469  1.00 4.64  ? 76  LEU C CD2  1 
ATOM   587  N N    . VAL A 1 77 ? 7.871   14.755  -1.641  1.00 6.12  ? 77  VAL C N    1 
ATOM   588  C CA   . VAL A 1 77 ? 6.794   15.732  -1.556  1.00 5.91  ? 77  VAL C CA   1 
ATOM   589  C C    . VAL A 1 77 ? 6.213   16.006  -2.931  1.00 5.92  ? 77  VAL C C    1 
ATOM   590  O O    . VAL A 1 77 ? 6.943   16.307  -3.868  1.00 6.27  ? 77  VAL C O    1 
ATOM   591  C CB   . VAL A 1 77 ? 7.283   17.050  -0.933  1.00 6.11  ? 77  VAL C CB   1 
ATOM   592  C CG1  . VAL A 1 77 ? 6.151   18.073  -0.931  1.00 5.85  ? 77  VAL C CG1  1 
ATOM   593  C CG2  . VAL A 1 77 ? 7.776   16.801  0.492   1.00 5.12  ? 77  VAL C CG2  1 
ATOM   594  N N    . GLY A 1 78 ? 4.894   15.897  -3.046  1.00 6.19  ? 78  GLY C N    1 
ATOM   595  C CA   . GLY A 1 78 ? 4.258   16.125  -4.325  1.00 6.48  ? 78  GLY C CA   1 
ATOM   596  C C    . GLY A 1 78 ? 2.748   16.028  -4.317  1.00 6.91  ? 78  GLY C C    1 
ATOM   597  O O    . GLY A 1 78 ? 2.125   15.908  -3.258  1.00 6.87  ? 78  GLY C O    1 
ATOM   598  N N    . PRO A 1 79 ? 2.132   16.005  -5.509  1.00 7.82  ? 79  PRO C N    1 
ATOM   599  C CA   . PRO A 1 79 ? 0.681   15.929  -5.686  1.00 8.05  ? 79  PRO C CA   1 
ATOM   600  C C    . PRO A 1 79 ? 0.058   14.569  -5.421  1.00 8.91  ? 79  PRO C C    1 
ATOM   601  O O    . PRO A 1 79 ? -0.677  14.040  -6.258  1.00 10.09 ? 79  PRO C O    1 
ATOM   602  C CB   . PRO A 1 79 ? 0.498   16.374  -7.134  1.00 8.72  ? 79  PRO C CB   1 
ATOM   603  C CG   . PRO A 1 79 ? 1.695   15.772  -7.806  1.00 9.20  ? 79  PRO C CG   1 
ATOM   604  C CD   . PRO A 1 79 ? 2.823   16.047  -6.814  1.00 7.64  ? 79  PRO C CD   1 
ATOM   605  N N    . THR A 1 80 ? 0.352   13.997  -4.260  1.00 9.10  ? 80  THR C N    1 
ATOM   606  C CA   . THR A 1 80 ? -0.224  12.707  -3.905  1.00 9.09  ? 80  THR C CA   1 
ATOM   607  C C    . THR A 1 80 ? -1.635  12.942  -3.356  1.00 10.45 ? 80  THR C C    1 
ATOM   608  O O    . THR A 1 80 ? -1.863  13.876  -2.583  1.00 10.38 ? 80  THR C O    1 
ATOM   609  C CB   . THR A 1 80 ? 0.636   11.964  -2.853  1.00 7.17  ? 80  THR C CB   1 
ATOM   610  O OG1  . THR A 1 80 ? -0.005  10.735  -2.497  1.00 7.08  ? 80  THR C OG1  1 
ATOM   611  C CG2  . THR A 1 80 ? 0.820   12.815  -1.602  1.00 5.51  ? 80  THR C CG2  1 
ATOM   612  N N    . PRO A 1 81 ? -2.608  12.112  -3.769  1.00 11.13 ? 81  PRO C N    1 
ATOM   613  C CA   . PRO A 1 81 ? -3.977  12.287  -3.273  1.00 10.88 ? 81  PRO C CA   1 
ATOM   614  C C    . PRO A 1 81 ? -4.115  11.911  -1.796  1.00 10.92 ? 81  PRO C C    1 
ATOM   615  O O    . PRO A 1 81 ? -5.053  12.339  -1.130  1.00 12.84 ? 81  PRO C O    1 
ATOM   616  C CB   . PRO A 1 81 ? -4.783  11.350  -4.174  1.00 10.83 ? 81  PRO C CB   1 
ATOM   617  C CG   . PRO A 1 81 ? -3.820  10.252  -4.471  1.00 11.98 ? 81  PRO C CG   1 
ATOM   618  C CD   . PRO A 1 81 ? -2.533  10.997  -4.733  1.00 11.37 ? 81  PRO C CD   1 
ATOM   619  N N    . VAL A 1 82 ? -3.155  11.143  -1.282  1.00 10.90 ? 82  VAL C N    1 
ATOM   620  C CA   . VAL A 1 82 ? -3.166  10.695  0.110   1.00 10.01 ? 82  VAL C CA   1 
ATOM   621  C C    . VAL A 1 82 ? -1.743  10.745  0.675   1.00 9.06  ? 82  VAL C C    1 
ATOM   622  O O    . VAL A 1 82 ? -0.789  10.417  -0.031  1.00 7.76  ? 82  VAL C O    1 
ATOM   623  C CB   . VAL A 1 82 ? -3.650  9.201   0.217   1.00 10.85 ? 82  VAL C CB   1 
ATOM   624  C CG1  . VAL A 1 82 ? -3.765  8.777   1.671   1.00 11.66 ? 82  VAL C CG1  1 
ATOM   625  C CG2  . VAL A 1 82 ? -4.978  8.996   -0.495  1.00 11.35 ? 82  VAL C CG2  1 
ATOM   626  N N    . ASN A 1 83 ? -1.598  11.185  1.930   1.00 7.90  ? 83  ASN C N    1 
ATOM   627  C CA   . ASN A 1 83 ? -0.286  11.214  2.581   1.00 6.76  ? 83  ASN C CA   1 
ATOM   628  C C    . ASN A 1 83 ? 0.006   9.755   2.893   1.00 6.08  ? 83  ASN C C    1 
ATOM   629  O O    . ASN A 1 83 ? -0.804  9.075   3.520   1.00 6.39  ? 83  ASN C O    1 
ATOM   630  C CB   . ASN A 1 83 ? -0.323  12.035  3.869   1.00 7.86  ? 83  ASN C CB   1 
ATOM   631  C CG   . ASN A 1 83 ? -0.500  13.505  3.606   1.00 8.21  ? 83  ASN C CG   1 
ATOM   632  O OD1  . ASN A 1 83 ? 0.027   14.039  2.628   1.00 7.95  ? 83  ASN C OD1  1 
ATOM   633  N ND2  . ASN A 1 83 ? -1.256  14.172  4.468   1.00 6.93  ? 83  ASN C ND2  1 
ATOM   634  N N    . ILE A 1 84 ? 1.165   9.287   2.461   1.00 5.06  ? 84  ILE C N    1 
ATOM   635  C CA   . ILE A 1 84 ? 1.529   7.889   2.614   1.00 5.86  ? 84  ILE C CA   1 
ATOM   636  C C    . ILE A 1 84 ? 2.828   7.657   3.365   1.00 5.86  ? 84  ILE C C    1 
ATOM   637  O O    . ILE A 1 84 ? 3.854   8.239   3.021   1.00 5.91  ? 84  ILE C O    1 
ATOM   638  C CB   . ILE A 1 84 ? 1.697   7.249   1.201   1.00 6.61  ? 84  ILE C CB   1 
ATOM   639  C CG1  . ILE A 1 84 ? 0.368   7.257   0.445   1.00 7.25  ? 84  ILE C CG1  1 
ATOM   640  C CG2  . ILE A 1 84 ? 2.269   5.838   1.296   1.00 9.01  ? 84  ILE C CG2  1 
ATOM   641  C CD1  . ILE A 1 84 ? 0.539   7.204   -1.061  1.00 10.21 ? 84  ILE C CD1  1 
ATOM   642  N N    . ILE A 1 85 ? 2.771   6.799   4.383   1.00 5.89  ? 85  ILE C N    1 
ATOM   643  C CA   . ILE A 1 85 ? 3.956   6.413   5.146   1.00 6.75  ? 85  ILE C CA   1 
ATOM   644  C C    . ILE A 1 85 ? 4.382   5.085   4.514   1.00 6.08  ? 85  ILE C C    1 
ATOM   645  O O    . ILE A 1 85 ? 3.661   4.093   4.595   1.00 6.62  ? 85  ILE C O    1 
ATOM   646  C CB   . ILE A 1 85 ? 3.655   6.190   6.656   1.00 7.17  ? 85  ILE C CB   1 
ATOM   647  C CG1  . ILE A 1 85 ? 3.155   7.490   7.303   1.00 7.50  ? 85  ILE C CG1  1 
ATOM   648  C CG2  . ILE A 1 85 ? 4.907   5.692   7.384   1.00 7.95  ? 85  ILE C CG2  1 
ATOM   649  C CD1  . ILE A 1 85 ? 4.036   8.715   7.046   1.00 8.68  ? 85  ILE C CD1  1 
ATOM   650  N N    . GLY A 1 86 ? 5.519   5.098   3.833   1.00 4.80  ? 86  GLY C N    1 
ATOM   651  C CA   . GLY A 1 86 ? 6.010   3.901   3.175   1.00 5.48  ? 86  GLY C CA   1 
ATOM   652  C C    . GLY A 1 86 ? 6.922   3.040   4.023   1.00 5.54  ? 86  GLY C C    1 
ATOM   653  O O    . GLY A 1 86 ? 7.181   3.340   5.192   1.00 6.60  ? 86  GLY C O    1 
ATOM   654  N N    . ARG A 1 87 ? 7.436   1.972   3.419   1.00 5.72  ? 87  ARG C N    1 
ATOM   655  C CA   . ARG A 1 87 ? 8.305   1.035   4.125   1.00 4.51  ? 87  ARG C CA   1 
ATOM   656  C C    . ARG A 1 87 ? 9.569   1.646   4.688   1.00 4.55  ? 87  ARG C C    1 
ATOM   657  O O    . ARG A 1 87 ? 10.039  1.208   5.730   1.00 5.38  ? 87  ARG C O    1 
ATOM   658  C CB   . ARG A 1 87 ? 8.671   -0.147  3.230   1.00 4.66  ? 87  ARG C CB   1 
ATOM   659  C CG   . ARG A 1 87 ? 7.512   -1.067  2.907   1.00 5.88  ? 87  ARG C CG   1 
ATOM   660  C CD   . ARG A 1 87 ? 7.976   -2.311  2.159   1.00 5.50  ? 87  ARG C CD   1 
ATOM   661  N NE   . ARG A 1 87 ? 8.565   -1.990  0.860   1.00 5.67  ? 87  ARG C NE   1 
ATOM   662  C CZ   . ARG A 1 87 ? 9.869   -2.019  0.588   1.00 7.40  ? 87  ARG C CZ   1 
ATOM   663  N NH1  . ARG A 1 87 ? 10.742  -2.358  1.527   1.00 7.23  ? 87  ARG C NH1  1 
ATOM   664  N NH2  . ARG A 1 87 ? 10.307  -1.698  -0.623  1.00 6.26  ? 87  ARG C NH2  1 
ATOM   665  N N    . ASN A 1 88 ? 10.113  2.664   4.027   1.00 4.53  ? 88  ASN C N    1 
ATOM   666  C CA   . ASN A 1 88 ? 11.352  3.281   4.506   1.00 6.09  ? 88  ASN C CA   1 
ATOM   667  C C    . ASN A 1 88 ? 11.250  3.833   5.932   1.00 7.64  ? 88  ASN C C    1 
ATOM   668  O O    . ASN A 1 88 ? 12.258  3.941   6.634   1.00 7.73  ? 88  ASN C O    1 
ATOM   669  C CB   . ASN A 1 88 ? 11.852  4.355   3.527   1.00 6.70  ? 88  ASN C CB   1 
ATOM   670  C CG   . ASN A 1 88 ? 11.032  5.634   3.579   1.00 6.57  ? 88  ASN C CG   1 
ATOM   671  O OD1  . ASN A 1 88 ? 9.804   5.605   3.504   1.00 5.93  ? 88  ASN C OD1  1 
ATOM   672  N ND2  . ASN A 1 88 ? 11.717  6.768   3.719   1.00 7.53  ? 88  ASN C ND2  1 
ATOM   673  N N    . LEU A 1 89 ? 10.035  4.187   6.349   1.00 7.64  ? 89  LEU C N    1 
ATOM   674  C CA   . LEU A 1 89 ? 9.792   4.703   7.693   1.00 8.36  ? 89  LEU C CA   1 
ATOM   675  C C    . LEU A 1 89 ? 9.069   3.671   8.560   1.00 7.67  ? 89  LEU C C    1 
ATOM   676  O O    . LEU A 1 89 ? 9.230   3.667   9.782   1.00 6.74  ? 89  LEU C O    1 
ATOM   677  C CB   . LEU A 1 89 ? 9.000   6.012   7.645   1.00 10.00 ? 89  LEU C CB   1 
ATOM   678  C CG   . LEU A 1 89 ? 9.737   7.170   6.974   1.00 11.69 ? 89  LEU C CG   1 
ATOM   679  C CD1  . LEU A 1 89 ? 8.892   8.422   7.078   1.00 13.00 ? 89  LEU C CD1  1 
ATOM   680  C CD2  . LEU A 1 89 ? 11.094  7.383   7.639   1.00 12.97 ? 89  LEU C CD2  1 
ATOM   681  N N    . LEU A 1 90 ? 8.268   2.810   7.931   1.00 6.36  ? 90  LEU C N    1 
ATOM   682  C CA   . LEU A 1 90 ? 7.560   1.764   8.666   1.00 6.63  ? 90  LEU C CA   1 
ATOM   683  C C    . LEU A 1 90 ? 8.557   0.836   9.380   1.00 6.49  ? 90  LEU C C    1 
ATOM   684  O O    . LEU A 1 90 ? 8.322   0.398   10.510  1.00 6.06  ? 90  LEU C O    1 
ATOM   685  C CB   . LEU A 1 90 ? 6.659   0.947   7.730   1.00 7.04  ? 90  LEU C CB   1 
ATOM   686  C CG   . LEU A 1 90 ? 5.382   1.641   7.239   1.00 7.93  ? 90  LEU C CG   1 
ATOM   687  C CD1  . LEU A 1 90 ? 4.651   0.758   6.223   1.00 6.39  ? 90  LEU C CD1  1 
ATOM   688  C CD2  . LEU A 1 90 ? 4.478   1.959   8.432   1.00 9.27  ? 90  LEU C CD2  1 
ATOM   689  N N    . THR A 1 91 ? 9.682   0.560   8.728   1.00 6.28  ? 91  THR C N    1 
ATOM   690  C CA   . THR A 1 91 ? 10.704  -0.299  9.316   1.00 6.52  ? 91  THR C CA   1 
ATOM   691  C C    . THR A 1 91 ? 11.287  0.345   10.568  1.00 7.37  ? 91  THR C C    1 
ATOM   692  O O    . THR A 1 91 ? 11.557  -0.330  11.559  1.00 8.01  ? 91  THR C O    1 
ATOM   693  C CB   . THR A 1 91 ? 11.880  -0.535  8.345   1.00 6.69  ? 91  THR C CB   1 
ATOM   694  O OG1  . THR A 1 91 ? 12.452  0.725   7.954   1.00 6.86  ? 91  THR C OG1  1 
ATOM   695  C CG2  . THR A 1 91 ? 11.424  -1.308  7.123   1.00 5.68  ? 91  THR C CG2  1 
ATOM   696  N N    . GLN A 1 92 ? 11.465  1.662   10.507  1.00 7.58  ? 92  GLN C N    1 
ATOM   697  C CA   . GLN A 1 92 ? 12.051  2.415   11.605  1.00 7.53  ? 92  GLN C CA   1 
ATOM   698  C C    . GLN A 1 92 ? 11.219  2.405   12.876  1.00 8.19  ? 92  GLN C C    1 
ATOM   699  O O    . GLN A 1 92 ? 11.771  2.384   13.976  1.00 8.54  ? 92  GLN C O    1 
ATOM   700  C CB   . GLN A 1 92 ? 12.361  3.848   11.157  1.00 6.59  ? 92  GLN C CB   1 
ATOM   701  C CG   . GLN A 1 92 ? 13.336  3.921   9.987   1.00 5.52  ? 92  GLN C CG   1 
ATOM   702  C CD   . GLN A 1 92 ? 14.659  3.246   10.287  1.00 6.51  ? 92  GLN C CD   1 
ATOM   703  O OE1  . GLN A 1 92 ? 15.494  3.793   10.999  1.00 6.75  ? 92  GLN C OE1  1 
ATOM   704  N NE2  . GLN A 1 92 ? 14.855  2.050   9.746   1.00 5.89  ? 92  GLN C NE2  1 
ATOM   705  N N    . ILE A 1 93 ? 9.895   2.404   12.739  1.00 8.17  ? 93  ILE C N    1 
ATOM   706  C CA   . ILE A 1 93 ? 9.037   2.381   13.918  1.00 7.99  ? 93  ILE C CA   1 
ATOM   707  C C    . ILE A 1 93 ? 8.733   0.943   14.334  1.00 7.87  ? 93  ILE C C    1 
ATOM   708  O O    . ILE A 1 93 ? 7.959   0.701   15.265  1.00 8.02  ? 93  ILE C O    1 
ATOM   709  C CB   . ILE A 1 93 ? 7.741   3.205   13.725  1.00 7.17  ? 93  ILE C CB   1 
ATOM   710  C CG1  . ILE A 1 93 ? 6.858   2.585   12.643  1.00 8.75  ? 93  ILE C CG1  1 
ATOM   711  C CG2  . ILE A 1 93 ? 8.087   4.649   13.372  1.00 7.73  ? 93  ILE C CG2  1 
ATOM   712  C CD1  . ILE A 1 93 ? 5.495   3.251   12.522  1.00 9.46  ? 93  ILE C CD1  1 
ATOM   713  N N    . GLY A 1 94 ? 9.380   0.001   13.645  1.00 8.26  ? 94  GLY C N    1 
ATOM   714  C CA   . GLY A 1 94 ? 9.231   -1.417  13.939  1.00 7.96  ? 94  GLY C CA   1 
ATOM   715  C C    . GLY A 1 94 ? 7.912   -2.047  13.554  1.00 7.99  ? 94  GLY C C    1 
ATOM   716  O O    . GLY A 1 94 ? 7.447   -2.985  14.209  1.00 9.22  ? 94  GLY C O    1 
ATOM   717  N N    . ALA A 1 95 ? 7.312   -1.542  12.487  1.00 7.09  ? 95  ALA C N    1 
ATOM   718  C CA   . ALA A 1 95 ? 6.039   -2.063  12.021  1.00 7.64  ? 95  ALA C CA   1 
ATOM   719  C C    . ALA A 1 95 ? 6.202   -3.364  11.245  1.00 6.66  ? 95  ALA C C    1 
ATOM   720  O O    . ALA A 1 95 ? 7.116   -3.505  10.438  1.00 8.00  ? 95  ALA C O    1 
ATOM   721  C CB   . ALA A 1 95 ? 5.328   -1.022  11.161  1.00 6.92  ? 95  ALA C CB   1 
ATOM   722  N N    . THR A 1 96 ? 5.310   -4.313  11.507  1.00 7.54  ? 96  THR C N    1 
ATOM   723  C CA   . THR A 1 96 ? 5.327   -5.599  10.823  1.00 7.25  ? 96  THR C CA   1 
ATOM   724  C C    . THR A 1 96 ? 3.900   -6.056  10.512  1.00 7.77  ? 96  THR C C    1 
ATOM   725  O O    . THR A 1 96 ? 2.937   -5.589  11.127  1.00 6.55  ? 96  THR C O    1 
ATOM   726  C CB   . THR A 1 96 ? 5.988   -6.710  11.678  1.00 7.62  ? 96  THR C CB   1 
ATOM   727  O OG1  . THR A 1 96 ? 5.259   -6.871  12.901  1.00 9.79  ? 96  THR C OG1  1 
ATOM   728  C CG2  . THR A 1 96 ? 7.454   -6.391  11.982  1.00 7.55  ? 96  THR C CG2  1 
ATOM   729  N N    . LEU A 1 97 ? 3.780   -6.934  9.516   1.00 8.55  ? 97  LEU C N    1 
ATOM   730  C CA   . LEU A 1 97 ? 2.497   -7.529  9.133   1.00 9.74  ? 97  LEU C CA   1 
ATOM   731  C C    . LEU A 1 97 ? 2.455   -8.868  9.837   1.00 9.47  ? 97  LEU C C    1 
ATOM   732  O O    . LEU A 1 97 ? 3.428   -9.627  9.804   1.00 10.47 ? 97  LEU C O    1 
ATOM   733  C CB   . LEU A 1 97 ? 2.409   -7.760  7.626   1.00 10.06 ? 97  LEU C CB   1 
ATOM   734  C CG   . LEU A 1 97 ? 1.857   -6.601  6.808   1.00 13.10 ? 97  LEU C CG   1 
ATOM   735  C CD1  . LEU A 1 97 ? 2.007   -6.918  5.330   1.00 13.88 ? 97  LEU C CD1  1 
ATOM   736  C CD2  . LEU A 1 97 ? 0.389   -6.364  7.176   1.00 13.16 ? 97  LEU C CD2  1 
ATOM   737  N N    . ASN A 1 98 ? 1.339   -9.161  10.484  1.00 8.84  ? 98  ASN C N    1 
ATOM   738  C CA   . ASN A 1 98 ? 1.227   -10.412 11.206  1.00 9.51  ? 98  ASN C CA   1 
ATOM   739  C C    . ASN A 1 98 ? -0.093  -11.103 10.945  1.00 10.13 ? 98  ASN C C    1 
ATOM   740  O O    . ASN A 1 98 ? -1.141  -10.467 10.918  1.00 10.02 ? 98  ASN C O    1 
ATOM   741  C CB   . ASN A 1 98 ? 1.390   -10.171 12.715  1.00 10.08 ? 98  ASN C CB   1 
ATOM   742  C CG   . ASN A 1 98 ? 2.732   -9.550  13.071  1.00 11.57 ? 98  ASN C CG   1 
ATOM   743  O OD1  . ASN A 1 98 ? 2.905   -8.332  13.011  1.00 12.25 ? 98  ASN C OD1  1 
ATOM   744  N ND2  . ASN A 1 98 ? 3.691   -10.387 13.424  1.00 11.61 ? 98  ASN C ND2  1 
ATOM   745  N N    . PHE A 1 99 ? -0.022  -12.417 10.751  1.00 11.13 ? 99  PHE C N    1 
ATOM   746  C CA   . PHE A 1 99 ? -1.197  -13.255 10.530  1.00 11.29 ? 99  PHE C CA   1 
ATOM   747  C C    . PHE A 1 99 ? -0.847  -14.729 10.765  1.00 12.24 ? 99  PHE C C    1 
ATOM   748  O O    . PHE A 1 99 ? -1.713  -15.586 10.524  1.00 13.06 ? 99  PHE C O    1 
ATOM   749  C CB   . PHE A 1 99 ? -1.794  -13.039 9.127   1.00 11.20 ? 99  PHE C CB   1 
ATOM   750  C CG   . PHE A 1 99 ? -0.856  -13.361 7.999   1.00 11.41 ? 99  PHE C CG   1 
ATOM   751  C CD1  . PHE A 1 99 ? 0.138   -12.465 7.626   1.00 11.15 ? 99  PHE C CD1  1 
ATOM   752  C CD2  . PHE A 1 99 ? -0.984  -14.552 7.291   1.00 12.64 ? 99  PHE C CD2  1 
ATOM   753  C CE1  . PHE A 1 99 ? 0.992   -12.748 6.565   1.00 13.44 ? 99  PHE C CE1  1 
ATOM   754  C CE2  . PHE A 1 99 ? -0.134  -14.845 6.228   1.00 13.87 ? 99  PHE C CE2  1 
ATOM   755  C CZ   . PHE A 1 99 ? 0.858   -13.939 5.864   1.00 14.10 ? 99  PHE C CZ   1 
ATOM   756  O OXT  . PHE A 1 99 ? 0.280   -15.006 11.227  1.00 12.35 ? 99  PHE C OXT  1 
ATOM   757  N N    . PRO B 1 1  ? 2.557   -15.815 10.165  1.00 19.15 ? 101 PRO D N    1 
ATOM   758  C CA   . PRO B 1 1  ? 3.950   -15.320 10.230  1.00 18.22 ? 101 PRO D CA   1 
ATOM   759  C C    . PRO B 1 1  ? 4.033   -13.828 10.536  1.00 17.50 ? 101 PRO D C    1 
ATOM   760  O O    . PRO B 1 1  ? 3.019   -13.127 10.571  1.00 15.84 ? 101 PRO D O    1 
ATOM   761  C CB   . PRO B 1 1  ? 4.556   -15.588 8.863   1.00 19.30 ? 101 PRO D CB   1 
ATOM   762  C CG   . PRO B 1 1  ? 3.321   -15.522 7.975   1.00 19.70 ? 101 PRO D CG   1 
ATOM   763  C CD   . PRO B 1 1  ? 2.248   -16.246 8.790   1.00 18.97 ? 101 PRO D CD   1 
ATOM   764  N N    . GLN B 1 2  ? 5.249   -13.371 10.823  1.00 16.84 ? 102 GLN D N    1 
ATOM   765  C CA   . GLN B 1 2  ? 5.499   -11.959 11.068  1.00 17.06 ? 102 GLN D CA   1 
ATOM   766  C C    . GLN B 1 2  ? 6.350   -11.507 9.896   1.00 15.79 ? 102 GLN D C    1 
ATOM   767  O O    . GLN B 1 2  ? 7.439   -12.033 9.668   1.00 16.80 ? 102 GLN D O    1 
ATOM   768  C CB   . GLN B 1 2  ? 6.249   -11.717 12.371  1.00 17.82 ? 102 GLN D CB   1 
ATOM   769  C CG   . GLN B 1 2  ? 6.645   -10.263 12.511  1.00 20.50 ? 102 GLN D CG   1 
ATOM   770  C CD   . GLN B 1 2  ? 7.151   -9.923  13.880  1.00 22.42 ? 102 GLN D CD   1 
ATOM   771  O OE1  . GLN B 1 2  ? 8.356   -9.841  14.101  1.00 26.01 ? 102 GLN D OE1  1 
ATOM   772  N NE2  . GLN B 1 2  ? 6.232   -9.706  14.815  1.00 22.39 ? 102 GLN D NE2  1 
ATOM   773  N N    . ILE B 1 3  ? 5.839   -10.543 9.146   1.00 14.30 ? 103 ILE D N    1 
ATOM   774  C CA   . ILE B 1 3  ? 6.538   -10.050 7.969   1.00 13.13 ? 103 ILE D CA   1 
ATOM   775  C C    . ILE B 1 3  ? 7.084   -8.651  8.193   1.00 11.26 ? 103 ILE D C    1 
ATOM   776  O O    . ILE B 1 3  ? 6.329   -7.719  8.450   1.00 10.00 ? 103 ILE D O    1 
ATOM   777  C CB   . ILE B 1 3  ? 5.596   -10.080 6.719   1.00 13.85 ? 103 ILE D CB   1 
ATOM   778  C CG1  . ILE B 1 3  ? 5.168   -11.529 6.443   1.00 15.17 ? 103 ILE D CG1  1 
ATOM   779  C CG2  . ILE B 1 3  ? 6.283   -9.467  5.484   1.00 13.46 ? 103 ILE D CG2  1 
ATOM   780  C CD1  . ILE B 1 3  ? 4.209   -11.700 5.282   1.00 14.49 ? 103 ILE D CD1  1 
ATOM   781  N N    . THR B 1 4  ? 8.409   -8.530  8.157   1.00 10.21 ? 104 THR D N    1 
ATOM   782  C CA   . THR B 1 4  ? 9.056   -7.231  8.324   1.00 9.75  ? 104 THR D CA   1 
ATOM   783  C C    . THR B 1 4  ? 8.972   -6.496  6.996   1.00 8.90  ? 104 THR D C    1 
ATOM   784  O O    . THR B 1 4  ? 8.664   -7.098  5.959   1.00 9.77  ? 104 THR D O    1 
ATOM   785  C CB   . THR B 1 4  ? 10.522  -7.349  8.773   1.00 9.59  ? 104 THR D CB   1 
ATOM   786  O OG1  . THR B 1 4  ? 11.239  -8.211  7.881   1.00 10.48 ? 104 THR D OG1  1 
ATOM   787  C CG2  . THR B 1 4  ? 10.597  -7.883  10.195  1.00 11.67 ? 104 THR D CG2  1 
ATOM   788  N N    . LEU B 1 5  ? 9.286   -5.210  7.008   1.00 7.67  ? 105 LEU D N    1 
ATOM   789  C CA   . LEU B 1 5  ? 9.154   -4.424  5.793   1.00 7.47  ? 105 LEU D CA   1 
ATOM   790  C C    . LEU B 1 5  ? 10.427  -3.878  5.174   1.00 6.96  ? 105 LEU D C    1 
ATOM   791  O O    . LEU B 1 5  ? 10.381  -2.931  4.392   1.00 6.80  ? 105 LEU D O    1 
ATOM   792  C CB   . LEU B 1 5  ? 8.127   -3.311  6.035   1.00 8.06  ? 105 LEU D CB   1 
ATOM   793  C CG   . LEU B 1 5  ? 6.770   -3.856  6.506   1.00 7.67  ? 105 LEU D CG   1 
ATOM   794  C CD1  . LEU B 1 5  ? 5.958   -2.766  7.173   1.00 7.33  ? 105 LEU D CD1  1 
ATOM   795  C CD2  . LEU B 1 5  ? 6.013   -4.494  5.343   1.00 6.06  ? 105 LEU D CD2  1 
ATOM   796  N N    . TRP B 1 6  ? 11.559  -4.496  5.498   1.00 6.36  ? 106 TRP D N    1 
ATOM   797  C CA   . TRP B 1 6  ? 12.840  -4.080  4.945   1.00 7.25  ? 106 TRP D CA   1 
ATOM   798  C C    . TRP B 1 6  ? 12.849  -4.320  3.440   1.00 8.18  ? 106 TRP D C    1 
ATOM   799  O O    . TRP B 1 6  ? 13.529  -3.622  2.688   1.00 7.74  ? 106 TRP D O    1 
ATOM   800  C CB   . TRP B 1 6  ? 13.973  -4.838  5.625   1.00 6.74  ? 106 TRP D CB   1 
ATOM   801  C CG   . TRP B 1 6  ? 13.950  -4.631  7.084   1.00 7.08  ? 106 TRP D CG   1 
ATOM   802  C CD1  . TRP B 1 6  ? 13.438  -5.475  8.019   1.00 6.71  ? 106 TRP D CD1  1 
ATOM   803  C CD2  . TRP B 1 6  ? 14.397  -3.466  7.791   1.00 7.45  ? 106 TRP D CD2  1 
ATOM   804  N NE1  . TRP B 1 6  ? 13.527  -4.910  9.268   1.00 8.46  ? 106 TRP D NE1  1 
ATOM   805  C CE2  . TRP B 1 6  ? 14.114  -3.676  9.159   1.00 8.37  ? 106 TRP D CE2  1 
ATOM   806  C CE3  . TRP B 1 6  ? 15.009  -2.267  7.403   1.00 6.72  ? 106 TRP D CE3  1 
ATOM   807  C CZ2  . TRP B 1 6  ? 14.422  -2.729  10.142  1.00 6.51  ? 106 TRP D CZ2  1 
ATOM   808  C CZ3  . TRP B 1 6  ? 15.317  -1.328  8.382   1.00 5.47  ? 106 TRP D CZ3  1 
ATOM   809  C CH2  . TRP B 1 6  ? 15.021  -1.567  9.735   1.00 6.67  ? 106 TRP D CH2  1 
ATOM   810  N N    . LYS B 1 7  ? 12.100  -5.334  3.018   1.00 9.68  ? 107 LYS D N    1 
ATOM   811  C CA   . LYS B 1 7  ? 11.946  -5.688  1.608   1.00 9.95  ? 107 LYS D CA   1 
ATOM   812  C C    . LYS B 1 7  ? 10.439  -5.665  1.338   1.00 9.38  ? 107 LYS D C    1 
ATOM   813  O O    . LYS B 1 7  ? 9.643   -5.664  2.280   1.00 8.25  ? 107 LYS D O    1 
ATOM   814  C CB   . LYS B 1 7  ? 12.498  -7.094  1.339   1.00 14.21 ? 107 LYS D CB   1 
ATOM   815  C CG   . LYS B 1 7  ? 14.025  -7.214  1.355   1.00 19.08 ? 107 LYS D CG   1 
ATOM   816  C CD   . LYS B 1 7  ? 14.624  -7.099  2.758   1.00 24.96 ? 107 LYS D CD   1 
ATOM   817  C CE   . LYS B 1 7  ? 14.324  -8.329  3.626   1.00 28.97 ? 107 LYS D CE   1 
ATOM   818  N NZ   . LYS B 1 7  ? 14.826  -8.193  5.036   1.00 28.45 ? 107 LYS D NZ   1 
ATOM   819  N N    . ARG B 1 8  ? 10.040  -5.628  0.068   1.00 8.16  ? 108 ARG D N    1 
ATOM   820  C CA   . ARG B 1 8  ? 8.613   -5.626  -0.268  1.00 8.01  ? 108 ARG D CA   1 
ATOM   821  C C    . ARG B 1 8  ? 7.946   -6.892  0.273   1.00 7.38  ? 108 ARG D C    1 
ATOM   822  O O    . ARG B 1 8  ? 8.505   -7.987  0.158   1.00 7.04  ? 108 ARG D O    1 
ATOM   823  C CB   . ARG B 1 8  ? 8.415   -5.551  -1.782  1.00 8.57  ? 108 ARG D CB   1 
ATOM   824  C CG   . ARG B 1 8  ? 8.792   -4.218  -2.378  1.00 10.28 ? 108 ARG D CG   1 
ATOM   825  C CD   . ARG B 1 8  ? 8.559   -4.206  -3.871  1.00 13.82 ? 108 ARG D CD   1 
ATOM   826  N NE   . ARG B 1 8  ? 8.986   -2.938  -4.458  1.00 16.86 ? 108 ARG D NE   1 
ATOM   827  C CZ   . ARG B 1 8  ? 9.621   -2.824  -5.620  1.00 18.53 ? 108 ARG D CZ   1 
ATOM   828  N NH1  . ARG B 1 8  ? 9.907   -3.905  -6.336  1.00 19.85 ? 108 ARG D NH1  1 
ATOM   829  N NH2  . ARG B 1 8  ? 9.978   -1.628  -6.063  1.00 18.53 ? 108 ARG D NH2  1 
ATOM   830  N N    . PRO B 1 9  ? 6.775   -6.750  0.926   1.00 7.15  ? 109 PRO D N    1 
ATOM   831  C CA   . PRO B 1 9  ? 6.051   -7.899  1.485   1.00 7.00  ? 109 PRO D CA   1 
ATOM   832  C C    . PRO B 1 9  ? 5.349   -8.717  0.396   1.00 7.47  ? 109 PRO D C    1 
ATOM   833  O O    . PRO B 1 9  ? 4.119   -8.748  0.306   1.00 7.06  ? 109 PRO D O    1 
ATOM   834  C CB   . PRO B 1 9  ? 5.066   -7.243  2.455   1.00 7.91  ? 109 PRO D CB   1 
ATOM   835  C CG   . PRO B 1 9  ? 4.755   -5.937  1.780   1.00 6.86  ? 109 PRO D CG   1 
ATOM   836  C CD   . PRO B 1 9  ? 6.107   -5.479  1.278   1.00 7.34  ? 109 PRO D CD   1 
ATOM   837  N N    . LEU B 1 10 ? 6.163   -9.354  -0.443  1.00 8.50  ? 110 LEU D N    1 
ATOM   838  C CA   . LEU B 1 10 ? 5.679   -10.184 -1.545  1.00 9.24  ? 110 LEU D CA   1 
ATOM   839  C C    . LEU B 1 10 ? 5.443   -11.613 -1.078  1.00 9.66  ? 110 LEU D C    1 
ATOM   840  O O    . LEU B 1 10 ? 6.277   -12.189 -0.373  1.00 10.16 ? 110 LEU D O    1 
ATOM   841  C CB   . LEU B 1 10 ? 6.690   -10.189 -2.694  1.00 10.36 ? 110 LEU D CB   1 
ATOM   842  C CG   . LEU B 1 10 ? 6.856   -8.877  -3.462  1.00 10.67 ? 110 LEU D CG   1 
ATOM   843  C CD1  . LEU B 1 10 ? 8.108   -8.948  -4.311  1.00 12.42 ? 110 LEU D CD1  1 
ATOM   844  C CD2  . LEU B 1 10 ? 5.632   -8.610  -4.323  1.00 11.01 ? 110 LEU D CD2  1 
ATOM   845  N N    . VAL B 1 11 ? 4.287   -12.161 -1.437  1.00 7.32  ? 111 VAL D N    1 
ATOM   846  C CA   . VAL B 1 11 ? 3.944   -13.531 -1.081  1.00 7.69  ? 111 VAL D CA   1 
ATOM   847  C C    . VAL B 1 11 ? 3.449   -14.264 -2.311  1.00 6.71  ? 111 VAL D C    1 
ATOM   848  O O    . VAL B 1 11 ? 3.199   -13.654 -3.346  1.00 7.21  ? 111 VAL D O    1 
ATOM   849  C CB   . VAL B 1 11 ? 2.838   -13.597 0.003   1.00 7.74  ? 111 VAL D CB   1 
ATOM   850  C CG1  . VAL B 1 11 ? 3.293   -12.891 1.272   1.00 8.05  ? 111 VAL D CG1  1 
ATOM   851  C CG2  . VAL B 1 11 ? 1.543   -13.020 -0.523  1.00 7.01  ? 111 VAL D CG2  1 
ATOM   852  N N    . THR B 1 12 ? 3.377   -15.586 -2.221  1.00 6.53  ? 112 THR D N    1 
ATOM   853  C CA   . THR B 1 12 ? 2.864   -16.370 -3.334  1.00 6.90  ? 112 THR D CA   1 
ATOM   854  C C    . THR B 1 12 ? 1.374   -16.534 -3.091  1.00 6.26  ? 112 THR D C    1 
ATOM   855  O O    . THR B 1 12 ? 0.934   -16.739 -1.952  1.00 7.00  ? 112 THR D O    1 
ATOM   856  C CB   . THR B 1 12 ? 3.507   -17.782 -3.424  1.00 6.83  ? 112 THR D CB   1 
ATOM   857  O OG1  . THR B 1 12 ? 4.914   -17.653 -3.619  1.00 9.18  ? 112 THR D OG1  1 
ATOM   858  C CG2  . THR B 1 12 ? 2.936   -18.556 -4.603  1.00 8.64  ? 112 THR D CG2  1 
ATOM   859  N N    . ILE B 1 13 ? 0.596   -16.348 -4.147  1.00 5.77  ? 113 ILE D N    1 
ATOM   860  C CA   . ILE B 1 13 ? -0.844  -16.517 -4.066  1.00 6.07  ? 113 ILE D CA   1 
ATOM   861  C C    . ILE B 1 13 ? -1.234  -17.579 -5.093  1.00 6.50  ? 113 ILE D C    1 
ATOM   862  O O    . ILE B 1 13 ? -0.442  -17.928 -5.972  1.00 7.12  ? 113 ILE D O    1 
ATOM   863  C CB   . ILE B 1 13 ? -1.625  -15.200 -4.377  1.00 6.14  ? 113 ILE D CB   1 
ATOM   864  C CG1  . ILE B 1 13 ? -1.357  -14.726 -5.815  1.00 6.65  ? 113 ILE D CG1  1 
ATOM   865  C CG2  . ILE B 1 13 ? -1.262  -14.120 -3.366  1.00 5.58  ? 113 ILE D CG2  1 
ATOM   866  C CD1  . ILE B 1 13 ? -2.338  -13.663 -6.319  1.00 7.26  ? 113 ILE D CD1  1 
ATOM   867  N N    . LYS B 1 14 ? -2.417  -18.149 -4.925  1.00 6.59  ? 114 LYS D N    1 
ATOM   868  C CA   . LYS B 1 14 ? -2.910  -19.123 -5.878  1.00 6.78  ? 114 LYS D CA   1 
ATOM   869  C C    . LYS B 1 14 ? -4.317  -18.719 -6.260  1.00 6.63  ? 114 LYS D C    1 
ATOM   870  O O    . LYS B 1 14 ? -5.192  -18.581 -5.409  1.00 7.34  ? 114 LYS D O    1 
ATOM   871  C CB   . LYS B 1 14 ? -2.884  -20.549 -5.330  1.00 6.79  ? 114 LYS D CB   1 
ATOM   872  C CG   . LYS B 1 14 ? -3.324  -21.551 -6.393  1.00 7.21  ? 114 LYS D CG   1 
ATOM   873  C CD   . LYS B 1 14 ? -2.938  -22.970 -6.060  1.00 9.67  ? 114 LYS D CD   1 
ATOM   874  C CE   . LYS B 1 14 ? -3.693  -23.500 -4.866  1.00 11.17 ? 114 LYS D CE   1 
ATOM   875  N NZ   . LYS B 1 14 ? -3.496  -24.986 -4.772  1.00 13.91 ? 114 LYS D NZ   1 
ATOM   876  N N    . ILE B 1 15 ? -4.516  -18.498 -7.551  1.00 7.38  ? 115 ILE D N    1 
ATOM   877  C CA   . ILE B 1 15 ? -5.810  -18.098 -8.070  1.00 8.50  ? 115 ILE D CA   1 
ATOM   878  C C    . ILE B 1 15 ? -5.982  -18.782 -9.425  1.00 9.33  ? 115 ILE D C    1 
ATOM   879  O O    . ILE B 1 15 ? -5.057  -18.802 -10.242 1.00 9.75  ? 115 ILE D O    1 
ATOM   880  C CB   . ILE B 1 15 ? -5.893  -16.543 -8.176  1.00 9.33  ? 115 ILE D CB   1 
ATOM   881  C CG1  . ILE B 1 15 ? -7.248  -16.109 -8.739  1.00 10.40 ? 115 ILE D CG1  1 
ATOM   882  C CG2  . ILE B 1 15 ? -4.722  -15.997 -8.997  1.00 10.10 ? 115 ILE D CG2  1 
ATOM   883  C CD1  . ILE B 1 15 ? -7.467  -14.604 -8.675  1.00 11.06 ? 115 ILE D CD1  1 
ATOM   884  N N    . GLY B 1 16 ? -7.134  -19.416 -9.619  1.00 10.34 ? 116 GLY D N    1 
ATOM   885  C CA   . GLY B 1 16 ? -7.395  -20.123 -10.865 1.00 11.95 ? 116 GLY D CA   1 
ATOM   886  C C    . GLY B 1 16 ? -6.423  -21.275 -11.078 1.00 11.95 ? 116 GLY D C    1 
ATOM   887  O O    . GLY B 1 16 ? -6.125  -21.633 -12.216 1.00 13.50 ? 116 GLY D O    1 
ATOM   888  N N    . GLY B 1 17 ? -5.924  -21.842 -9.979  1.00 12.66 ? 117 GLY D N    1 
ATOM   889  C CA   . GLY B 1 17 ? -4.971  -22.942 -10.044 1.00 11.57 ? 117 GLY D CA   1 
ATOM   890  C C    . GLY B 1 17 ? -3.555  -22.521 -10.405 1.00 11.45 ? 117 GLY D C    1 
ATOM   891  O O    . GLY B 1 17 ? -2.660  -23.359 -10.530 1.00 11.43 ? 117 GLY D O    1 
ATOM   892  N N    . GLN B 1 18 ? -3.343  -21.216 -10.540 1.00 10.77 ? 118 GLN D N    1 
ATOM   893  C CA   . GLN B 1 18 ? -2.041  -20.680 -10.908 1.00 11.16 ? 118 GLN D CA   1 
ATOM   894  C C    . GLN B 1 18 ? -1.379  -19.989 -9.734  1.00 9.51  ? 118 GLN D C    1 
ATOM   895  O O    . GLN B 1 18 ? -2.040  -19.340 -8.937  1.00 8.22  ? 118 GLN D O    1 
ATOM   896  C CB   . GLN B 1 18 ? -2.198  -19.656 -12.031 1.00 14.38 ? 118 GLN D CB   1 
ATOM   897  C CG   . GLN B 1 18 ? -2.945  -20.159 -13.256 1.00 20.58 ? 118 GLN D CG   1 
ATOM   898  C CD   . GLN B 1 18 ? -3.475  -19.025 -14.118 1.00 23.71 ? 118 GLN D CD   1 
ATOM   899  O OE1  . GLN B 1 18 ? -2.742  -18.097 -14.464 1.00 26.10 ? 118 GLN D OE1  1 
ATOM   900  N NE2  . GLN B 1 18 ? -4.761  -19.088 -14.452 1.00 26.68 ? 118 GLN D NE2  1 
ATOM   901  N N    . LEU B 1 19 ? -0.063  -20.127 -9.641  1.00 9.82  ? 119 LEU D N    1 
ATOM   902  C CA   . LEU B 1 19 ? 0.690   -19.470 -8.581  1.00 9.83  ? 119 LEU D CA   1 
ATOM   903  C C    . LEU B 1 19 ? 1.192   -18.148 -9.145  1.00 10.29 ? 119 LEU D C    1 
ATOM   904  O O    . LEU B 1 19 ? 1.703   -18.093 -10.267 1.00 10.17 ? 119 LEU D O    1 
ATOM   905  C CB   . LEU B 1 19 ? 1.892   -20.310 -8.133  1.00 8.82  ? 119 LEU D CB   1 
ATOM   906  C CG   . LEU B 1 19 ? 1.657   -21.616 -7.375  1.00 8.00  ? 119 LEU D CG   1 
ATOM   907  C CD1  . LEU B 1 19 ? 3.000   -22.193 -6.964  1.00 7.17  ? 119 LEU D CD1  1 
ATOM   908  C CD2  . LEU B 1 19 ? 0.791   -21.370 -6.152  1.00 7.90  ? 119 LEU D CD2  1 
ATOM   909  N N    . LYS B 1 20 ? 1.027   -17.086 -8.366  1.00 10.96 ? 120 LYS D N    1 
ATOM   910  C CA   . LYS B 1 20 ? 1.473   -15.753 -8.755  1.00 11.89 ? 120 LYS D CA   1 
ATOM   911  C C    . LYS B 1 20 ? 2.099   -15.100 -7.527  1.00 13.03 ? 120 LYS D C    1 
ATOM   912  O O    . LYS B 1 20 ? 1.995   -15.623 -6.416  1.00 12.12 ? 120 LYS D O    1 
ATOM   913  C CB   . LYS B 1 20 ? 0.283   -14.899 -9.219  1.00 12.26 ? 120 LYS D CB   1 
ATOM   914  C CG   . LYS B 1 20 ? -0.371  -15.338 -10.516 1.00 14.29 ? 120 LYS D CG   1 
ATOM   915  C CD   . LYS B 1 20 ? -1.624  -14.523 -10.791 1.00 16.96 ? 120 LYS D CD   1 
ATOM   916  C CE   . LYS B 1 20 ? -2.154  -14.772 -12.201 1.00 19.54 ? 120 LYS D CE   1 
ATOM   917  N NZ   . LYS B 1 20 ? -1.224  -14.245 -13.253 1.00 21.47 ? 120 LYS D NZ   1 
ATOM   918  N N    . GLU B 1 21 ? 2.789   -13.985 -7.739  1.00 13.67 ? 121 GLU D N    1 
ATOM   919  C CA   . GLU B 1 21 ? 3.382   -13.241 -6.636  1.00 15.00 ? 121 GLU D CA   1 
ATOM   920  C C    . GLU B 1 21 ? 2.528   -11.988 -6.436  1.00 11.73 ? 121 GLU D C    1 
ATOM   921  O O    . GLU B 1 21 ? 2.074   -11.372 -7.399  1.00 9.96  ? 121 GLU D O    1 
ATOM   922  C CB   . GLU B 1 21 ? 4.839   -12.860 -6.936  1.00 21.10 ? 121 GLU D CB   1 
ATOM   923  C CG   . GLU B 1 21 ? 5.026   -12.031 -8.201  1.00 33.20 ? 121 GLU D CG   1 
ATOM   924  C CD   . GLU B 1 21 ? 6.437   -11.481 -8.345  1.00 39.24 ? 121 GLU D CD   1 
ATOM   925  O OE1  . GLU B 1 21 ? 7.319   -12.222 -8.842  1.00 43.02 ? 121 GLU D OE1  1 
ATOM   926  O OE2  . GLU B 1 21 ? 6.660   -10.306 -7.967  1.00 42.63 ? 121 GLU D OE2  1 
ATOM   927  N N    . ALA B 1 22 ? 2.258   -11.651 -5.185  1.00 9.63  ? 122 ALA D N    1 
ATOM   928  C CA   . ALA B 1 22 ? 1.456   -10.474 -4.880  1.00 7.73  ? 122 ALA D CA   1 
ATOM   929  C C    . ALA B 1 22 ? 2.014   -9.744  -3.670  1.00 7.87  ? 122 ALA D C    1 
ATOM   930  O O    . ALA B 1 22 ? 2.658   -10.336 -2.801  1.00 8.21  ? 122 ALA D O    1 
ATOM   931  C CB   . ALA B 1 22 ? 0.007   -10.858 -4.653  1.00 7.32  ? 122 ALA D CB   1 
ATOM   932  N N    . LEU B 1 23 ? 1.729   -8.454  -3.614  1.00 6.58  ? 123 LEU D N    1 
ATOM   933  C CA   . LEU B 1 23 ? 2.204   -7.588  -2.555  1.00 6.86  ? 123 LEU D CA   1 
ATOM   934  C C    . LEU B 1 23 ? 1.125   -7.419  -1.481  1.00 6.55  ? 123 LEU D C    1 
ATOM   935  O O    . LEU B 1 23 ? -0.018  -7.098  -1.812  1.00 7.18  ? 123 LEU D O    1 
ATOM   936  C CB   . LEU B 1 23 ? 2.542   -6.231  -3.193  1.00 8.25  ? 123 LEU D CB   1 
ATOM   937  C CG   . LEU B 1 23 ? 3.347   -5.139  -2.497  1.00 9.09  ? 123 LEU D CG   1 
ATOM   938  C CD1  . LEU B 1 23 ? 4.763   -5.617  -2.242  1.00 11.14 ? 123 LEU D CD1  1 
ATOM   939  C CD2  . LEU B 1 23 ? 3.373   -3.921  -3.405  1.00 8.85  ? 123 LEU D CD2  1 
ATOM   940  N N    . LEU B 1 24 ? 1.457   -7.713  -0.220  1.00 5.57  ? 124 LEU D N    1 
ATOM   941  C CA   . LEU B 1 24 ? 0.497   -7.520  0.877   1.00 5.94  ? 124 LEU D CA   1 
ATOM   942  C C    . LEU B 1 24 ? 0.476   -6.008  1.064   1.00 6.21  ? 124 LEU D C    1 
ATOM   943  O O    . LEU B 1 24 ? 1.478   -5.405  1.461   1.00 7.30  ? 124 LEU D O    1 
ATOM   944  C CB   . LEU B 1 24 ? 0.961   -8.223  2.141   1.00 6.75  ? 124 LEU D CB   1 
ATOM   945  C CG   . LEU B 1 24 ? 1.118   -9.733  1.973   1.00 7.42  ? 124 LEU D CG   1 
ATOM   946  C CD1  . LEU B 1 24 ? 1.446   -10.337 3.322   1.00 9.44  ? 124 LEU D CD1  1 
ATOM   947  C CD2  . LEU B 1 24 ? -0.159  -10.349 1.405   1.00 7.91  ? 124 LEU D CD2  1 
ATOM   948  N N    . ASP B 1 25 ? -0.669  -5.408  0.768   1.00 5.68  ? 125 ASP D N    1 
ATOM   949  C CA   . ASP B 1 25 ? -0.800  -3.961  0.772   1.00 5.31  ? 125 ASP D CA   1 
ATOM   950  C C    . ASP B 1 25 ? -1.846  -3.371  1.713   1.00 5.31  ? 125 ASP D C    1 
ATOM   951  O O    . ASP B 1 25 ? -3.023  -3.294  1.373   1.00 4.87  ? 125 ASP D O    1 
ATOM   952  C CB   . ASP B 1 25 ? -1.092  -3.541  -0.677  1.00 6.55  ? 125 ASP D CB   1 
ATOM   953  C CG   . ASP B 1 25 ? -0.884  -2.073  -0.922  1.00 7.34  ? 125 ASP D CG   1 
ATOM   954  O OD1  . ASP B 1 25 ? -0.654  -1.327  0.040   1.00 7.35  ? 125 ASP D OD1  1 
ATOM   955  O OD2  . ASP B 1 25 ? -0.968  -1.657  -2.092  1.00 9.91  ? 125 ASP D OD2  1 
ATOM   956  N N    . THR B 1 26 ? -1.388  -2.858  2.853   1.00 5.44  ? 126 THR D N    1 
ATOM   957  C CA   . THR B 1 26 ? -2.283  -2.253  3.841   1.00 5.55  ? 126 THR D CA   1 
ATOM   958  C C    . THR B 1 26 ? -2.869  -0.931  3.340   1.00 5.23  ? 126 THR D C    1 
ATOM   959  O O    . THR B 1 26 ? -3.884  -0.457  3.859   1.00 6.31  ? 126 THR D O    1 
ATOM   960  C CB   . THR B 1 26 ? -1.560  -2.008  5.176   1.00 5.99  ? 126 THR D CB   1 
ATOM   961  O OG1  . THR B 1 26 ? -0.429  -1.161  4.956   1.00 6.37  ? 126 THR D OG1  1 
ATOM   962  C CG2  . THR B 1 26 ? -1.089  -3.320  5.775   1.00 6.80  ? 126 THR D CG2  1 
ATOM   963  N N    . GLY B 1 27 ? -2.224  -0.352  2.329   1.00 5.53  ? 127 GLY D N    1 
ATOM   964  C CA   . GLY B 1 27 ? -2.686  0.901   1.750   1.00 5.79  ? 127 GLY D CA   1 
ATOM   965  C C    . GLY B 1 27 ? -3.665  0.727   0.595   1.00 5.54  ? 127 GLY D C    1 
ATOM   966  O O    . GLY B 1 27 ? -4.008  1.687   -0.088  1.00 6.53  ? 127 GLY D O    1 
ATOM   967  N N    . ALA B 1 28 ? -4.117  -0.503  0.378   1.00 5.45  ? 128 ALA D N    1 
ATOM   968  C CA   . ALA B 1 28 ? -5.057  -0.805  -0.691  1.00 5.28  ? 128 ALA D CA   1 
ATOM   969  C C    . ALA B 1 28 ? -6.377  -1.270  -0.098  1.00 5.70  ? 128 ALA D C    1 
ATOM   970  O O    . ALA B 1 28 ? -6.404  -2.162  0.753   1.00 5.05  ? 128 ALA D O    1 
ATOM   971  C CB   . ALA B 1 28 ? -4.482  -1.887  -1.606  1.00 6.35  ? 128 ALA D CB   1 
ATOM   972  N N    . ASP B 1 29 ? -7.474  -0.649  -0.522  1.00 5.77  ? 129 ASP D N    1 
ATOM   973  C CA   . ASP B 1 29 ? -8.788  -1.052  -0.022  1.00 5.98  ? 129 ASP D CA   1 
ATOM   974  C C    . ASP B 1 29 ? -9.155  -2.418  -0.600  1.00 5.24  ? 129 ASP D C    1 
ATOM   975  O O    . ASP B 1 29 ? -9.767  -3.257  0.070   1.00 5.89  ? 129 ASP D O    1 
ATOM   976  C CB   . ASP B 1 29 ? -9.883  -0.081  -0.488  1.00 6.82  ? 129 ASP D CB   1 
ATOM   977  C CG   . ASP B 1 29 ? -9.708  1.325   0.032   1.00 7.30  ? 129 ASP D CG   1 
ATOM   978  O OD1  . ASP B 1 29 ? -8.993  1.545   1.026   1.00 8.00  ? 129 ASP D OD1  1 
ATOM   979  O OD2  . ASP B 1 29 ? -10.332 2.220   -0.565  1.00 8.50  ? 129 ASP D OD2  1 
ATOM   980  N N    . ASN B 1 30 ? -8.795  -2.608  -1.863  1.00 4.37  ? 130 ASN D N    1 
ATOM   981  C CA   . ASN B 1 30 ? -9.138  -3.816  -2.597  1.00 5.35  ? 130 ASN D CA   1 
ATOM   982  C C    . ASN B 1 30 ? -7.939  -4.595  -3.091  1.00 5.27  ? 130 ASN D C    1 
ATOM   983  O O    . ASN B 1 30 ? -6.801  -4.146  -2.987  1.00 6.22  ? 130 ASN D O    1 
ATOM   984  C CB   . ASN B 1 30 ? -9.993  -3.429  -3.810  1.00 7.03  ? 130 ASN D CB   1 
ATOM   985  C CG   . ASN B 1 30 ? -11.071 -2.413  -3.468  1.00 9.50  ? 130 ASN D CG   1 
ATOM   986  O OD1  . ASN B 1 30 ? -10.979 -1.231  -3.833  1.00 10.06 ? 130 ASN D OD1  1 
ATOM   987  N ND2  . ASN B 1 30 ? -12.096 -2.864  -2.756  1.00 10.11 ? 130 ASN D ND2  1 
ATOM   988  N N    . THR B 1 31 ? -8.234  -5.755  -3.675  1.00 5.57  ? 131 THR D N    1 
ATOM   989  C CA   . THR B 1 31 ? -7.234  -6.653  -4.238  1.00 5.12  ? 131 THR D CA   1 
ATOM   990  C C    . THR B 1 31 ? -7.289  -6.508  -5.762  1.00 6.80  ? 131 THR D C    1 
ATOM   991  O O    . THR B 1 31 ? -8.344  -6.694  -6.386  1.00 7.34  ? 131 THR D O    1 
ATOM   992  C CB   . THR B 1 31 ? -7.515  -8.109  -3.793  1.00 5.61  ? 131 THR D CB   1 
ATOM   993  O OG1  . THR B 1 31 ? -7.289  -8.220  -2.381  1.00 5.88  ? 131 THR D OG1  1 
ATOM   994  C CG2  . THR B 1 31 ? -6.630  -9.104  -4.532  1.00 5.11  ? 131 THR D CG2  1 
ATOM   995  N N    . VAL B 1 32 ? -6.158  -6.127  -6.349  1.00 6.85  ? 132 VAL D N    1 
ATOM   996  C CA   . VAL B 1 32 ? -6.074  -5.910  -7.791  1.00 6.99  ? 132 VAL D CA   1 
ATOM   997  C C    . VAL B 1 32 ? -4.993  -6.797  -8.395  1.00 7.67  ? 132 VAL D C    1 
ATOM   998  O O    . VAL B 1 32 ? -3.833  -6.757  -7.975  1.00 5.65  ? 132 VAL D O    1 
ATOM   999  C CB   . VAL B 1 32 ? -5.749  -4.432  -8.128  1.00 7.53  ? 132 VAL D CB   1 
ATOM   1000 C CG1  . VAL B 1 32 ? -6.062  -4.147  -9.593  1.00 5.32  ? 132 VAL D CG1  1 
ATOM   1001 C CG2  . VAL B 1 32 ? -6.513  -3.486  -7.205  1.00 7.23  ? 132 VAL D CG2  1 
ATOM   1002 N N    . ILE B 1 33 ? -5.390  -7.578  -9.393  1.00 7.31  ? 133 ILE D N    1 
ATOM   1003 C CA   . ILE B 1 33 ? -4.493  -8.509  -10.064 1.00 8.90  ? 133 ILE D CA   1 
ATOM   1004 C C    . ILE B 1 33 ? -4.341  -8.150  -11.537 1.00 9.44  ? 133 ILE D C    1 
ATOM   1005 O O    . ILE B 1 33 ? -5.259  -7.594  -12.155 1.00 8.45  ? 133 ILE D O    1 
ATOM   1006 C CB   . ILE B 1 33 ? -5.028  -9.969  -9.954  1.00 9.71  ? 133 ILE D CB   1 
ATOM   1007 C CG1  . ILE B 1 33 ? -5.232  -10.357 -8.483  1.00 11.57 ? 133 ILE D CG1  1 
ATOM   1008 C CG2  . ILE B 1 33 ? -4.062  -10.953 -10.623 1.00 10.98 ? 133 ILE D CG2  1 
ATOM   1009 C CD1  . ILE B 1 33 ? -3.965  -10.352 -7.643  1.00 9.90  ? 133 ILE D CD1  1 
ATOM   1010 N N    . GLU B 1 34 ? -3.173  -8.473  -12.086 1.00 10.58 ? 134 GLU D N    1 
ATOM   1011 C CA   . GLU B 1 34 ? -2.862  -8.219  -13.485 1.00 12.71 ? 134 GLU D CA   1 
ATOM   1012 C C    . GLU B 1 34 ? -3.772  -9.085  -14.350 1.00 12.28 ? 134 GLU D C    1 
ATOM   1013 O O    . GLU B 1 34 ? -4.345  -10.064 -13.871 1.00 11.65 ? 134 GLU D O    1 
ATOM   1014 C CB   . GLU B 1 34 ? -1.389  -8.547  -13.763 1.00 15.91 ? 134 GLU D CB   1 
ATOM   1015 C CG   . GLU B 1 34 ? -0.393  -7.654  -12.996 1.00 23.49 ? 134 GLU D CG   1 
ATOM   1016 C CD   . GLU B 1 34 ? 1.066   -8.090  -13.149 1.00 28.01 ? 134 GLU D CD   1 
ATOM   1017 O OE1  . GLU B 1 34 ? 1.322   -9.317  -13.210 1.00 30.51 ? 134 GLU D OE1  1 
ATOM   1018 O OE2  . GLU B 1 34 ? 1.957   -7.204  -13.200 1.00 30.54 ? 134 GLU D OE2  1 
ATOM   1019 N N    . GLU B 1 35 ? -3.913  -8.701  -15.616 1.00 12.81 ? 135 GLU D N    1 
ATOM   1020 C CA   . GLU B 1 35 ? -4.749  -9.428  -16.573 1.00 13.55 ? 135 GLU D CA   1 
ATOM   1021 C C    . GLU B 1 35 ? -4.623  -10.957 -16.537 1.00 12.98 ? 135 GLU D C    1 
ATOM   1022 O O    . GLU B 1 35 ? -3.528  -11.512 -16.613 1.00 12.68 ? 135 GLU D O    1 
ATOM   1023 C CB   . GLU B 1 35 ? -4.472  -8.928  -17.991 1.00 14.37 ? 135 GLU D CB   1 
ATOM   1024 C CG   . GLU B 1 35 ? -5.020  -7.540  -18.279 1.00 16.79 ? 135 GLU D CG   1 
ATOM   1025 C CD   . GLU B 1 35 ? -6.540  -7.500  -18.381 1.00 17.61 ? 135 GLU D CD   1 
ATOM   1026 O OE1  . GLU B 1 35 ? -7.180  -8.574  -18.505 1.00 17.13 ? 135 GLU D OE1  1 
ATOM   1027 O OE2  . GLU B 1 35 ? -7.089  -6.376  -18.348 1.00 19.27 ? 135 GLU D OE2  1 
ATOM   1028 N N    . MET B 1 36 ? -5.769  -11.618 -16.417 1.00 13.26 ? 136 MET D N    1 
ATOM   1029 C CA   . MET B 1 36 ? -5.859  -13.075 -16.371 1.00 14.31 ? 136 MET D CA   1 
ATOM   1030 C C    . MET B 1 36 ? -7.325  -13.456 -16.575 1.00 15.48 ? 136 MET D C    1 
ATOM   1031 O O    . MET B 1 36 ? -8.222  -12.605 -16.514 1.00 15.73 ? 136 MET D O    1 
ATOM   1032 C CB   . MET B 1 36 ? -5.377  -13.621 -15.016 1.00 14.47 ? 136 MET D CB   1 
ATOM   1033 C CG   . MET B 1 36 ? -6.311  -13.309 -13.841 1.00 15.92 ? 136 MET D CG   1 
ATOM   1034 S SD   . MET B 1 36 ? -5.872  -14.129 -12.293 1.00 17.60 ? 136 MET D SD   1 
ATOM   1035 C CE   . MET B 1 36 ? -6.299  -15.823 -12.669 1.00 18.11 ? 136 MET D CE   1 
ATOM   1036 N N    . SER B 1 37 ? -7.573  -14.741 -16.789 1.00 16.66 ? 137 SER D N    1 
ATOM   1037 C CA   . SER B 1 37 ? -8.932  -15.207 -16.991 1.00 17.58 ? 137 SER D CA   1 
ATOM   1038 C C    . SER B 1 37 ? -9.555  -15.707 -15.693 1.00 16.73 ? 137 SER D C    1 
ATOM   1039 O O    . SER B 1 37 ? -8.963  -16.509 -14.961 1.00 16.25 ? 137 SER D O    1 
ATOM   1040 C CB   . SER B 1 37 ? -8.964  -16.299 -18.063 1.00 19.60 ? 137 SER D CB   1 
ATOM   1041 O OG   . SER B 1 37 ? -8.435  -15.813 -19.289 1.00 23.46 ? 137 SER D OG   1 
ATOM   1042 N N    . LEU B 1 38 ? -10.734 -15.174 -15.393 1.00 15.22 ? 138 LEU D N    1 
ATOM   1043 C CA   . LEU B 1 38 ? -11.488 -15.550 -14.206 1.00 14.21 ? 138 LEU D CA   1 
ATOM   1044 C C    . LEU B 1 38 ? -12.893 -15.913 -14.665 1.00 14.25 ? 138 LEU D C    1 
ATOM   1045 O O    . LEU B 1 38 ? -13.408 -15.336 -15.621 1.00 14.25 ? 138 LEU D O    1 
ATOM   1046 C CB   . LEU B 1 38 ? -11.532 -14.396 -13.196 1.00 13.04 ? 138 LEU D CB   1 
ATOM   1047 C CG   . LEU B 1 38 ? -10.227 -14.096 -12.448 1.00 13.05 ? 138 LEU D CG   1 
ATOM   1048 C CD1  . LEU B 1 38 ? -10.462 -13.004 -11.419 1.00 11.54 ? 138 LEU D CD1  1 
ATOM   1049 C CD2  . LEU B 1 38 ? -9.727  -15.368 -11.765 1.00 13.56 ? 138 LEU D CD2  1 
ATOM   1050 N N    . PRO B 1 39 ? -13.507 -16.917 -14.025 1.00 14.20 ? 139 PRO D N    1 
ATOM   1051 C CA   . PRO B 1 39 ? -14.857 -17.368 -14.368 1.00 15.03 ? 139 PRO D CA   1 
ATOM   1052 C C    . PRO B 1 39 ? -15.988 -16.433 -13.925 1.00 15.36 ? 139 PRO D C    1 
ATOM   1053 O O    . PRO B 1 39 ? -15.825 -15.623 -13.000 1.00 14.79 ? 139 PRO D O    1 
ATOM   1054 C CB   . PRO B 1 39 ? -14.945 -18.714 -13.652 1.00 15.13 ? 139 PRO D CB   1 
ATOM   1055 C CG   . PRO B 1 39 ? -14.132 -18.475 -12.417 1.00 15.23 ? 139 PRO D CG   1 
ATOM   1056 C CD   . PRO B 1 39 ? -12.919 -17.779 -12.982 1.00 14.82 ? 139 PRO D CD   1 
ATOM   1057 N N    . GLY B 1 40 ? -17.130 -16.549 -14.606 1.00 14.77 ? 140 GLY D N    1 
ATOM   1058 C CA   . GLY B 1 40 ? -18.295 -15.751 -14.268 1.00 12.69 ? 140 GLY D CA   1 
ATOM   1059 C C    . GLY B 1 40 ? -18.369 -14.355 -14.857 1.00 11.57 ? 140 GLY D C    1 
ATOM   1060 O O    . GLY B 1 40 ? -17.540 -13.943 -15.676 1.00 10.65 ? 140 GLY D O    1 
ATOM   1061 N N    . ARG B 1 41 ? -19.401 -13.633 -14.442 1.00 10.45 ? 141 ARG D N    1 
ATOM   1062 C CA   . ARG B 1 41 ? -19.617 -12.277 -14.908 1.00 10.05 ? 141 ARG D CA   1 
ATOM   1063 C C    . ARG B 1 41 ? -18.853 -11.297 -14.033 1.00 11.06 ? 141 ARG D C    1 
ATOM   1064 O O    . ARG B 1 41 ? -18.554 -11.584 -12.869 1.00 11.19 ? 141 ARG D O    1 
ATOM   1065 C CB   . ARG B 1 41 ? -21.110 -11.934 -14.868 1.00 9.71  ? 141 ARG D CB   1 
ATOM   1066 C CG   . ARG B 1 41 ? -21.977 -12.799 -15.764 1.00 9.52  ? 141 ARG D CG   1 
ATOM   1067 C CD   . ARG B 1 41 ? -23.430 -12.368 -15.704 1.00 9.51  ? 141 ARG D CD   1 
ATOM   1068 N NE   . ARG B 1 41 ? -23.613 -10.948 -16.016 1.00 8.43  ? 141 ARG D NE   1 
ATOM   1069 C CZ   . ARG B 1 41 ? -23.667 -10.428 -17.242 1.00 9.02  ? 141 ARG D CZ   1 
ATOM   1070 N NH1  . ARG B 1 41 ? -23.551 -11.193 -18.326 1.00 6.66  ? 141 ARG D NH1  1 
ATOM   1071 N NH2  . ARG B 1 41 ? -23.868 -9.127  -17.382 1.00 8.56  ? 141 ARG D NH2  1 
ATOM   1072 N N    . TRP B 1 42 ? -18.531 -10.143 -14.604 1.00 10.28 ? 142 TRP D N    1 
ATOM   1073 C CA   . TRP B 1 42 ? -17.829 -9.099  -13.876 1.00 8.96  ? 142 TRP D CA   1 
ATOM   1074 C C    . TRP B 1 42 ? -18.610 -7.796  -13.986 1.00 9.77  ? 142 TRP D C    1 
ATOM   1075 O O    . TRP B 1 42 ? -19.449 -7.642  -14.877 1.00 8.03  ? 142 TRP D O    1 
ATOM   1076 C CB   . TRP B 1 42 ? -16.412 -8.923  -14.419 1.00 8.01  ? 142 TRP D CB   1 
ATOM   1077 C CG   . TRP B 1 42 ? -16.339 -8.540  -15.864 1.00 8.73  ? 142 TRP D CG   1 
ATOM   1078 C CD1  . TRP B 1 42 ? -16.338 -9.382  -16.939 1.00 8.55  ? 142 TRP D CD1  1 
ATOM   1079 C CD2  . TRP B 1 42 ? -16.195 -7.215  -16.392 1.00 8.32  ? 142 TRP D CD2  1 
ATOM   1080 N NE1  . TRP B 1 42 ? -16.194 -8.664  -18.100 1.00 7.29  ? 142 TRP D NE1  1 
ATOM   1081 C CE2  . TRP B 1 42 ? -16.104 -7.331  -17.791 1.00 7.39  ? 142 TRP D CE2  1 
ATOM   1082 C CE3  . TRP B 1 42 ? -16.125 -5.940  -15.809 1.00 8.52  ? 142 TRP D CE3  1 
ATOM   1083 C CZ2  . TRP B 1 42 ? -15.943 -6.220  -18.625 1.00 7.55  ? 142 TRP D CZ2  1 
ATOM   1084 C CZ3  . TRP B 1 42 ? -15.964 -4.835  -16.639 1.00 6.38  ? 142 TRP D CZ3  1 
ATOM   1085 C CH2  . TRP B 1 42 ? -15.874 -4.986  -18.030 1.00 7.16  ? 142 TRP D CH2  1 
ATOM   1086 N N    . LYS B 1 43 ? -18.377 -6.897  -13.035 1.00 10.60 ? 143 LYS D N    1 
ATOM   1087 C CA   . LYS B 1 43 ? -19.027 -5.588  -13.007 1.00 11.66 ? 143 LYS D CA   1 
ATOM   1088 C C    . LYS B 1 43 ? -17.925 -4.541  -13.091 1.00 10.56 ? 143 LYS D C    1 
ATOM   1089 O O    . LYS B 1 43 ? -16.778 -4.816  -12.749 1.00 9.43  ? 143 LYS D O    1 
ATOM   1090 C CB   . LYS B 1 43 ? -19.882 -5.418  -11.737 1.00 14.58 ? 143 LYS D CB   1 
ATOM   1091 C CG   . LYS B 1 43 ? -19.161 -5.732  -10.441 1.00 19.77 ? 143 LYS D CG   1 
ATOM   1092 C CD   . LYS B 1 43 ? -20.117 -5.830  -9.261  1.00 22.96 ? 143 LYS D CD   1 
ATOM   1093 C CE   . LYS B 1 43 ? -20.621 -4.466  -8.824  1.00 26.15 ? 143 LYS D CE   1 
ATOM   1094 N NZ   . LYS B 1 43 ? -21.508 -4.584  -7.623  1.00 29.74 ? 143 LYS D NZ   1 
ATOM   1095 N N    . PRO B 1 44 ? -18.254 -3.330  -13.558 1.00 9.63  ? 144 PRO D N    1 
ATOM   1096 C CA   . PRO B 1 44 ? -17.246 -2.278  -13.676 1.00 9.36  ? 144 PRO D CA   1 
ATOM   1097 C C    . PRO B 1 44 ? -16.894 -1.622  -12.346 1.00 9.95  ? 144 PRO D C    1 
ATOM   1098 O O    . PRO B 1 44 ? -17.726 -1.523  -11.444 1.00 9.62  ? 144 PRO D O    1 
ATOM   1099 C CB   . PRO B 1 44 ? -17.918 -1.285  -14.611 1.00 8.18  ? 144 PRO D CB   1 
ATOM   1100 C CG   . PRO B 1 44 ? -19.334 -1.330  -14.129 1.00 9.56  ? 144 PRO D CG   1 
ATOM   1101 C CD   . PRO B 1 44 ? -19.591 -2.818  -13.919 1.00 8.62  ? 144 PRO D CD   1 
ATOM   1102 N N    . LYS B 1 45 ? -15.635 -1.219  -12.224 1.00 10.14 ? 145 LYS D N    1 
ATOM   1103 C CA   . LYS B 1 45 ? -15.167 -0.535  -11.040 1.00 9.66  ? 145 LYS D CA   1 
ATOM   1104 C C    . LYS B 1 45 ? -14.030 0.391   -11.435 1.00 9.61  ? 145 LYS D C    1 
ATOM   1105 O O    . LYS B 1 45 ? -13.231 0.088   -12.323 1.00 9.52  ? 145 LYS D O    1 
ATOM   1106 C CB   . LYS B 1 45 ? -14.713 -1.515  -9.958  1.00 11.27 ? 145 LYS D CB   1 
ATOM   1107 C CG   . LYS B 1 45 ? -14.491 -0.837  -8.609  1.00 13.94 ? 145 LYS D CG   1 
ATOM   1108 C CD   . LYS B 1 45 ? -14.089 -1.824  -7.527  1.00 16.41 ? 145 LYS D CD   1 
ATOM   1109 C CE   . LYS B 1 45 ? -13.719 -1.117  -6.222  1.00 16.05 ? 145 LYS D CE   1 
ATOM   1110 N NZ   . LYS B 1 45 ? -14.855 -0.356  -5.633  1.00 18.17 ? 145 LYS D NZ   1 
ATOM   1111 N N    . MET B 1 46 ? -14.027 1.562   -10.819 1.00 10.71 ? 146 MET D N    1 
ATOM   1112 C CA   . MET B 1 46 ? -13.006 2.564   -11.062 1.00 11.99 ? 146 MET D CA   1 
ATOM   1113 C C    . MET B 1 46 ? -12.220 2.659   -9.764  1.00 10.12 ? 146 MET D C    1 
ATOM   1114 O O    . MET B 1 46 ? -12.809 2.806   -8.697  1.00 9.94  ? 146 MET D O    1 
ATOM   1115 C CB   . MET B 1 46 ? -13.668 3.907   -11.362 1.00 14.97 ? 146 MET D CB   1 
ATOM   1116 C CG   . MET B 1 46 ? -12.705 5.063   -11.494 1.00 20.14 ? 146 MET D CG   1 
ATOM   1117 S SD   . MET B 1 46 ? -12.009 5.161   -13.128 1.00 28.46 ? 146 MET D SD   1 
ATOM   1118 C CE   . MET B 1 46 ? -12.805 6.647   -13.712 1.00 28.01 ? 146 MET D CE   1 
ATOM   1119 N N    . ILE B 1 47 ? -10.902 2.523   -9.848  1.00 9.28  ? 147 ILE D N    1 
ATOM   1120 C CA   . ILE B 1 47 ? -10.056 2.616   -8.657  1.00 8.71  ? 147 ILE D CA   1 
ATOM   1121 C C    . ILE B 1 47 ? -8.996  3.699   -8.829  1.00 8.65  ? 147 ILE D C    1 
ATOM   1122 O O    . ILE B 1 47 ? -8.611  4.032   -9.949  1.00 9.41  ? 147 ILE D O    1 
ATOM   1123 C CB   . ILE B 1 47 ? -9.376  1.267   -8.307  1.00 7.62  ? 147 ILE D CB   1 
ATOM   1124 C CG1  . ILE B 1 47 ? -8.510  0.771   -9.470  1.00 7.75  ? 147 ILE D CG1  1 
ATOM   1125 C CG2  . ILE B 1 47 ? -10.432 0.250   -7.895  1.00 9.38  ? 147 ILE D CG2  1 
ATOM   1126 C CD1  . ILE B 1 47 ? -7.698  -0.483  -9.156  1.00 8.74  ? 147 ILE D CD1  1 
ATOM   1127 N N    . GLY B 1 48 ? -8.543  4.254   -7.712  1.00 8.62  ? 148 GLY D N    1 
ATOM   1128 C CA   . GLY B 1 48 ? -7.545  5.300   -7.761  1.00 9.04  ? 148 GLY D CA   1 
ATOM   1129 C C    . GLY B 1 48 ? -6.241  4.934   -7.087  1.00 10.32 ? 148 GLY D C    1 
ATOM   1130 O O    . GLY B 1 48 ? -6.211  4.196   -6.101  1.00 9.67  ? 148 GLY D O    1 
ATOM   1131 N N    . GLY B 1 49 ? -5.154  5.442   -7.651  1.00 9.98  ? 149 GLY D N    1 
ATOM   1132 C CA   . GLY B 1 49 ? -3.841  5.180   -7.104  1.00 10.43 ? 149 GLY D CA   1 
ATOM   1133 C C    . GLY B 1 49 ? -3.040  6.461   -7.037  1.00 11.02 ? 149 GLY D C    1 
ATOM   1134 O O    . GLY B 1 49 ? -3.583  7.561   -7.164  1.00 9.86  ? 149 GLY D O    1 
ATOM   1135 N N    . ILE B 1 50 ? -1.732  6.308   -6.860  1.00 11.51 ? 150 ILE D N    1 
ATOM   1136 C CA   . ILE B 1 50 ? -0.819  7.435   -6.763  1.00 11.50 ? 150 ILE D CA   1 
ATOM   1137 C C    . ILE B 1 50 ? -0.810  8.304   -8.027  1.00 11.24 ? 150 ILE D C    1 
ATOM   1138 O O    . ILE B 1 50 ? -0.679  9.525   -7.940  1.00 12.31 ? 150 ILE D O    1 
ATOM   1139 C CB   . ILE B 1 50 ? 0.614   6.937   -6.462  1.00 11.57 ? 150 ILE D CB   1 
ATOM   1140 C CG1  . ILE B 1 50 ? 1.473   8.086   -5.944  1.00 13.43 ? 150 ILE D CG1  1 
ATOM   1141 C CG2  . ILE B 1 50 ? 1.235   6.308   -7.695  1.00 12.08 ? 150 ILE D CG2  1 
ATOM   1142 C CD1  . ILE B 1 50 ? 0.988   8.629   -4.616  1.00 13.63 ? 150 ILE D CD1  1 
ATOM   1143 N N    . GLY B 1 51 ? -0.992  7.681   -9.191  1.00 10.76 ? 151 GLY D N    1 
ATOM   1144 C CA   . GLY B 1 51 ? -0.969  8.424   -10.442 1.00 10.11 ? 151 GLY D CA   1 
ATOM   1145 C C    . GLY B 1 51 ? -2.306  8.796   -11.050 1.00 10.32 ? 151 GLY D C    1 
ATOM   1146 O O    . GLY B 1 51 ? -2.345  9.505   -12.055 1.00 11.12 ? 151 GLY D O    1 
ATOM   1147 N N    . GLY B 1 52 ? -3.398  8.325   -10.459 1.00 9.41  ? 152 GLY D N    1 
ATOM   1148 C CA   . GLY B 1 52 ? -4.708  8.639   -10.996 1.00 10.76 ? 152 GLY D CA   1 
ATOM   1149 C C    . GLY B 1 52 ? -5.673  7.475   -10.910 1.00 11.81 ? 152 GLY D C    1 
ATOM   1150 O O    . GLY B 1 52 ? -5.557  6.630   -10.030 1.00 12.58 ? 152 GLY D O    1 
ATOM   1151 N N    . PHE B 1 53 ? -6.603  7.407   -11.856 1.00 13.88 ? 153 PHE D N    1 
ATOM   1152 C CA   . PHE B 1 53 ? -7.613  6.351   -11.870 1.00 15.01 ? 153 PHE D CA   1 
ATOM   1153 C C    . PHE B 1 53 ? -7.517  5.404   -13.052 1.00 14.12 ? 153 PHE D C    1 
ATOM   1154 O O    . PHE B 1 53 ? -7.111  5.799   -14.144 1.00 13.89 ? 153 PHE D O    1 
ATOM   1155 C CB   . PHE B 1 53 ? -9.018  6.971   -11.865 1.00 16.90 ? 153 PHE D CB   1 
ATOM   1156 C CG   . PHE B 1 53 ? -9.296  7.822   -10.665 1.00 21.68 ? 153 PHE D CG   1 
ATOM   1157 C CD1  . PHE B 1 53 ? -8.920  9.160   -10.645 1.00 24.13 ? 153 PHE D CD1  1 
ATOM   1158 C CD2  . PHE B 1 53 ? -9.894  7.275   -9.537  1.00 23.17 ? 153 PHE D CD2  1 
ATOM   1159 C CE1  . PHE B 1 53 ? -9.130  9.942   -9.510  1.00 25.83 ? 153 PHE D CE1  1 
ATOM   1160 C CE2  . PHE B 1 53 ? -10.111 8.047   -8.396  1.00 24.82 ? 153 PHE D CE2  1 
ATOM   1161 C CZ   . PHE B 1 53 ? -9.726  9.382   -8.384  1.00 25.11 ? 153 PHE D CZ   1 
ATOM   1162 N N    . ILE B 1 54 ? -7.898  4.150   -12.815 1.00 13.00 ? 154 ILE D N    1 
ATOM   1163 C CA   . ILE B 1 54 ? -7.931  3.126   -13.853 1.00 11.87 ? 154 ILE D CA   1 
ATOM   1164 C C    . ILE B 1 54 ? -9.225  2.326   -13.717 1.00 11.78 ? 154 ILE D C    1 
ATOM   1165 O O    . ILE B 1 54 ? -9.824  2.262   -12.638 1.00 11.07 ? 154 ILE D O    1 
ATOM   1166 C CB   . ILE B 1 54 ? -6.722  2.145   -13.806 1.00 11.60 ? 154 ILE D CB   1 
ATOM   1167 C CG1  . ILE B 1 54 ? -6.723  1.323   -12.519 1.00 10.92 ? 154 ILE D CG1  1 
ATOM   1168 C CG2  . ILE B 1 54 ? -5.409  2.895   -13.971 1.00 12.58 ? 154 ILE D CG2  1 
ATOM   1169 C CD1  . ILE B 1 54 ? -5.765  0.144   -12.565 1.00 9.52  ? 154 ILE D CD1  1 
ATOM   1170 N N    . LYS B 1 55 ? -9.697  1.786   -14.830 1.00 12.17 ? 155 LYS D N    1 
ATOM   1171 C CA   . LYS B 1 55 ? -10.908 0.980   -14.818 1.00 13.07 ? 155 LYS D CA   1 
ATOM   1172 C C    . LYS B 1 55 ? -10.501 -0.486  -14.717 1.00 11.42 ? 155 LYS D C    1 
ATOM   1173 O O    . LYS B 1 55 ? -9.535  -0.923  -15.348 1.00 11.14 ? 155 LYS D O    1 
ATOM   1174 C CB   . LYS B 1 55 ? -11.750 1.226   -16.074 1.00 16.19 ? 155 LYS D CB   1 
ATOM   1175 C CG   . LYS B 1 55 ? -12.512 2.563   -16.100 1.00 21.84 ? 155 LYS D CG   1 
ATOM   1176 C CD   . LYS B 1 55 ? -11.766 3.700   -16.831 1.00 27.37 ? 155 LYS D CD   1 
ATOM   1177 C CE   . LYS B 1 55 ? -10.757 4.434   -15.929 1.00 30.31 ? 155 LYS D CE   1 
ATOM   1178 N NZ   . LYS B 1 55 ? -10.164 5.669   -16.541 1.00 31.04 ? 155 LYS D NZ   1 
ATOM   1179 N N    . VAL B 1 56 ? -11.216 -1.231  -13.884 1.00 11.29 ? 156 VAL D N    1 
ATOM   1180 C CA   . VAL B 1 56 ? -10.923 -2.647  -13.680 1.00 9.69  ? 156 VAL D CA   1 
ATOM   1181 C C    . VAL B 1 56 ? -12.203 -3.476  -13.723 1.00 8.81  ? 156 VAL D C    1 
ATOM   1182 O O    . VAL B 1 56 ? -13.311 -2.933  -13.678 1.00 8.60  ? 156 VAL D O    1 
ATOM   1183 C CB   . VAL B 1 56 ? -10.216 -2.895  -12.314 1.00 8.37  ? 156 VAL D CB   1 
ATOM   1184 C CG1  . VAL B 1 56 ? -8.839  -2.239  -12.296 1.00 9.00  ? 156 VAL D CG1  1 
ATOM   1185 C CG2  . VAL B 1 56 ? -11.070 -2.378  -11.168 1.00 8.04  ? 156 VAL D CG2  1 
ATOM   1186 N N    . ARG B 1 57 ? -12.032 -4.789  -13.821 1.00 7.08  ? 157 ARG D N    1 
ATOM   1187 C CA   . ARG B 1 57 ? -13.139 -5.727  -13.855 1.00 6.47  ? 157 ARG D CA   1 
ATOM   1188 C C    . ARG B 1 57 ? -13.283 -6.347  -12.477 1.00 6.56  ? 157 ARG D C    1 
ATOM   1189 O O    . ARG B 1 57 ? -12.329 -6.921  -11.949 1.00 7.56  ? 157 ARG D O    1 
ATOM   1190 C CB   . ARG B 1 57 ? -12.869 -6.827  -14.875 1.00 6.93  ? 157 ARG D CB   1 
ATOM   1191 C CG   . ARG B 1 57 ? -12.537 -6.318  -16.262 1.00 7.85  ? 157 ARG D CG   1 
ATOM   1192 C CD   . ARG B 1 57 ? -12.672 -7.413  -17.301 1.00 11.33 ? 157 ARG D CD   1 
ATOM   1193 N NE   . ARG B 1 57 ? -11.805 -8.560  -17.040 1.00 13.19 ? 157 ARG D NE   1 
ATOM   1194 C CZ   . ARG B 1 57 ? -10.506 -8.599  -17.320 1.00 13.59 ? 157 ARG D CZ   1 
ATOM   1195 N NH1  . ARG B 1 57 ? -9.909  -7.550  -17.866 1.00 16.69 ? 157 ARG D NH1  1 
ATOM   1196 N NH2  . ARG B 1 57 ? -9.807  -9.698  -17.076 1.00 15.03 ? 157 ARG D NH2  1 
ATOM   1197 N N    . GLN B 1 58 ? -14.475 -6.241  -11.903 1.00 5.93  ? 158 GLN D N    1 
ATOM   1198 C CA   . GLN B 1 58 ? -14.732 -6.789  -10.583 1.00 7.10  ? 158 GLN D CA   1 
ATOM   1199 C C    . GLN B 1 58 ? -15.407 -8.154  -10.586 1.00 8.28  ? 158 GLN D C    1 
ATOM   1200 O O    . GLN B 1 58 ? -16.532 -8.298  -11.080 1.00 8.70  ? 158 GLN D O    1 
ATOM   1201 C CB   . GLN B 1 58 ? -15.580 -5.825  -9.755  1.00 8.01  ? 158 GLN D CB   1 
ATOM   1202 C CG   . GLN B 1 58 ? -16.044 -6.423  -8.437  1.00 8.66  ? 158 GLN D CG   1 
ATOM   1203 C CD   . GLN B 1 58 ? -16.765 -5.428  -7.562  1.00 10.04 ? 158 GLN D CD   1 
ATOM   1204 O OE1  . GLN B 1 58 ? -16.613 -4.221  -7.722  1.00 11.94 ? 158 GLN D OE1  1 
ATOM   1205 N NE2  . GLN B 1 58 ? -17.545 -5.931  -6.617  1.00 12.00 ? 158 GLN D NE2  1 
ATOM   1206 N N    . TYR B 1 59 ? -14.709 -9.144  -10.033 1.00 7.43  ? 159 TYR D N    1 
ATOM   1207 C CA   . TYR B 1 59 ? -15.225 -10.509 -9.897  1.00 6.88  ? 159 TYR D CA   1 
ATOM   1208 C C    . TYR B 1 59 ? -15.421 -10.771 -8.403  1.00 8.04  ? 159 TYR D C    1 
ATOM   1209 O O    . TYR B 1 59 ? -14.506 -10.562 -7.599  1.00 7.41  ? 159 TYR D O    1 
ATOM   1210 C CB   . TYR B 1 59 ? -14.240 -11.541 -10.457 1.00 5.76  ? 159 TYR D CB   1 
ATOM   1211 C CG   . TYR B 1 59 ? -14.006 -11.444 -11.942 1.00 7.08  ? 159 TYR D CG   1 
ATOM   1212 C CD1  . TYR B 1 59 ? -13.080 -10.540 -12.456 1.00 6.25  ? 159 TYR D CD1  1 
ATOM   1213 C CD2  . TYR B 1 59 ? -14.715 -12.254 -12.839 1.00 6.70  ? 159 TYR D CD2  1 
ATOM   1214 C CE1  . TYR B 1 59 ? -12.867 -10.435 -13.817 1.00 7.77  ? 159 TYR D CE1  1 
ATOM   1215 C CE2  . TYR B 1 59 ? -14.502 -12.156 -14.207 1.00 7.06  ? 159 TYR D CE2  1 
ATOM   1216 C CZ   . TYR B 1 59 ? -13.578 -11.245 -14.685 1.00 7.64  ? 159 TYR D CZ   1 
ATOM   1217 O OH   . TYR B 1 59 ? -13.351 -11.128 -16.036 1.00 12.41 ? 159 TYR D OH   1 
ATOM   1218 N N    . ASP B 1 60 ? -16.616 -11.219 -8.035  1.00 8.80  ? 160 ASP D N    1 
ATOM   1219 C CA   . ASP B 1 60 ? -16.924 -11.515 -6.640  1.00 10.55 ? 160 ASP D CA   1 
ATOM   1220 C C    . ASP B 1 60 ? -16.828 -13.014 -6.317  1.00 10.44 ? 160 ASP D C    1 
ATOM   1221 O O    . ASP B 1 60 ? -16.934 -13.860 -7.213  1.00 11.10 ? 160 ASP D O    1 
ATOM   1222 C CB   . ASP B 1 60 ? -18.322 -11.002 -6.287  1.00 13.01 ? 160 ASP D CB   1 
ATOM   1223 C CG   . ASP B 1 60 ? -18.463 -9.499  -6.471  1.00 14.59 ? 160 ASP D CG   1 
ATOM   1224 O OD1  . ASP B 1 60 ? -17.480 -8.767  -6.249  1.00 15.53 ? 160 ASP D OD1  1 
ATOM   1225 O OD2  . ASP B 1 60 ? -19.570 -9.049  -6.832  1.00 18.15 ? 160 ASP D OD2  1 
ATOM   1226 N N    . GLN B 1 61 ? -16.611 -13.322 -5.036  1.00 9.42  ? 161 GLN D N    1 
ATOM   1227 C CA   . GLN B 1 61 ? -16.511 -14.695 -4.532  1.00 8.86  ? 161 GLN D CA   1 
ATOM   1228 C C    . GLN B 1 61 ? -15.508 -15.588 -5.240  1.00 7.89  ? 161 GLN D C    1 
ATOM   1229 O O    . GLN B 1 61 ? -15.804 -16.742 -5.564  1.00 8.38  ? 161 GLN D O    1 
ATOM   1230 C CB   . GLN B 1 61 ? -17.885 -15.361 -4.526  1.00 10.16 ? 161 GLN D CB   1 
ATOM   1231 C CG   . GLN B 1 61 ? -18.603 -15.239 -3.218  1.00 13.74 ? 161 GLN D CG   1 
ATOM   1232 C CD   . GLN B 1 61 ? -20.039 -15.693 -3.311  1.00 14.76 ? 161 GLN D CD   1 
ATOM   1233 O OE1  . GLN B 1 61 ? -20.938 -14.877 -3.499  1.00 17.19 ? 161 GLN D OE1  1 
ATOM   1234 N NE2  . GLN B 1 61 ? -20.264 -16.994 -3.166  1.00 15.19 ? 161 GLN D NE2  1 
ATOM   1235 N N    . ILE B 1 62 ? -14.314 -15.050 -5.456  1.00 7.30  ? 162 ILE D N    1 
ATOM   1236 C CA   . ILE B 1 62 ? -13.234 -15.769 -6.116  1.00 7.37  ? 162 ILE D CA   1 
ATOM   1237 C C    . ILE B 1 62 ? -12.390 -16.447 -5.050  1.00 7.35  ? 162 ILE D C    1 
ATOM   1238 O O    . ILE B 1 62 ? -12.022 -15.825 -4.050  1.00 6.37  ? 162 ILE D O    1 
ATOM   1239 C CB   . ILE B 1 62 ? -12.337 -14.802 -6.935  1.00 6.14  ? 162 ILE D CB   1 
ATOM   1240 C CG1  . ILE B 1 62 ? -13.139 -14.180 -8.077  1.00 7.60  ? 162 ILE D CG1  1 
ATOM   1241 C CG2  . ILE B 1 62 ? -11.102 -15.526 -7.473  1.00 7.81  ? 162 ILE D CG2  1 
ATOM   1242 C CD1  . ILE B 1 62 ? -13.668 -15.183 -9.074  1.00 7.32  ? 162 ILE D CD1  1 
ATOM   1243 N N    . ILE B 1 63 ? -12.130 -17.737 -5.246  1.00 7.19  ? 163 ILE D N    1 
ATOM   1244 C CA   . ILE B 1 63 ? -11.321 -18.514 -4.318  1.00 6.47  ? 163 ILE D CA   1 
ATOM   1245 C C    . ILE B 1 63 ? -9.864  -18.181 -4.582  1.00 6.34  ? 163 ILE D C    1 
ATOM   1246 O O    . ILE B 1 63 ? -9.371  -18.324 -5.699  1.00 6.86  ? 163 ILE D O    1 
ATOM   1247 C CB   . ILE B 1 63 ? -11.574 -20.025 -4.500  1.00 8.57  ? 163 ILE D CB   1 
ATOM   1248 C CG1  . ILE B 1 63 ? -13.045 -20.339 -4.201  1.00 8.50  ? 163 ILE D CG1  1 
ATOM   1249 C CG2  . ILE B 1 63 ? -10.653 -20.824 -3.595  1.00 9.53  ? 163 ILE D CG2  1 
ATOM   1250 C CD1  . ILE B 1 63 ? -13.445 -21.767 -4.493  1.00 11.56 ? 163 ILE D CD1  1 
ATOM   1251 N N    . ILE B 1 64 ? -9.180  -17.714 -3.549  1.00 6.78  ? 164 ILE D N    1 
ATOM   1252 C CA   . ILE B 1 64 ? -7.789  -17.327 -3.686  1.00 8.09  ? 164 ILE D CA   1 
ATOM   1253 C C    . ILE B 1 64 ? -6.999  -17.638 -2.429  1.00 8.84  ? 164 ILE D C    1 
ATOM   1254 O O    . ILE B 1 64 ? -7.471  -17.401 -1.320  1.00 11.60 ? 164 ILE D O    1 
ATOM   1255 C CB   . ILE B 1 64 ? -7.681  -15.809 -4.011  1.00 8.18  ? 164 ILE D CB   1 
ATOM   1256 C CG1  . ILE B 1 64 ? -6.219  -15.370 -4.088  1.00 7.45  ? 164 ILE D CG1  1 
ATOM   1257 C CG2  . ILE B 1 64 ? -8.463  -14.992 -2.986  1.00 8.85  ? 164 ILE D CG2  1 
ATOM   1258 C CD1  . ILE B 1 64 ? -6.042  -13.918 -4.489  1.00 8.87  ? 164 ILE D CD1  1 
ATOM   1259 N N    . GLU B 1 65 ? -5.812  -18.208 -2.611  1.00 9.23  ? 165 GLU D N    1 
ATOM   1260 C CA   . GLU B 1 65 ? -4.922  -18.534 -1.501  1.00 9.45  ? 165 GLU D CA   1 
ATOM   1261 C C    . GLU B 1 65 ? -3.850  -17.458 -1.401  1.00 9.01  ? 165 GLU D C    1 
ATOM   1262 O O    . GLU B 1 65 ? -3.259  -17.072 -2.400  1.00 9.15  ? 165 GLU D O    1 
ATOM   1263 C CB   . GLU B 1 65 ? -4.258  -19.884 -1.725  1.00 11.44 ? 165 GLU D CB   1 
ATOM   1264 C CG   . GLU B 1 65 ? -4.819  -20.983 -0.872  1.00 15.24 ? 165 GLU D CG   1 
ATOM   1265 C CD   . GLU B 1 65 ? -4.263  -22.334 -1.254  1.00 17.40 ? 165 GLU D CD   1 
ATOM   1266 O OE1  . GLU B 1 65 ? -3.030  -22.451 -1.418  1.00 15.87 ? 165 GLU D OE1  1 
ATOM   1267 O OE2  . GLU B 1 65 ? -5.071  -23.273 -1.406  1.00 20.14 ? 165 GLU D OE2  1 
ATOM   1268 N N    . ILE B 1 66 ? -3.602  -16.985 -0.186  1.00 7.93  ? 166 ILE D N    1 
ATOM   1269 C CA   . ILE B 1 66 ? -2.617  -15.941 0.048   1.00 7.40  ? 166 ILE D CA   1 
ATOM   1270 C C    . ILE B 1 66 ? -1.640  -16.451 1.088   1.00 7.54  ? 166 ILE D C    1 
ATOM   1271 O O    . ILE B 1 66 ? -2.013  -16.655 2.244   1.00 6.96  ? 166 ILE D O    1 
ATOM   1272 C CB   . ILE B 1 66 ? -3.300  -14.658 0.562   1.00 6.78  ? 166 ILE D CB   1 
ATOM   1273 C CG1  . ILE B 1 66 ? -4.365  -14.208 -0.447  1.00 7.99  ? 166 ILE D CG1  1 
ATOM   1274 C CG2  . ILE B 1 66 ? -2.261  -13.559 0.789   1.00 6.49  ? 166 ILE D CG2  1 
ATOM   1275 C CD1  . ILE B 1 66 ? -5.419  -13.311 0.131   1.00 10.18 ? 166 ILE D CD1  1 
ATOM   1276 N N    . ALA B 1 67 ? -0.406  -16.701 0.656   1.00 7.78  ? 167 ALA D N    1 
ATOM   1277 C CA   . ALA B 1 67 ? 0.638   -17.218 1.535   1.00 8.74  ? 167 ALA D CA   1 
ATOM   1278 C C    . ALA B 1 67 ? 0.146   -18.443 2.321   1.00 9.47  ? 167 ALA D C    1 
ATOM   1279 O O    . ALA B 1 67 ? 0.357   -18.544 3.534   1.00 9.62  ? 167 ALA D O    1 
ATOM   1280 C CB   . ALA B 1 67 ? 1.121   -16.124 2.483   1.00 9.49  ? 167 ALA D CB   1 
ATOM   1281 N N    . GLY B 1 68 ? -0.553  -19.343 1.629   1.00 9.46  ? 168 GLY D N    1 
ATOM   1282 C CA   . GLY B 1 68 ? -1.056  -20.551 2.264   1.00 9.22  ? 168 GLY D CA   1 
ATOM   1283 C C    . GLY B 1 68 ? -2.382  -20.428 2.994   1.00 8.83  ? 168 GLY D C    1 
ATOM   1284 O O    . GLY B 1 68 ? -2.889  -21.415 3.518   1.00 9.79  ? 168 GLY D O    1 
ATOM   1285 N N    . HIS B 1 69 ? -2.935  -19.221 3.052   1.00 8.34  ? 169 HIS D N    1 
ATOM   1286 C CA   . HIS B 1 69 ? -4.214  -18.993 3.715   1.00 8.48  ? 169 HIS D CA   1 
ATOM   1287 C C    . HIS B 1 69 ? -5.308  -18.851 2.676   1.00 9.18  ? 169 HIS D C    1 
ATOM   1288 O O    . HIS B 1 69 ? -5.186  -18.063 1.745   1.00 9.59  ? 169 HIS D O    1 
ATOM   1289 C CB   . HIS B 1 69 ? -4.153  -17.734 4.583   1.00 9.16  ? 169 HIS D CB   1 
ATOM   1290 C CG   . HIS B 1 69 ? -3.291  -17.883 5.799   1.00 10.05 ? 169 HIS D CG   1 
ATOM   1291 N ND1  . HIS B 1 69 ? -1.919  -17.997 5.730   1.00 12.21 ? 169 HIS D ND1  1 
ATOM   1292 C CD2  . HIS B 1 69 ? -3.611  -17.974 7.111   1.00 9.52  ? 169 HIS D CD2  1 
ATOM   1293 C CE1  . HIS B 1 69 ? -1.431  -18.157 6.949   1.00 10.25 ? 169 HIS D CE1  1 
ATOM   1294 N NE2  . HIS B 1 69 ? -2.437  -18.146 7.804   1.00 10.90 ? 169 HIS D NE2  1 
ATOM   1295 N N    . LYS B 1 70 ? -6.380  -19.620 2.836   1.00 10.61 ? 170 LYS D N    1 
ATOM   1296 C CA   . LYS B 1 70 ? -7.484  -19.565 1.889   1.00 11.39 ? 170 LYS D CA   1 
ATOM   1297 C C    . LYS B 1 70 ? -8.446  -18.414 2.155   1.00 10.82 ? 170 LYS D C    1 
ATOM   1298 O O    . LYS B 1 70 ? -8.825  -18.146 3.298   1.00 11.61 ? 170 LYS D O    1 
ATOM   1299 C CB   . LYS B 1 70 ? -8.244  -20.894 1.868   1.00 14.43 ? 170 LYS D CB   1 
ATOM   1300 C CG   . LYS B 1 70 ? -9.511  -20.891 0.995   1.00 19.92 ? 170 LYS D CG   1 
ATOM   1301 C CD   . LYS B 1 70 ? -9.232  -20.633 -0.485  1.00 21.12 ? 170 LYS D CD   1 
ATOM   1302 C CE   . LYS B 1 70 ? -8.416  -21.753 -1.120  1.00 26.80 ? 170 LYS D CE   1 
ATOM   1303 N NZ   . LYS B 1 70 ? -9.072  -23.096 -1.002  1.00 28.86 ? 170 LYS D NZ   1 
ATOM   1304 N N    . ALA B 1 71 ? -8.809  -17.722 1.081   1.00 9.36  ? 171 ALA D N    1 
ATOM   1305 C CA   . ALA B 1 71 ? -9.746  -16.606 1.145   1.00 7.95  ? 171 ALA D CA   1 
ATOM   1306 C C    . ALA B 1 71 ? -10.713 -16.755 -0.019  1.00 7.29  ? 171 ALA D C    1 
ATOM   1307 O O    . ALA B 1 71 ? -10.428 -17.468 -0.978  1.00 7.95  ? 171 ALA D O    1 
ATOM   1308 C CB   . ALA B 1 71 ? -9.009  -15.294 1.031   1.00 7.44  ? 171 ALA D CB   1 
ATOM   1309 N N    . ILE B 1 72 ? -11.885 -16.143 0.098   1.00 6.80  ? 172 ILE D N    1 
ATOM   1310 C CA   . ILE B 1 72 ? -12.875 -16.181 -0.978  1.00 6.06  ? 172 ILE D CA   1 
ATOM   1311 C C    . ILE B 1 72 ? -13.511 -14.808 -1.005  1.00 5.72  ? 172 ILE D C    1 
ATOM   1312 O O    . ILE B 1 72 ? -14.254 -14.441 -0.096  1.00 5.60  ? 172 ILE D O    1 
ATOM   1313 C CB   . ILE B 1 72 ? -13.981 -17.240 -0.762  1.00 5.73  ? 172 ILE D CB   1 
ATOM   1314 C CG1  . ILE B 1 72 ? -13.367 -18.631 -0.561  1.00 5.50  ? 172 ILE D CG1  1 
ATOM   1315 C CG2  . ILE B 1 72 ? -14.905 -17.268 -1.986  1.00 5.59  ? 172 ILE D CG2  1 
ATOM   1316 C CD1  . ILE B 1 72 ? -14.385 -19.704 -0.253  1.00 7.61  ? 172 ILE D CD1  1 
ATOM   1317 N N    . GLY B 1 73 ? -13.198 -14.033 -2.034  1.00 6.08  ? 173 GLY D N    1 
ATOM   1318 C CA   . GLY B 1 73 ? -13.757 -12.700 -2.096  1.00 6.09  ? 173 GLY D CA   1 
ATOM   1319 C C    . GLY B 1 73 ? -13.575 -11.988 -3.407  1.00 6.54  ? 173 GLY D C    1 
ATOM   1320 O O    . GLY B 1 73 ? -13.264 -12.587 -4.428  1.00 5.61  ? 173 GLY D O    1 
ATOM   1321 N N    . THR B 1 74 ? -13.728 -10.674 -3.345  1.00 6.95  ? 174 THR D N    1 
ATOM   1322 C CA   . THR B 1 74 ? -13.633 -9.836  -4.523  1.00 7.55  ? 174 THR D CA   1 
ATOM   1323 C C    . THR B 1 74 ? -12.222 -9.623  -5.033  1.00 7.87  ? 174 THR D C    1 
ATOM   1324 O O    . THR B 1 74 ? -11.318 -9.261  -4.281  1.00 8.98  ? 174 THR D O    1 
ATOM   1325 C CB   . THR B 1 74 ? -14.314 -8.493  -4.269  1.00 8.37  ? 174 THR D CB   1 
ATOM   1326 O OG1  . THR B 1 74 ? -15.667 -8.741  -3.866  1.00 9.03  ? 174 THR D OG1  1 
ATOM   1327 C CG2  . THR B 1 74 ? -14.297 -7.626  -5.533  1.00 8.07  ? 174 THR D CG2  1 
ATOM   1328 N N    . VAL B 1 75 ? -12.053 -9.850  -6.331  1.00 6.56  ? 175 VAL D N    1 
ATOM   1329 C CA   . VAL B 1 75 ? -10.770 -9.683  -6.984  1.00 5.71  ? 175 VAL D CA   1 
ATOM   1330 C C    . VAL B 1 75 ? -10.972 -8.785  -8.183  1.00 5.39  ? 175 VAL D C    1 
ATOM   1331 O O    . VAL B 1 75 ? -11.847 -9.033  -9.008  1.00 6.37  ? 175 VAL D O    1 
ATOM   1332 C CB   . VAL B 1 75 ? -10.189 -11.040 -7.449  1.00 6.88  ? 175 VAL D CB   1 
ATOM   1333 C CG1  . VAL B 1 75 ? -8.942  -10.820 -8.279  1.00 8.26  ? 175 VAL D CG1  1 
ATOM   1334 C CG2  . VAL B 1 75 ? -9.860  -11.907 -6.243  1.00 6.17  ? 175 VAL D CG2  1 
ATOM   1335 N N    . LEU B 1 76 ? -10.216 -7.696  -8.230  1.00 5.83  ? 176 LEU D N    1 
ATOM   1336 C CA   . LEU B 1 76 ? -10.286 -6.752  -9.342  1.00 6.38  ? 176 LEU D CA   1 
ATOM   1337 C C    . LEU B 1 76 ? -9.173  -7.091  -10.332 1.00 7.22  ? 176 LEU D C    1 
ATOM   1338 O O    . LEU B 1 76 ? -8.043  -7.370  -9.934  1.00 7.48  ? 176 LEU D O    1 
ATOM   1339 C CB   . LEU B 1 76 ? -10.122 -5.318  -8.834  1.00 6.04  ? 176 LEU D CB   1 
ATOM   1340 C CG   . LEU B 1 76 ? -10.982 -4.915  -7.637  1.00 5.56  ? 176 LEU D CG   1 
ATOM   1341 C CD1  . LEU B 1 76 ? -10.719 -3.467  -7.276  1.00 4.66  ? 176 LEU D CD1  1 
ATOM   1342 C CD2  . LEU B 1 76 ? -12.452 -5.129  -7.959  1.00 5.89  ? 176 LEU D CD2  1 
ATOM   1343 N N    . VAL B 1 77 ? -9.502  -7.104  -11.619 1.00 7.05  ? 177 VAL D N    1 
ATOM   1344 C CA   . VAL B 1 77 ? -8.518  -7.419  -12.649 1.00 7.27  ? 177 VAL D CA   1 
ATOM   1345 C C    . VAL B 1 77 ? -8.346  -6.234  -13.595 1.00 8.73  ? 177 VAL D C    1 
ATOM   1346 O O    . VAL B 1 77 ? -9.321  -5.711  -14.139 1.00 8.27  ? 177 VAL D O    1 
ATOM   1347 C CB   . VAL B 1 77 ? -8.926  -8.691  -13.451 1.00 7.89  ? 177 VAL D CB   1 
ATOM   1348 C CG1  . VAL B 1 77 ? -7.880  -9.012  -14.520 1.00 7.17  ? 177 VAL D CG1  1 
ATOM   1349 C CG2  . VAL B 1 77 ? -9.073  -9.875  -12.509 1.00 7.44  ? 177 VAL D CG2  1 
ATOM   1350 N N    . GLY B 1 78 ? -7.102  -5.804  -13.782 1.00 9.19  ? 178 GLY D N    1 
ATOM   1351 C CA   . GLY B 1 78 ? -6.851  -4.677  -14.656 1.00 10.04 ? 178 GLY D CA   1 
ATOM   1352 C C    . GLY B 1 78 ? -5.387  -4.328  -14.806 1.00 12.18 ? 178 GLY D C    1 
ATOM   1353 O O    . GLY B 1 78 ? -4.518  -5.054  -14.314 1.00 11.74 ? 178 GLY D O    1 
ATOM   1354 N N    . PRO B 1 79 ? -5.083  -3.187  -15.451 1.00 12.70 ? 179 PRO D N    1 
ATOM   1355 C CA   . PRO B 1 79 ? -3.725  -2.684  -15.704 1.00 13.07 ? 179 PRO D CA   1 
ATOM   1356 C C    . PRO B 1 79 ? -2.943  -2.178  -14.486 1.00 12.29 ? 179 PRO D C    1 
ATOM   1357 O O    . PRO B 1 79 ? -2.437  -1.052  -14.474 1.00 13.39 ? 179 PRO D O    1 
ATOM   1358 C CB   . PRO B 1 79 ? -3.959  -1.589  -16.752 1.00 12.73 ? 179 PRO D CB   1 
ATOM   1359 C CG   . PRO B 1 79 ? -5.298  -1.042  -16.366 1.00 13.86 ? 179 PRO D CG   1 
ATOM   1360 C CD   . PRO B 1 79 ? -6.096  -2.290  -16.051 1.00 12.79 ? 179 PRO D CD   1 
ATOM   1361 N N    . THR B 1 80 ? -2.861  -3.010  -13.454 1.00 11.45 ? 180 THR D N    1 
ATOM   1362 C CA   . THR B 1 80 ? -2.122  -2.650  -12.250 1.00 9.60  ? 180 THR D CA   1 
ATOM   1363 C C    . THR B 1 80 ? -0.648  -2.999  -12.462 1.00 8.89  ? 180 THR D C    1 
ATOM   1364 O O    . THR B 1 80 ? -0.321  -4.019  -13.080 1.00 9.42  ? 180 THR D O    1 
ATOM   1365 C CB   . THR B 1 80 ? -2.670  -3.395  -10.997 1.00 9.98  ? 180 THR D CB   1 
ATOM   1366 O OG1  . THR B 1 80 ? -1.869  -3.074  -9.851  1.00 8.79  ? 180 THR D OG1  1 
ATOM   1367 C CG2  . THR B 1 80 ? -2.673  -4.906  -11.212 1.00 9.34  ? 180 THR D CG2  1 
ATOM   1368 N N    . PRO B 1 81 ? 0.270   -2.124  -12.006 1.00 8.91  ? 181 PRO D N    1 
ATOM   1369 C CA   . PRO B 1 81 ? 1.716   -2.349  -12.145 1.00 9.15  ? 181 PRO D CA   1 
ATOM   1370 C C    . PRO B 1 81 ? 2.187   -3.605  -11.408 1.00 9.96  ? 181 PRO D C    1 
ATOM   1371 O O    . PRO B 1 81 ? 3.160   -4.249  -11.809 1.00 10.06 ? 181 PRO D O    1 
ATOM   1372 C CB   . PRO B 1 81 ? 2.319   -1.103  -11.490 1.00 8.69  ? 181 PRO D CB   1 
ATOM   1373 C CG   . PRO B 1 81 ? 1.282   -0.061  -11.715 1.00 8.05  ? 181 PRO D CG   1 
ATOM   1374 C CD   . PRO B 1 81 ? 0.004   -0.791  -11.443 1.00 8.33  ? 181 PRO D CD   1 
ATOM   1375 N N    . VAL B 1 82 ? 1.484   -3.950  -10.329 1.00 10.09 ? 182 VAL D N    1 
ATOM   1376 C CA   . VAL B 1 82 ? 1.816   -5.102  -9.494  1.00 10.63 ? 182 VAL D CA   1 
ATOM   1377 C C    . VAL B 1 82 ? 0.559   -5.698  -8.854  1.00 8.83  ? 182 VAL D C    1 
ATOM   1378 O O    . VAL B 1 82 ? -0.404  -4.981  -8.581  1.00 7.72  ? 182 VAL D O    1 
ATOM   1379 C CB   . VAL B 1 82 ? 2.815   -4.699  -8.363  1.00 11.12 ? 182 VAL D CB   1 
ATOM   1380 C CG1  . VAL B 1 82 ? 2.172   -3.726  -7.432  1.00 12.83 ? 182 VAL D CG1  1 
ATOM   1381 C CG2  . VAL B 1 82 ? 3.298   -5.917  -7.602  1.00 13.89 ? 182 VAL D CG2  1 
ATOM   1382 N N    . ASN B 1 83 ? 0.544   -7.024  -8.693  1.00 6.99  ? 183 ASN D N    1 
ATOM   1383 C CA   . ASN B 1 83 ? -0.570  -7.717  -8.052  1.00 7.22  ? 183 ASN D CA   1 
ATOM   1384 C C    . ASN B 1 83 ? -0.544  -7.281  -6.606  1.00 6.62  ? 183 ASN D C    1 
ATOM   1385 O O    . ASN B 1 83 ? 0.493   -7.372  -5.945  1.00 6.92  ? 183 ASN D O    1 
ATOM   1386 C CB   . ASN B 1 83 ? -0.374  -9.236  -8.092  1.00 7.95  ? 183 ASN D CB   1 
ATOM   1387 C CG   . ASN B 1 83 ? -0.416  -9.799  -9.495  1.00 8.57  ? 183 ASN D CG   1 
ATOM   1388 O OD1  . ASN B 1 83 ? -1.042  -9.230  -10.386 1.00 10.27 ? 183 ASN D OD1  1 
ATOM   1389 N ND2  . ASN B 1 83 ? 0.262   -10.921 -9.703  1.00 8.12  ? 183 ASN D ND2  1 
ATOM   1390 N N    . ILE B 1 84 ? -1.665  -6.781  -6.115  1.00 5.11  ? 184 ILE D N    1 
ATOM   1391 C CA   . ILE B 1 84 ? -1.706  -6.354  -4.731  1.00 5.73  ? 184 ILE D CA   1 
ATOM   1392 C C    . ILE B 1 84 ? -2.873  -6.974  -3.983  1.00 5.44  ? 184 ILE D C    1 
ATOM   1393 O O    . ILE B 1 84 ? -3.978  -7.110  -4.515  1.00 5.29  ? 184 ILE D O    1 
ATOM   1394 C CB   . ILE B 1 84 ? -1.748  -4.801  -4.592  1.00 7.60  ? 184 ILE D CB   1 
ATOM   1395 C CG1  . ILE B 1 84 ? -2.949  -4.216  -5.334  1.00 9.71  ? 184 ILE D CG1  1 
ATOM   1396 C CG2  . ILE B 1 84 ? -0.459  -4.181  -5.102  1.00 6.57  ? 184 ILE D CG2  1 
ATOM   1397 C CD1  . ILE B 1 84 ? -3.094  -2.705  -5.184  1.00 9.41  ? 184 ILE D CD1  1 
ATOM   1398 N N    . ILE B 1 85 ? -2.594  -7.416  -2.764  1.00 4.57  ? 185 ILE D N    1 
ATOM   1399 C CA   . ILE B 1 85 ? -3.618  -7.997  -1.908  1.00 5.50  ? 185 ILE D CA   1 
ATOM   1400 C C    . ILE B 1 85 ? -4.028  -6.875  -0.958  1.00 5.71  ? 185 ILE D C    1 
ATOM   1401 O O    . ILE B 1 85 ? -3.220  -6.414  -0.144  1.00 6.80  ? 185 ILE D O    1 
ATOM   1402 C CB   . ILE B 1 85 ? -3.070  -9.193  -1.101  1.00 5.90  ? 185 ILE D CB   1 
ATOM   1403 C CG1  . ILE B 1 85 ? -2.482  -10.246 -2.054  1.00 6.78  ? 185 ILE D CG1  1 
ATOM   1404 C CG2  . ILE B 1 85 ? -4.166  -9.787  -0.228  1.00 5.14  ? 185 ILE D CG2  1 
ATOM   1405 C CD1  . ILE B 1 85 ? -3.449  -10.742 -3.138  1.00 6.66  ? 185 ILE D CD1  1 
ATOM   1406 N N    . GLY B 1 86 ? -5.266  -6.417  -1.102  1.00 4.84  ? 186 GLY D N    1 
ATOM   1407 C CA   . GLY B 1 86 ? -5.764  -5.333  -0.281  1.00 5.00  ? 186 GLY D CA   1 
ATOM   1408 C C    . GLY B 1 86 ? -6.464  -5.746  0.993   1.00 5.97  ? 186 GLY D C    1 
ATOM   1409 O O    . GLY B 1 86 ? -6.612  -6.936  1.289   1.00 5.85  ? 186 GLY D O    1 
ATOM   1410 N N    . ARG B 1 87 ? -6.960  -4.745  1.718   1.00 5.59  ? 187 ARG D N    1 
ATOM   1411 C CA   . ARG B 1 87 ? -7.623  -4.976  2.988   1.00 5.36  ? 187 ARG D CA   1 
ATOM   1412 C C    . ARG B 1 87 ? -8.800  -5.937  2.953   1.00 5.72  ? 187 ARG D C    1 
ATOM   1413 O O    . ARG B 1 87 ? -9.064  -6.615  3.946   1.00 5.84  ? 187 ARG D O    1 
ATOM   1414 C CB   . ARG B 1 87 ? -8.019  -3.647  3.644   1.00 5.41  ? 187 ARG D CB   1 
ATOM   1415 C CG   . ARG B 1 87 ? -6.815  -2.775  4.031   1.00 5.21  ? 187 ARG D CG   1 
ATOM   1416 C CD   . ARG B 1 87 ? -7.214  -1.504  4.786   1.00 5.93  ? 187 ARG D CD   1 
ATOM   1417 N NE   . ARG B 1 87 ? -8.092  -0.649  3.993   1.00 6.91  ? 187 ARG D NE   1 
ATOM   1418 C CZ   . ARG B 1 87 ? -9.416  -0.620  4.111   1.00 6.21  ? 187 ARG D CZ   1 
ATOM   1419 N NH1  . ARG B 1 87 ? -10.025 -1.385  5.003   1.00 6.30  ? 187 ARG D NH1  1 
ATOM   1420 N NH2  . ARG B 1 87 ? -10.140 0.111   3.277   1.00 6.38  ? 187 ARG D NH2  1 
ATOM   1421 N N    . ASN B 1 88 ? -9.487  -6.029  1.818   1.00 5.84  ? 188 ASN D N    1 
ATOM   1422 C CA   . ASN B 1 88 ? -10.630 -6.937  1.724   1.00 6.62  ? 188 ASN D CA   1 
ATOM   1423 C C    . ASN B 1 88 ? -10.225 -8.395  1.987   1.00 7.32  ? 188 ASN D C    1 
ATOM   1424 O O    . ASN B 1 88 ? -10.954 -9.137  2.660   1.00 8.51  ? 188 ASN D O    1 
ATOM   1425 C CB   . ASN B 1 88 ? -11.358 -6.792  0.377   1.00 6.24  ? 188 ASN D CB   1 
ATOM   1426 C CG   . ASN B 1 88 ? -10.591 -7.390  -0.789  1.00 5.05  ? 188 ASN D CG   1 
ATOM   1427 O OD1  . ASN B 1 88 ? -9.459  -7.008  -1.067  1.00 6.10  ? 188 ASN D OD1  1 
ATOM   1428 N ND2  . ASN B 1 88 ? -11.224 -8.322  -1.491  1.00 4.67  ? 188 ASN D ND2  1 
ATOM   1429 N N    . LEU B 1 89 ? -9.053  -8.788  1.492   1.00 6.08  ? 189 LEU D N    1 
ATOM   1430 C CA   . LEU B 1 89 ? -8.568  -10.145 1.693   1.00 6.21  ? 189 LEU D CA   1 
ATOM   1431 C C    . LEU B 1 89 ? -7.619  -10.247 2.883   1.00 5.99  ? 189 LEU D C    1 
ATOM   1432 O O    . LEU B 1 89 ? -7.511  -11.305 3.497   1.00 6.76  ? 189 LEU D O    1 
ATOM   1433 C CB   . LEU B 1 89 ? -7.922  -10.690 0.417   1.00 6.73  ? 189 LEU D CB   1 
ATOM   1434 C CG   . LEU B 1 89 ? -8.883  -10.820 -0.769  1.00 7.49  ? 189 LEU D CG   1 
ATOM   1435 C CD1  . LEU B 1 89 ? -8.178  -11.514 -1.924  1.00 6.12  ? 189 LEU D CD1  1 
ATOM   1436 C CD2  . LEU B 1 89 ? -10.141 -11.591 -0.370  1.00 6.75  ? 189 LEU D CD2  1 
ATOM   1437 N N    . LEU B 1 90 ? -6.936  -9.156  3.217   1.00 5.46  ? 190 LEU D N    1 
ATOM   1438 C CA   . LEU B 1 90 ? -6.030  -9.167  4.366   1.00 4.72  ? 190 LEU D CA   1 
ATOM   1439 C C    . LEU B 1 90 ? -6.824  -9.447  5.646   1.00 5.67  ? 190 LEU D C    1 
ATOM   1440 O O    . LEU B 1 90 ? -6.343  -10.141 6.546   1.00 6.81  ? 190 LEU D O    1 
ATOM   1441 C CB   . LEU B 1 90 ? -5.275  -7.840  4.475   1.00 5.15  ? 190 LEU D CB   1 
ATOM   1442 C CG   . LEU B 1 90 ? -4.240  -7.574  3.377   1.00 4.98  ? 190 LEU D CG   1 
ATOM   1443 C CD1  . LEU B 1 90 ? -3.656  -6.183  3.542   1.00 6.34  ? 190 LEU D CD1  1 
ATOM   1444 C CD2  . LEU B 1 90 ? -3.136  -8.622  3.433   1.00 6.04  ? 190 LEU D CD2  1 
ATOM   1445 N N    . THR B 1 91 ? -8.048  -8.927  5.714   1.00 6.45  ? 191 THR D N    1 
ATOM   1446 C CA   . THR B 1 91 ? -8.904  -9.153  6.877   1.00 7.39  ? 191 THR D CA   1 
ATOM   1447 C C    . THR B 1 91 ? -9.321  -10.625 6.939   1.00 7.95  ? 191 THR D C    1 
ATOM   1448 O O    . THR B 1 91 ? -9.461  -11.186 8.022   1.00 8.18  ? 191 THR D O    1 
ATOM   1449 C CB   . THR B 1 91 ? -10.171 -8.266  6.864   1.00 6.65  ? 191 THR D CB   1 
ATOM   1450 O OG1  . THR B 1 91 ? -10.860 -8.421  5.619   1.00 7.36  ? 191 THR D OG1  1 
ATOM   1451 C CG2  . THR B 1 91 ? -9.808  -6.801  7.080   1.00 7.06  ? 191 THR D CG2  1 
ATOM   1452 N N    . GLN B 1 92 ? -9.492  -11.252 5.776   1.00 7.94  ? 192 GLN D N    1 
ATOM   1453 C CA   . GLN B 1 92 ? -9.871  -12.668 5.730   1.00 8.15  ? 192 GLN D CA   1 
ATOM   1454 C C    . GLN B 1 92 ? -8.776  -13.608 6.240   1.00 9.31  ? 192 GLN D C    1 
ATOM   1455 O O    . GLN B 1 92 ? -9.079  -14.687 6.746   1.00 10.16 ? 192 GLN D O    1 
ATOM   1456 C CB   . GLN B 1 92 ? -10.283 -13.085 4.316   1.00 7.81  ? 192 GLN D CB   1 
ATOM   1457 C CG   . GLN B 1 92 ? -11.617 -12.519 3.865   1.00 6.27  ? 192 GLN D CG   1 
ATOM   1458 C CD   . GLN B 1 92 ? -12.247 -13.337 2.761   1.00 6.99  ? 192 GLN D CD   1 
ATOM   1459 O OE1  . GLN B 1 92 ? -11.888 -14.493 2.547   1.00 6.43  ? 192 GLN D OE1  1 
ATOM   1460 N NE2  . GLN B 1 92 ? -13.196 -12.740 2.054   1.00 6.49  ? 192 GLN D NE2  1 
ATOM   1461 N N    . ILE B 1 93 ? -7.510  -13.227 6.078   1.00 8.96  ? 193 ILE D N    1 
ATOM   1462 C CA   . ILE B 1 93 ? -6.411  -14.072 6.554   1.00 9.94  ? 193 ILE D CA   1 
ATOM   1463 C C    . ILE B 1 93 ? -5.976  -13.658 7.957   1.00 10.05 ? 193 ILE D C    1 
ATOM   1464 O O    . ILE B 1 93 ? -5.006  -14.187 8.495   1.00 11.45 ? 193 ILE D O    1 
ATOM   1465 C CB   . ILE B 1 93 ? -5.183  -14.081 5.594   1.00 9.34  ? 193 ILE D CB   1 
ATOM   1466 C CG1  . ILE B 1 93 ? -4.484  -12.719 5.578   1.00 9.27  ? 193 ILE D CG1  1 
ATOM   1467 C CG2  . ILE B 1 93 ? -5.614  -14.492 4.194   1.00 8.60  ? 193 ILE D CG2  1 
ATOM   1468 C CD1  . ILE B 1 93 ? -3.265  -12.675 4.686   1.00 9.87  ? 193 ILE D CD1  1 
ATOM   1469 N N    . GLY B 1 94 ? -6.708  -12.709 8.535   1.00 10.52 ? 194 GLY D N    1 
ATOM   1470 C CA   . GLY B 1 94 ? -6.427  -12.229 9.877   1.00 10.31 ? 194 GLY D CA   1 
ATOM   1471 C C    . GLY B 1 94 ? -5.158  -11.410 10.025  1.00 10.92 ? 194 GLY D C    1 
ATOM   1472 O O    . GLY B 1 94 ? -4.503  -11.479 11.066  1.00 11.13 ? 194 GLY D O    1 
ATOM   1473 N N    . ALA B 1 95 ? -4.814  -10.631 9.001   1.00 9.50  ? 195 ALA D N    1 
ATOM   1474 C CA   . ALA B 1 95 ? -3.613  -9.803  9.039   1.00 9.42  ? 195 ALA D CA   1 
ATOM   1475 C C    . ALA B 1 95 ? -3.814  -8.483  9.772   1.00 8.80  ? 195 ALA D C    1 
ATOM   1476 O O    . ALA B 1 95 ? -4.848  -7.836  9.640   1.00 9.63  ? 195 ALA D O    1 
ATOM   1477 C CB   . ALA B 1 95 ? -3.099  -9.537  7.625   1.00 8.36  ? 195 ALA D CB   1 
ATOM   1478 N N    . THR B 1 96 ? -2.810  -8.103  10.555  1.00 9.39  ? 196 THR D N    1 
ATOM   1479 C CA   . THR B 1 96 ? -2.836  -6.848  11.291  1.00 8.68  ? 196 THR D CA   1 
ATOM   1480 C C    . THR B 1 96 ? -1.473  -6.182  11.175  1.00 9.21  ? 196 THR D C    1 
ATOM   1481 O O    . THR B 1 96 ? -0.475  -6.830  10.839  1.00 8.62  ? 196 THR D O    1 
ATOM   1482 C CB   . THR B 1 96 ? -3.124  -7.049  12.800  1.00 8.07  ? 196 THR D CB   1 
ATOM   1483 O OG1  . THR B 1 96 ? -2.174  -7.966  13.353  1.00 8.99  ? 196 THR D OG1  1 
ATOM   1484 C CG2  . THR B 1 96 ? -4.532  -7.557  13.035  1.00 8.80  ? 196 THR D CG2  1 
ATOM   1485 N N    . LEU B 1 97 ? -1.453  -4.874  11.396  1.00 8.95  ? 197 LEU D N    1 
ATOM   1486 C CA   . LEU B 1 97 ? -0.216  -4.102  11.385  1.00 10.24 ? 197 LEU D CA   1 
ATOM   1487 C C    . LEU B 1 97 ? 0.152   -3.954  12.855  1.00 10.73 ? 197 LEU D C    1 
ATOM   1488 O O    . LEU B 1 97 ? -0.708  -3.658  13.684  1.00 11.50 ? 197 LEU D O    1 
ATOM   1489 C CB   . LEU B 1 97 ? -0.441  -2.719  10.776  1.00 11.45 ? 197 LEU D CB   1 
ATOM   1490 C CG   . LEU B 1 97 ? 0.015   -2.493  9.339   1.00 14.26 ? 197 LEU D CG   1 
ATOM   1491 C CD1  . LEU B 1 97 ? -0.365  -1.082  8.919   1.00 14.41 ? 197 LEU D CD1  1 
ATOM   1492 C CD2  . LEU B 1 97 ? 1.526   -2.707  9.224   1.00 12.31 ? 197 LEU D CD2  1 
ATOM   1493 N N    . ASN B 1 98 ? 1.419   -4.170  13.186  1.00 10.01 ? 198 ASN D N    1 
ATOM   1494 C CA   . ASN B 1 98 ? 1.840   -4.080  14.576  1.00 10.09 ? 198 ASN D CA   1 
ATOM   1495 C C    . ASN B 1 98 ? 3.161   -3.354  14.774  1.00 10.39 ? 198 ASN D C    1 
ATOM   1496 O O    . ASN B 1 98 ? 4.115   -3.571  14.033  1.00 10.05 ? 198 ASN D O    1 
ATOM   1497 C CB   . ASN B 1 98 ? 1.978   -5.485  15.161  1.00 9.19  ? 198 ASN D CB   1 
ATOM   1498 C CG   . ASN B 1 98 ? 0.681   -6.247  15.162  1.00 9.57  ? 198 ASN D CG   1 
ATOM   1499 O OD1  . ASN B 1 98 ? -0.008  -6.305  16.172  1.00 14.19 ? 198 ASN D OD1  1 
ATOM   1500 N ND2  . ASN B 1 98 ? 0.346   -6.845  14.034  1.00 9.86  ? 198 ASN D ND2  1 
ATOM   1501 N N    . PHE B 1 99 ? 3.204   -2.497  15.787  1.00 11.29 ? 199 PHE D N    1 
ATOM   1502 C CA   . PHE B 1 99 ? 4.422   -1.773  16.137  1.00 13.43 ? 199 PHE D CA   1 
ATOM   1503 C C    . PHE B 1 99 ? 4.357   -1.258  17.574  1.00 15.02 ? 199 PHE D C    1 
ATOM   1504 O O    . PHE B 1 99 ? 5.298   -0.564  18.007  1.00 17.58 ? 199 PHE D O    1 
ATOM   1505 C CB   . PHE B 1 99 ? 4.754   -0.648  15.133  1.00 14.03 ? 199 PHE D CB   1 
ATOM   1506 C CG   . PHE B 1 99 ? 3.722   0.439   15.047  1.00 14.45 ? 199 PHE D CG   1 
ATOM   1507 C CD1  . PHE B 1 99 ? 2.630   0.311   14.194  1.00 15.60 ? 199 PHE D CD1  1 
ATOM   1508 C CD2  . PHE B 1 99 ? 3.858   1.607   15.794  1.00 15.01 ? 199 PHE D CD2  1 
ATOM   1509 C CE1  . PHE B 1 99 ? 1.684   1.330   14.086  1.00 16.43 ? 199 PHE D CE1  1 
ATOM   1510 C CE2  . PHE B 1 99 ? 2.918   2.632   15.694  1.00 15.87 ? 199 PHE D CE2  1 
ATOM   1511 C CZ   . PHE B 1 99 ? 1.828   2.492   14.837  1.00 16.91 ? 199 PHE D CZ   1 
ATOM   1512 O OXT  . PHE B 1 99 ? 3.392   -1.618  18.277  1.00 16.12 ? 199 PHE D OXT  1 
HETATM 1513 C C    . 2NC C 2 .  ? 5.458   0.395   -8.204  1.00 19.48 ? 300 2NC D C    1 
HETATM 1514 O O    . 2NC C 2 .  ? 5.528   -0.735  -7.722  1.00 21.23 ? 300 2NC D O    1 
HETATM 1515 C CH3  . 2NC C 2 .  ? 4.798   0.704   -9.538  1.00 20.59 ? 300 2NC D CH3  1 
HETATM 1516 N N    . 2NC C 2 .  ? 5.963   1.474   -7.615  1.00 17.17 ? 300 2NC D N    1 
HETATM 1517 C CA   . 2NC C 2 .  ? 6.641   1.408   -6.329  1.00 14.46 ? 300 2NC D CA   1 
HETATM 1518 C C1   . 2NC C 2 .  ? 5.775   1.916   -5.174  1.00 11.74 ? 300 2NC D C1   1 
HETATM 1519 O O1   . 2NC C 2 .  ? 6.031   1.607   -4.011  1.00 9.75  ? 300 2NC D O1   1 
HETATM 1520 C CB   . 2NC C 2 .  ? 7.976   2.176   -6.376  1.00 14.84 ? 300 2NC D CB   1 
HETATM 1521 O OG1  . 2NC C 2 .  ? 7.748   3.550   -6.727  1.00 15.78 ? 300 2NC D OG1  1 
HETATM 1522 C CG2  . 2NC C 2 .  ? 8.907   1.534   -7.414  1.00 17.02 ? 300 2NC D CG2  1 
HETATM 1523 N N1   . 2NC C 2 .  ? 4.748   2.692   -5.497  1.00 10.24 ? 300 2NC D N1   1 
HETATM 1524 C CA1  . 2NC C 2 .  ? 3.853   3.225   -4.479  1.00 9.70  ? 300 2NC D CA1  1 
HETATM 1525 C C2   . 2NC C 2 .  ? 2.472   2.650   -4.777  1.00 10.47 ? 300 2NC D C2   1 
HETATM 1526 O O2   . 2NC C 2 .  ? 1.757   3.147   -5.648  1.00 11.86 ? 300 2NC D O2   1 
HETATM 1527 C CB1  . 2NC C 2 .  ? 3.821   4.774   -4.512  1.00 8.88  ? 300 2NC D CB1  1 
HETATM 1528 C CG1  . 2NC C 2 .  ? 5.248   5.335   -4.474  1.00 9.08  ? 300 2NC D CG1  1 
HETATM 1529 C CG21 . 2NC C 2 .  ? 3.005   5.309   -3.340  1.00 9.67  ? 300 2NC D CG21 1 
HETATM 1530 C CD1  . 2NC C 2 .  ? 6.038   4.982   -3.219  1.00 8.12  ? 300 2NC D CD1  1 
HETATM 1531 N N2   . 2NC C 2 .  ? 2.100   1.594   -4.061  1.00 8.87  ? 300 2NC D N2   1 
HETATM 1532 C CA2  . 2NC C 2 .  ? 0.821   0.947   -4.310  1.00 8.01  ? 300 2NC D CA2  1 
HETATM 1533 C C3   . 2NC C 2 .  ? -0.349  1.230   -3.390  1.00 9.38  ? 300 2NC D C3   1 
HETATM 1534 C CB2  . 2NC C 2 .  ? 1.001   -0.557  -4.502  1.00 7.92  ? 300 2NC D CB2  1 
HETATM 1535 C CG   . 2NC C 2 .  ? 1.987   -0.914  -5.609  1.00 8.66  ? 300 2NC D CG   1 
HETATM 1536 C CD   . 2NC C 2 .  ? 1.654   -0.224  -6.945  1.00 9.58  ? 300 2NC D CD   1 
HETATM 1537 C CE   . 2NC C 2 .  ? 0.235   -0.559  -7.424  1.00 10.08 ? 300 2NC D CE   1 
HETATM 1538 N N3   . 2NC C 2 .  ? -0.640  2.518   -3.243  1.00 11.73 ? 300 2NC D N3   1 
HETATM 1539 C CA3  . 2NC C 2 .  ? -1.796  2.965   -2.481  1.00 11.25 ? 300 2NC D CA3  1 
HETATM 1540 C C4   . 2NC C 2 .  ? -2.941  2.738   -3.476  1.00 11.44 ? 300 2NC D C4   1 
HETATM 1541 O O3   . 2NC C 2 .  ? -2.775  2.947   -4.681  1.00 12.97 ? 300 2NC D O3   1 
HETATM 1542 C CB3  . 2NC C 2 .  ? -1.664  4.460   -2.152  1.00 12.17 ? 300 2NC D CB3  1 
HETATM 1543 C CG3  . 2NC C 2 .  ? -2.940  5.141   -1.656  1.00 14.11 ? 300 2NC D CG3  1 
HETATM 1544 C CD2  . 2NC C 2 .  ? -3.603  5.982   -2.748  1.00 16.18 ? 300 2NC D CD2  1 
HETATM 1545 C CE1  . 2NC C 2 .  ? -2.733  7.167   -3.138  1.00 15.60 ? 300 2NC D CE1  1 
HETATM 1546 N N4   . 2NC C 2 .  ? -4.076  2.256   -2.996  1.00 10.23 ? 300 2NC D N4   1 
HETATM 1547 C CA4  . 2NC C 2 .  ? -5.202  2.020   -3.885  1.00 8.74  ? 300 2NC D CA4  1 
HETATM 1548 C C5   . 2NC C 2 .  ? -6.513  2.261   -3.149  1.00 8.89  ? 300 2NC D C5   1 
HETATM 1549 O O4   . 2NC C 2 .  ? -6.691  1.833   -2.009  1.00 8.39  ? 300 2NC D O4   1 
HETATM 1550 C CB4  . 2NC C 2 .  ? -5.118  0.605   -4.484  1.00 8.35  ? 300 2NC D CB4  1 
HETATM 1551 C CG4  . 2NC C 2 .  ? -6.272  0.215   -5.407  1.00 8.09  ? 300 2NC D CG4  1 
HETATM 1552 C CD3  . 2NC C 2 .  ? -7.463  -0.338  -4.644  1.00 9.35  ? 300 2NC D CD3  1 
HETATM 1553 O OE1  . 2NC C 2 .  ? -7.297  -0.984  -3.612  1.00 9.45  ? 300 2NC D OE1  1 
HETATM 1554 N NE2  . 2NC C 2 .  ? -8.668  -0.075  -5.139  1.00 8.48  ? 300 2NC D NE2  1 
HETATM 1555 N N5   . 2NC C 2 .  ? -7.407  2.993   -3.803  1.00 11.11 ? 300 2NC D N5   1 
HETATM 1556 C CA5  . 2NC C 2 .  ? -8.714  3.330   -3.247  1.00 13.05 ? 300 2NC D CA5  1 
HETATM 1557 C C6   . 2NC C 2 .  ? -9.808  2.823   -4.184  1.00 12.62 ? 300 2NC D C6   1 
HETATM 1558 O O5   . 2NC C 2 .  ? -9.648  2.983   -5.409  1.00 11.59 ? 300 2NC D O5   1 
HETATM 1559 C CB5  . 2NC C 2 .  ? -8.846  4.847   -3.101  1.00 15.91 ? 300 2NC D CB5  1 
HETATM 1560 C CG5  . 2NC C 2 .  ? -7.700  5.528   -2.371  1.00 23.47 ? 300 2NC D CG5  1 
HETATM 1561 C CD4  . 2NC C 2 .  ? -7.774  7.042   -2.545  1.00 28.95 ? 300 2NC D CD4  1 
HETATM 1562 N NE   . 2NC C 2 .  ? -7.716  7.446   -3.952  1.00 34.81 ? 300 2NC D NE   1 
HETATM 1563 C CZ   . 2NC C 2 .  ? -8.171  8.606   -4.427  1.00 37.06 ? 300 2NC D CZ   1 
HETATM 1564 N NH1  . 2NC C 2 .  ? -8.727  9.497   -3.611  1.00 38.86 ? 300 2NC D NH1  1 
HETATM 1565 N NH2  . 2NC C 2 .  ? -8.071  8.878   -5.721  1.00 37.52 ? 300 2NC D NH2  1 
HETATM 1566 N N6   . 2NC C 2 .  ? -10.818 2.283   -3.686  1.00 14.76 ? 300 2NC D N6   1 
HETATM 1567 O O    . HOH D 3 .  ? 6.002   -1.423  -3.291  1.00 6.14  ? 100 HOH C O    1 
HETATM 1568 O O    . HOH D 3 .  ? 11.264  -3.111  11.489  1.00 7.45  ? 101 HOH C O    1 
HETATM 1569 O O    . HOH D 3 .  ? 13.778  0.674   5.246   1.00 8.17  ? 102 HOH C O    1 
HETATM 1570 O O    . HOH D 3 .  ? 6.264   -2.470  -0.786  1.00 6.88  ? 103 HOH C O    1 
HETATM 1571 O O    . HOH D 3 .  ? -0.303  18.552  -2.798  1.00 7.18  ? 104 HOH C O    1 
HETATM 1572 O O    . HOH D 3 .  ? -0.893  20.436  7.540   1.00 17.29 ? 105 HOH C O    1 
HETATM 1573 O O    . HOH D 3 .  ? 9.586   -3.979  9.465   1.00 9.30  ? 106 HOH C O    1 
HETATM 1574 O O    . HOH D 3 .  ? 17.269  10.042  4.257   1.00 13.12 ? 107 HOH C O    1 
HETATM 1575 O O    . HOH D 3 .  ? -3.835  15.589  6.544   1.00 22.54 ? 108 HOH C O    1 
HETATM 1576 O O    . HOH D 3 .  ? -1.967  1.762   -13.541 1.00 11.89 ? 109 HOH C O    1 
HETATM 1577 O O    . HOH D 3 .  ? 4.445   23.894  4.500   1.00 14.28 ? 110 HOH C O    1 
HETATM 1578 O O    . HOH D 3 .  ? 10.221  17.347  10.233  1.00 13.68 ? 111 HOH C O    1 
HETATM 1579 O O    . HOH D 3 .  ? -0.536  -18.243 10.654  1.00 35.81 ? 112 HOH C O    1 
HETATM 1580 O O    . HOH D 3 .  ? 4.490   -5.632  17.707  1.00 32.38 ? 113 HOH C O    1 
HETATM 1581 O O    . HOH D 3 .  ? 13.343  17.245  9.959   1.00 18.49 ? 114 HOH C O    1 
HETATM 1582 O O    . HOH D 3 .  ? -2.060  16.383  -2.956  1.00 19.91 ? 115 HOH C O    1 
HETATM 1583 O O    . HOH D 3 .  ? 1.225   21.659  15.327  1.00 52.00 ? 116 HOH C O    1 
HETATM 1584 O O    . HOH D 3 .  ? 2.277   11.911  15.979  1.00 20.35 ? 117 HOH C O    1 
HETATM 1585 O O    . HOH D 3 .  ? 1.620   8.577   -15.985 1.00 21.70 ? 118 HOH C O    1 
HETATM 1586 O O    . HOH D 3 .  ? -6.957  0.396   10.170  1.00 17.36 ? 119 HOH C O    1 
HETATM 1587 O O    . HOH D 3 .  ? 6.119   -5.312  15.160  1.00 15.22 ? 120 HOH C O    1 
HETATM 1588 O O    . HOH D 3 .  ? 8.155   17.690  13.589  1.00 19.06 ? 121 HOH C O    1 
HETATM 1589 O O    . HOH D 3 .  ? -9.441  7.783   4.218   1.00 25.29 ? 122 HOH C O    1 
HETATM 1590 O O    . HOH D 3 .  ? 3.084   14.940  -11.599 1.00 17.00 ? 123 HOH C O    1 
HETATM 1591 O O    . HOH D 3 .  ? 2.991   -13.101 14.181  1.00 31.71 ? 124 HOH C O    1 
HETATM 1592 O O    . HOH D 3 .  ? 10.807  8.004   0.838   1.00 7.73  ? 125 HOH C O    1 
HETATM 1593 O O    . HOH D 3 .  ? 14.829  6.215   12.158  1.00 10.40 ? 126 HOH C O    1 
HETATM 1594 O O    . HOH D 3 .  ? 15.252  6.296   3.447   1.00 13.81 ? 127 HOH C O    1 
HETATM 1595 O O    . HOH D 3 .  ? 14.479  23.283  1.264   1.00 16.70 ? 128 HOH C O    1 
HETATM 1596 O O    . HOH D 3 .  ? 16.762  13.286  -10.280 1.00 14.02 ? 129 HOH C O    1 
HETATM 1597 O O    . HOH D 3 .  ? -4.060  11.980  3.639   1.00 13.18 ? 130 HOH C O    1 
HETATM 1598 O O    . HOH D 3 .  ? -1.638  14.042  -8.912  1.00 22.75 ? 131 HOH C O    1 
HETATM 1599 O O    . HOH D 3 .  ? 12.953  5.981   0.550   1.00 19.47 ? 132 HOH C O    1 
HETATM 1600 O O    . HOH D 3 .  ? -9.885  -1.478  11.544  1.00 13.28 ? 133 HOH C O    1 
HETATM 1601 O O    . HOH D 3 .  ? 12.359  -0.310  3.192   1.00 24.09 ? 134 HOH C O    1 
HETATM 1602 O O    . HOH D 3 .  ? 9.886   8.199   19.398  1.00 21.14 ? 135 HOH C O    1 
HETATM 1603 O O    . HOH D 3 .  ? -3.989  8.247   -14.779 1.00 30.66 ? 136 HOH C O    1 
HETATM 1604 O O    . HOH D 3 .  ? 16.836  17.842  4.408   1.00 26.30 ? 137 HOH C O    1 
HETATM 1605 O O    . HOH D 3 .  ? 16.483  25.085  3.888   1.00 30.92 ? 138 HOH C O    1 
HETATM 1606 O O    . HOH D 3 .  ? -8.986  10.723  3.793   1.00 58.98 ? 139 HOH C O    1 
HETATM 1607 O O    . HOH D 3 .  ? 12.641  23.204  -0.875  1.00 25.94 ? 140 HOH C O    1 
HETATM 1608 O O    . HOH D 3 .  ? -4.315  -15.754 10.543  1.00 17.97 ? 141 HOH C O    1 
HETATM 1609 O O    . HOH D 3 .  ? 2.434   19.459  -6.734  1.00 18.32 ? 142 HOH C O    1 
HETATM 1610 O O    . HOH D 3 .  ? 17.577  16.716  1.659   1.00 16.94 ? 143 HOH C O    1 
HETATM 1611 O O    . HOH D 3 .  ? -6.875  -6.072  17.782  1.00 36.06 ? 144 HOH C O    1 
HETATM 1612 O O    . HOH D 3 .  ? -6.796  -3.205  17.605  1.00 43.55 ? 145 HOH C O    1 
HETATM 1613 O O    . HOH D 3 .  ? 24.242  11.643  7.196   1.00 39.65 ? 146 HOH C O    1 
HETATM 1614 O O    . HOH D 3 .  ? -12.493 6.417   -2.233  1.00 32.74 ? 147 HOH C O    1 
HETATM 1615 O O    . HOH D 3 .  ? -0.236  21.510  12.739  1.00 17.78 ? 148 HOH C O    1 
HETATM 1616 O O    . HOH D 3 .  ? -3.763  16.441  -6.108  1.00 43.06 ? 149 HOH C O    1 
HETATM 1617 O O    . HOH D 3 .  ? 13.693  5.161   14.662  1.00 19.54 ? 150 HOH C O    1 
HETATM 1618 O O    . HOH D 3 .  ? 21.587  13.244  2.728   1.00 38.98 ? 151 HOH C O    1 
HETATM 1619 O O    . HOH D 3 .  ? 18.500  15.380  -10.795 1.00 41.61 ? 152 HOH C O    1 
HETATM 1620 O O    . HOH D 3 .  ? -2.534  8.265   15.619  1.00 24.97 ? 153 HOH C O    1 
HETATM 1621 O O    . HOH D 3 .  ? 3.346   24.743  11.980  1.00 29.26 ? 154 HOH C O    1 
HETATM 1622 O O    . HOH D 3 .  ? -1.896  21.455  9.715   1.00 44.92 ? 155 HOH C O    1 
HETATM 1623 O O    . HOH E 3 .  ? -0.851  3.499   -6.354  1.00 8.13  ? 10  HOH D O    1 
HETATM 1624 O O    . HOH E 3 .  ? 6.056   -2.721  -5.748  1.00 12.68 ? 17  HOH D O    1 
HETATM 1625 O O    . HOH E 3 .  ? -6.074  8.679   -7.355  1.00 19.77 ? 77  HOH D O    1 
HETATM 1626 O O    . HOH E 3 .  ? 10.036  4.362   -5.908  1.00 21.56 ? 80  HOH D O    1 
HETATM 1627 O O    . HOH E 3 .  ? -11.083 -6.457  -4.307  1.00 7.03  ? 200 HOH D O    1 
HETATM 1628 O O    . HOH E 3 .  ? -1.687  -24.716 -1.891  1.00 9.33  ? 201 HOH D O    1 
HETATM 1629 O O    . HOH E 3 .  ? -14.028 -9.211  -0.601  1.00 8.55  ? 202 HOH D O    1 
HETATM 1630 O O    . HOH E 3 .  ? -6.550  2.855   0.853   1.00 7.13  ? 203 HOH D O    1 
HETATM 1631 O O    . HOH E 3 .  ? -6.047  1.054   3.103   1.00 5.68  ? 204 HOH D O    1 
HETATM 1632 O O    . HOH E 3 .  ? -13.741 -9.638  2.074   1.00 12.90 ? 205 HOH D O    1 
HETATM 1633 O O    . HOH E 3 .  ? -2.972  -26.045 -10.870 1.00 11.15 ? 206 HOH D O    1 
HETATM 1634 O O    . HOH E 3 .  ? -9.634  -19.284 -8.206  1.00 10.95 ? 207 HOH D O    1 
HETATM 1635 O O    . HOH E 3 .  ? -7.472  -7.067  10.467  1.00 11.80 ? 208 HOH D O    1 
HETATM 1636 O O    . HOH E 3 .  ? -16.844 -14.897 -0.451  1.00 8.23  ? 209 HOH D O    1 
HETATM 1637 O O    . HOH E 3 .  ? -0.800  -18.902 -1.212  1.00 21.91 ? 210 HOH D O    1 
HETATM 1638 O O    . HOH E 3 .  ? -16.746 -11.352 -3.021  1.00 11.99 ? 211 HOH D O    1 
HETATM 1639 O O    . HOH E 3 .  ? -13.307 -18.987 -7.809  1.00 16.98 ? 212 HOH D O    1 
HETATM 1640 O O    . HOH E 3 .  ? -7.026  -21.816 -6.833  1.00 15.62 ? 213 HOH D O    1 
HETATM 1641 O O    . HOH E 3 .  ? -18.135 -11.819 0.202   1.00 20.99 ? 214 HOH D O    1 
HETATM 1642 O O    . HOH E 3 .  ? -15.542 1.663   -14.705 1.00 26.85 ? 215 HOH D O    1 
HETATM 1643 O O    . HOH E 3 .  ? -12.746 0.660   4.173   1.00 39.19 ? 216 HOH D O    1 
HETATM 1644 O O    . HOH E 3 .  ? -21.487 -11.882 -3.728  1.00 43.84 ? 217 HOH D O    1 
HETATM 1645 O O    . HOH E 3 .  ? -6.540  5.920   0.912   1.00 19.95 ? 218 HOH D O    1 
HETATM 1646 O O    . HOH E 3 .  ? -6.434  -21.218 5.217   1.00 25.04 ? 219 HOH D O    1 
HETATM 1647 O O    . HOH E 3 .  ? 11.873  -7.708  5.166   1.00 13.28 ? 220 HOH D O    1 
HETATM 1648 O O    . HOH E 3 .  ? -17.715 2.121   -12.809 1.00 37.88 ? 221 HOH D O    1 
HETATM 1649 O O    . HOH E 3 .  ? -19.474 -10.726 -2.358  1.00 34.71 ? 222 HOH D O    1 
HETATM 1650 O O    . HOH E 3 .  ? -0.045  -20.661 -2.872  1.00 32.83 ? 223 HOH D O    1 
HETATM 1651 O O    . HOH E 3 .  ? -15.585 -14.533 -17.313 1.00 24.26 ? 224 HOH D O    1 
HETATM 1652 O O    . HOH E 3 .  ? -12.454 -2.608  3.941   1.00 34.40 ? 225 HOH D O    1 
HETATM 1653 O O    . HOH E 3 .  ? -17.331 -16.560 -8.955  1.00 37.18 ? 226 HOH D O    1 
HETATM 1654 O O    . HOH E 3 .  ? 0.795   -5.570  18.833  1.00 23.17 ? 227 HOH D O    1 
HETATM 1655 O O    . HOH E 3 .  ? -0.090  -5.193  -15.405 1.00 13.19 ? 228 HOH D O    1 
HETATM 1656 O O    . HOH E 3 .  ? -8.233  -0.387  -17.826 1.00 32.01 ? 229 HOH D O    1 
HETATM 1657 O O    . HOH E 3 .  ? -4.749  -25.694 -2.227  1.00 23.53 ? 230 HOH D O    1 
HETATM 1658 O O    . HOH E 3 .  ? -2.442  -6.451  -16.768 1.00 21.83 ? 231 HOH D O    1 
HETATM 1659 O O    . HOH E 3 .  ? -6.039  -20.449 -16.668 1.00 51.26 ? 232 HOH D O    1 
HETATM 1660 O O    . HOH E 3 .  ? 13.906  -9.463  8.881   1.00 52.41 ? 233 HOH D O    1 
HETATM 1661 O O    . HOH E 3 .  ? -21.597 -14.850 -12.345 1.00 21.19 ? 234 HOH D O    1 
HETATM 1662 O O    . HOH E 3 .  ? -13.271 -5.394  -2.613  1.00 19.86 ? 235 HOH D O    1 
HETATM 1663 O O    . HOH E 3 .  ? -6.797  9.543   -14.026 1.00 31.88 ? 236 HOH D O    1 
HETATM 1664 O O    . HOH E 3 .  ? -11.441 -18.961 -10.165 1.00 26.14 ? 237 HOH D O    1 
HETATM 1665 O O    . HOH E 3 .  ? 4.335   -16.964 0.432   1.00 20.73 ? 238 HOH D O    1 
HETATM 1666 O O    . HOH E 3 .  ? 3.566   -15.617 13.218  1.00 32.09 ? 239 HOH D O    1 
HETATM 1667 O O    . HOH E 3 .  ? 3.627   -17.116 -12.033 1.00 59.40 ? 240 HOH D O    1 
HETATM 1668 O O    . HOH E 3 .  ? -8.360  2.613   -17.213 1.00 22.07 ? 241 HOH D O    1 
HETATM 1669 O O    . HOH E 3 .  ? -19.915 -3.941  -4.774  1.00 42.49 ? 242 HOH D O    1 
HETATM 1670 O O    . HOH E 3 .  ? -2.898  -10.599 13.623  1.00 21.04 ? 243 HOH D O    1 
HETATM 1671 O O    . HOH E 3 .  ? -9.793  -3.689  -17.541 1.00 28.76 ? 244 HOH D O    1 
HETATM 1672 O O    . HOH E 3 .  ? 7.529   -15.556 10.841  1.00 30.78 ? 245 HOH D O    1 
HETATM 1673 O O    . HOH E 3 .  ? -16.512 2.437   -9.085  1.00 19.99 ? 246 HOH D O    1 
HETATM 1674 O O    . HOH E 3 .  ? -4.462  5.941   -16.378 1.00 42.58 ? 247 HOH D O    1 
HETATM 1675 O O    . HOH E 3 .  ? -14.653 -1.404  -15.937 1.00 34.90 ? 248 HOH D O    1 
HETATM 1676 O O    . HOH E 3 .  ? 8.656   -7.973  3.483   1.00 13.30 ? 249 HOH D O    1 
HETATM 1677 O O    . HOH E 3 .  ? 1.382   -22.063 -11.811 1.00 26.36 ? 250 HOH D O    1 
HETATM 1678 O O    . HOH E 3 .  ? 12.547  -5.776  -2.514  1.00 23.64 ? 251 HOH D O    1 
HETATM 1679 O O    . HOH E 3 .  ? -6.573  -17.586 7.680   1.00 18.70 ? 252 HOH D O    1 
HETATM 1680 O O    . HOH E 3 .  ? 9.114   -10.446 2.701   1.00 42.24 ? 253 HOH D O    1 
HETATM 1681 O O    . HOH E 3 .  ? -16.398 -17.664 -19.858 1.00 40.25 ? 254 HOH D O    1 
HETATM 1682 O O    . HOH E 3 .  ? -8.675  8.782   -0.389  1.00 38.12 ? 255 HOH D O    1 
HETATM 1683 O O    . HOH E 3 .  ? 7.200   -2.389  -9.713  1.00 37.31 ? 256 HOH D O    1 
# 
